data_2EO9
#
_entry.id   2EO9
#
_entity_poly.entity_id   1
_entity_poly.type   'polypeptide(L)'
_entity_poly.pdbx_seq_one_letter_code
;GSSGSSGPPVIRQGPVNQTVAVDGTFVLSCVATGSPVPTILWRKDGVLVSTQDSRIKQLENGVLQIRYAKLGDTGRYTCI
ASTPSGEATWSAYIEVQEFGVPVQPPRPTDPNLIPSAP
;
_entity_poly.pdbx_strand_id   A
#
# COMPACT_ATOMS: atom_id res chain seq x y z
N GLY A 1 -15.37 17.83 -31.31
CA GLY A 1 -14.82 17.58 -29.99
C GLY A 1 -13.62 16.66 -30.04
N SER A 2 -13.81 15.42 -29.59
CA SER A 2 -12.72 14.45 -29.58
C SER A 2 -13.01 13.29 -30.54
N SER A 3 -12.35 13.30 -31.69
CA SER A 3 -12.53 12.27 -32.69
C SER A 3 -11.77 11.00 -32.32
N GLY A 4 -12.49 9.99 -31.86
CA GLY A 4 -11.87 8.74 -31.48
C GLY A 4 -11.17 8.83 -30.14
N SER A 5 -11.26 7.76 -29.35
CA SER A 5 -10.63 7.73 -28.03
C SER A 5 -10.16 6.32 -27.70
N SER A 6 -9.20 6.22 -26.78
CA SER A 6 -8.65 4.94 -26.38
C SER A 6 -9.77 3.95 -26.06
N GLY A 7 -10.68 4.35 -25.18
CA GLY A 7 -11.79 3.50 -24.81
C GLY A 7 -11.88 3.26 -23.32
N PRO A 8 -12.54 2.17 -22.92
CA PRO A 8 -12.70 1.81 -21.50
C PRO A 8 -11.39 1.37 -20.86
N PRO A 9 -11.24 1.62 -19.56
CA PRO A 9 -10.04 1.26 -18.80
C PRO A 9 -9.91 -0.25 -18.61
N VAL A 10 -8.72 -0.77 -18.87
CA VAL A 10 -8.47 -2.21 -18.73
C VAL A 10 -7.15 -2.46 -18.01
N ILE A 11 -7.23 -3.04 -16.82
CA ILE A 11 -6.05 -3.34 -16.03
C ILE A 11 -5.32 -4.55 -16.58
N ARG A 12 -4.25 -4.31 -17.34
CA ARG A 12 -3.47 -5.39 -17.94
C ARG A 12 -2.66 -6.12 -16.86
N GLN A 13 -2.10 -5.35 -15.93
CA GLN A 13 -1.30 -5.92 -14.85
C GLN A 13 -1.37 -5.04 -13.60
N GLY A 14 -1.35 -5.68 -12.44
CA GLY A 14 -1.39 -4.94 -11.19
C GLY A 14 -0.71 -5.68 -10.05
N PRO A 15 -1.09 -5.33 -8.81
CA PRO A 15 -0.51 -5.96 -7.61
C PRO A 15 -0.96 -7.40 -7.44
N VAL A 16 -0.05 -8.24 -6.95
CA VAL A 16 -0.35 -9.65 -6.74
C VAL A 16 -0.08 -10.06 -5.31
N ASN A 17 -0.90 -10.97 -4.78
CA ASN A 17 -0.75 -11.44 -3.42
C ASN A 17 0.69 -11.84 -3.13
N GLN A 18 1.30 -11.19 -2.16
CA GLN A 18 2.69 -11.47 -1.80
C GLN A 18 2.87 -11.45 -0.28
N THR A 19 3.76 -12.29 0.22
CA THR A 19 4.03 -12.36 1.66
C THR A 19 5.20 -11.47 2.04
N VAL A 20 5.06 -10.73 3.13
CA VAL A 20 6.12 -9.85 3.61
C VAL A 20 6.33 -10.00 5.11
N ALA A 21 7.54 -9.74 5.56
CA ALA A 21 7.87 -9.83 6.98
C ALA A 21 7.62 -8.50 7.69
N VAL A 22 7.42 -8.58 9.00
CA VAL A 22 7.17 -7.39 9.80
C VAL A 22 8.22 -6.32 9.54
N ASP A 23 7.83 -5.06 9.71
CA ASP A 23 8.75 -3.94 9.49
C ASP A 23 9.50 -4.11 8.18
N GLY A 24 8.90 -4.83 7.24
CA GLY A 24 9.52 -5.04 5.95
C GLY A 24 9.20 -3.95 4.95
N THR A 25 8.87 -4.35 3.73
CA THR A 25 8.53 -3.40 2.68
C THR A 25 7.83 -4.09 1.51
N PHE A 26 6.56 -3.75 1.31
CA PHE A 26 5.78 -4.35 0.23
C PHE A 26 5.40 -3.29 -0.80
N VAL A 27 5.71 -3.57 -2.06
CA VAL A 27 5.39 -2.64 -3.14
C VAL A 27 4.18 -3.11 -3.94
N LEU A 28 3.47 -2.17 -4.55
CA LEU A 28 2.30 -2.49 -5.35
C LEU A 28 2.18 -1.57 -6.55
N SER A 29 2.08 -2.17 -7.74
CA SER A 29 1.97 -1.40 -8.98
C SER A 29 0.67 -1.74 -9.71
N CYS A 30 -0.01 -0.71 -10.21
CA CYS A 30 -1.26 -0.89 -10.94
C CYS A 30 -1.16 -0.31 -12.34
N VAL A 31 -1.38 -1.16 -13.34
CA VAL A 31 -1.32 -0.74 -14.74
C VAL A 31 -2.70 -0.74 -15.38
N ALA A 32 -3.04 0.35 -16.06
CA ALA A 32 -4.33 0.46 -16.72
C ALA A 32 -4.26 1.45 -17.88
N THR A 33 -5.05 1.19 -18.92
CA THR A 33 -5.09 2.05 -20.09
C THR A 33 -6.21 3.07 -20.00
N GLY A 34 -6.24 4.01 -20.93
CA GLY A 34 -7.26 5.03 -20.95
C GLY A 34 -6.69 6.44 -21.06
N SER A 35 -7.26 7.23 -21.96
CA SER A 35 -6.80 8.60 -22.17
C SER A 35 -7.84 9.60 -21.71
N PRO A 36 -7.44 10.51 -20.80
CA PRO A 36 -6.07 10.55 -20.28
C PRO A 36 -5.76 9.36 -19.37
N VAL A 37 -4.49 9.17 -19.05
CA VAL A 37 -4.07 8.08 -18.19
C VAL A 37 -5.00 7.92 -16.99
N PRO A 38 -5.31 6.68 -16.64
CA PRO A 38 -6.20 6.36 -15.52
C PRO A 38 -5.56 6.67 -14.17
N THR A 39 -6.38 7.12 -13.22
CA THR A 39 -5.89 7.45 -11.88
C THR A 39 -5.87 6.23 -10.98
N ILE A 40 -4.68 5.83 -10.55
CA ILE A 40 -4.52 4.68 -9.67
C ILE A 40 -4.64 5.07 -8.21
N LEU A 41 -5.68 4.60 -7.55
CA LEU A 41 -5.91 4.90 -6.14
C LEU A 41 -5.64 3.68 -5.27
N TRP A 42 -5.74 3.86 -3.95
CA TRP A 42 -5.50 2.77 -3.01
C TRP A 42 -6.52 2.81 -1.88
N ARG A 43 -6.93 1.62 -1.42
CA ARG A 43 -7.90 1.53 -0.33
C ARG A 43 -7.56 0.36 0.59
N LYS A 44 -7.66 0.59 1.89
CA LYS A 44 -7.37 -0.44 2.88
C LYS A 44 -8.61 -0.81 3.67
N ASP A 45 -9.01 -2.08 3.59
CA ASP A 45 -10.19 -2.56 4.29
C ASP A 45 -11.42 -1.75 3.91
N GLY A 46 -11.48 -1.34 2.65
CA GLY A 46 -12.61 -0.55 2.19
C GLY A 46 -12.55 0.88 2.65
N VAL A 47 -11.34 1.38 2.86
CA VAL A 47 -11.15 2.76 3.30
C VAL A 47 -10.06 3.46 2.49
N LEU A 48 -10.20 4.77 2.33
CA LEU A 48 -9.23 5.56 1.56
C LEU A 48 -7.87 5.54 2.24
N VAL A 49 -6.86 5.06 1.53
CA VAL A 49 -5.50 5.00 2.06
C VAL A 49 -5.09 6.33 2.68
N SER A 50 -4.21 6.27 3.67
CA SER A 50 -3.74 7.47 4.35
C SER A 50 -2.36 7.87 3.85
N THR A 51 -2.32 8.56 2.71
CA THR A 51 -1.05 9.00 2.13
C THR A 51 -0.48 10.18 2.88
N GLN A 52 -0.32 10.02 4.20
CA GLN A 52 0.22 11.08 5.04
C GLN A 52 1.42 10.58 5.84
N ASP A 53 1.43 9.28 6.11
CA ASP A 53 2.52 8.68 6.87
C ASP A 53 3.72 8.38 5.98
N SER A 54 4.90 8.80 6.42
CA SER A 54 6.13 8.60 5.65
C SER A 54 6.19 7.17 5.10
N ARG A 55 5.62 6.23 5.85
CA ARG A 55 5.61 4.83 5.44
C ARG A 55 5.09 4.69 4.01
N ILE A 56 3.96 5.32 3.74
CA ILE A 56 3.36 5.26 2.41
C ILE A 56 3.75 6.47 1.57
N LYS A 57 4.41 6.22 0.44
CA LYS A 57 4.85 7.28 -0.45
C LYS A 57 4.66 6.88 -1.91
N GLN A 58 4.48 7.87 -2.77
CA GLN A 58 4.28 7.62 -4.19
C GLN A 58 5.51 8.05 -4.99
N LEU A 59 6.29 7.08 -5.45
CA LEU A 59 7.50 7.35 -6.23
C LEU A 59 7.14 7.74 -7.66
N GLU A 60 6.35 6.90 -8.32
CA GLU A 60 5.94 7.16 -9.69
C GLU A 60 4.42 7.21 -9.81
N ASN A 61 3.92 7.37 -11.03
CA ASN A 61 2.48 7.43 -11.26
C ASN A 61 1.84 6.07 -11.07
N GLY A 62 1.02 5.95 -10.03
CA GLY A 62 0.35 4.69 -9.76
C GLY A 62 1.21 3.74 -8.94
N VAL A 63 2.46 4.12 -8.73
CA VAL A 63 3.40 3.29 -7.97
C VAL A 63 3.45 3.72 -6.51
N LEU A 64 3.00 2.84 -5.62
CA LEU A 64 2.99 3.13 -4.20
C LEU A 64 3.93 2.19 -3.44
N GLN A 65 4.50 2.69 -2.36
CA GLN A 65 5.42 1.89 -1.55
C GLN A 65 5.16 2.10 -0.06
N ILE A 66 5.03 0.99 0.67
CA ILE A 66 4.78 1.05 2.10
C ILE A 66 5.90 0.38 2.89
N ARG A 67 6.74 1.19 3.53
CA ARG A 67 7.85 0.67 4.32
C ARG A 67 7.45 0.48 5.77
N TYR A 68 8.10 -0.46 6.45
CA TYR A 68 7.80 -0.73 7.85
C TYR A 68 6.42 -1.35 8.00
N ALA A 69 6.17 -2.42 7.25
CA ALA A 69 4.89 -3.12 7.30
C ALA A 69 4.68 -3.79 8.66
N LYS A 70 3.82 -3.20 9.48
CA LYS A 70 3.52 -3.75 10.80
C LYS A 70 2.48 -4.86 10.71
N LEU A 71 2.38 -5.66 11.77
CA LEU A 71 1.42 -6.76 11.81
C LEU A 71 -0.01 -6.24 11.59
N GLY A 72 -0.27 -5.03 12.09
CA GLY A 72 -1.60 -4.45 11.92
C GLY A 72 -1.87 -4.02 10.50
N ASP A 73 -0.83 -4.02 9.67
CA ASP A 73 -0.97 -3.62 8.27
C ASP A 73 -1.59 -4.74 7.44
N THR A 74 -1.51 -5.97 7.97
CA THR A 74 -2.07 -7.13 7.27
C THR A 74 -3.49 -6.85 6.78
N GLY A 75 -3.60 -6.40 5.54
CA GLY A 75 -4.90 -6.11 4.97
C GLY A 75 -4.98 -6.40 3.49
N ARG A 76 -6.13 -6.17 2.89
CA ARG A 76 -6.33 -6.41 1.47
C ARG A 76 -6.35 -5.11 0.69
N TYR A 77 -5.30 -4.87 -0.10
CA TYR A 77 -5.20 -3.66 -0.89
C TYR A 77 -5.89 -3.84 -2.25
N THR A 78 -6.47 -2.76 -2.75
CA THR A 78 -7.16 -2.79 -4.04
C THR A 78 -6.90 -1.52 -4.83
N CYS A 79 -6.69 -1.68 -6.14
CA CYS A 79 -6.43 -0.54 -7.01
C CYS A 79 -7.71 -0.07 -7.70
N ILE A 80 -7.78 1.22 -7.99
CA ILE A 80 -8.95 1.78 -8.65
C ILE A 80 -8.54 2.70 -9.80
N ALA A 81 -9.08 2.45 -10.99
CA ALA A 81 -8.77 3.26 -12.16
C ALA A 81 -10.01 4.01 -12.64
N SER A 82 -9.97 5.33 -12.51
CA SER A 82 -11.08 6.18 -12.93
C SER A 82 -10.77 6.89 -14.24
N THR A 83 -11.70 6.81 -15.19
CA THR A 83 -11.51 7.44 -16.49
C THR A 83 -12.84 7.96 -17.04
N PRO A 84 -12.76 8.90 -17.98
CA PRO A 84 -13.94 9.50 -18.61
C PRO A 84 -14.67 8.52 -19.52
N SER A 85 -14.14 7.30 -19.61
CA SER A 85 -14.74 6.27 -20.45
C SER A 85 -15.26 5.11 -19.60
N GLY A 86 -14.72 4.98 -18.40
CA GLY A 86 -15.14 3.91 -17.51
C GLY A 86 -14.28 3.82 -16.26
N GLU A 87 -14.42 2.72 -15.53
CA GLU A 87 -13.64 2.51 -14.31
C GLU A 87 -13.46 1.03 -14.03
N ALA A 88 -12.28 0.65 -13.55
CA ALA A 88 -11.98 -0.74 -13.25
C ALA A 88 -11.15 -0.84 -11.96
N THR A 89 -11.16 -2.03 -11.36
CA THR A 89 -10.42 -2.26 -10.13
C THR A 89 -9.69 -3.61 -10.18
N TRP A 90 -8.81 -3.83 -9.21
CA TRP A 90 -8.05 -5.07 -9.14
C TRP A 90 -8.06 -5.64 -7.72
N SER A 91 -7.78 -6.93 -7.60
CA SER A 91 -7.76 -7.59 -6.31
C SER A 91 -6.33 -7.93 -5.89
N ALA A 92 -6.02 -7.73 -4.61
CA ALA A 92 -4.70 -8.02 -4.08
C ALA A 92 -4.71 -8.05 -2.56
N TYR A 93 -4.03 -9.04 -1.98
CA TYR A 93 -3.96 -9.18 -0.54
C TYR A 93 -2.51 -9.26 -0.06
N ILE A 94 -2.23 -8.61 1.07
CA ILE A 94 -0.88 -8.61 1.63
C ILE A 94 -0.88 -9.15 3.05
N GLU A 95 0.01 -10.10 3.31
CA GLU A 95 0.12 -10.71 4.63
C GLU A 95 1.44 -10.34 5.30
N VAL A 96 1.37 -9.98 6.58
CA VAL A 96 2.57 -9.61 7.33
C VAL A 96 2.87 -10.62 8.43
N GLN A 97 4.07 -11.19 8.40
CA GLN A 97 4.48 -12.17 9.40
C GLN A 97 5.74 -11.70 10.13
N GLU A 98 5.72 -11.80 11.46
CA GLU A 98 6.85 -11.40 12.27
C GLU A 98 7.96 -12.45 12.22
N PHE A 99 9.20 -11.98 12.18
CA PHE A 99 10.35 -12.88 12.13
C PHE A 99 11.64 -12.15 12.49
N GLY A 100 12.36 -12.67 13.47
CA GLY A 100 13.61 -12.06 13.89
C GLY A 100 13.39 -10.96 14.91
N VAL A 101 12.15 -10.82 15.37
CA VAL A 101 11.81 -9.80 16.36
C VAL A 101 11.55 -10.43 17.73
N PRO A 102 12.13 -9.81 18.77
CA PRO A 102 11.97 -10.28 20.15
C PRO A 102 10.57 -10.08 20.68
N VAL A 103 10.30 -10.63 21.87
CA VAL A 103 8.98 -10.50 22.49
C VAL A 103 8.68 -9.05 22.83
N GLN A 104 7.59 -8.53 22.25
CA GLN A 104 7.18 -7.16 22.50
C GLN A 104 5.84 -7.10 23.21
N PRO A 105 5.86 -7.30 24.54
CA PRO A 105 4.65 -7.28 25.37
C PRO A 105 4.05 -5.88 25.47
N PRO A 106 2.83 -5.81 26.03
CA PRO A 106 2.12 -4.53 26.21
C PRO A 106 2.76 -3.65 27.27
N ARG A 107 2.40 -2.38 27.29
CA ARG A 107 2.94 -1.44 28.26
C ARG A 107 2.22 -1.55 29.59
N PRO A 108 2.97 -1.42 30.70
CA PRO A 108 2.41 -1.51 32.04
C PRO A 108 1.53 -0.31 32.40
N THR A 109 0.24 -0.43 32.08
CA THR A 109 -0.71 0.64 32.34
C THR A 109 -1.57 0.31 33.56
N ASP A 110 -1.81 1.33 34.40
CA ASP A 110 -2.61 1.14 35.60
C ASP A 110 -4.07 1.53 35.34
N PRO A 111 -4.97 1.01 36.19
CA PRO A 111 -6.41 1.29 36.07
C PRO A 111 -6.75 2.73 36.42
N ASN A 112 -5.73 3.53 36.72
CA ASN A 112 -5.92 4.93 37.08
C ASN A 112 -6.51 5.06 38.47
N LEU A 113 -6.21 4.09 39.33
CA LEU A 113 -6.73 4.09 40.70
C LEU A 113 -6.10 5.23 41.50
N ILE A 114 -6.47 5.32 42.78
CA ILE A 114 -5.96 6.37 43.65
C ILE A 114 -4.46 6.19 43.89
N PRO A 115 -3.74 7.31 43.99
CA PRO A 115 -2.29 7.32 44.21
C PRO A 115 -1.92 6.84 45.62
N SER A 116 -0.67 6.44 45.79
CA SER A 116 -0.20 5.95 47.08
C SER A 116 0.44 7.08 47.87
N ALA A 117 -0.14 7.39 49.03
CA ALA A 117 0.38 8.45 49.90
C ALA A 117 1.85 8.20 50.24
N PRO A 118 2.11 7.14 51.02
CA PRO A 118 3.47 6.78 51.43
C PRO A 118 4.31 6.25 50.27
N GLY A 1 -2.15 2.11 -33.16
CA GLY A 1 -3.51 1.70 -32.86
C GLY A 1 -4.31 2.79 -32.17
N SER A 2 -5.07 2.40 -31.15
CA SER A 2 -5.89 3.36 -30.40
C SER A 2 -5.99 2.95 -28.94
N SER A 3 -5.50 3.82 -28.06
CA SER A 3 -5.53 3.55 -26.63
C SER A 3 -6.86 3.98 -26.03
N GLY A 4 -7.83 3.06 -26.04
CA GLY A 4 -9.14 3.36 -25.49
C GLY A 4 -10.06 4.01 -26.52
N SER A 5 -10.81 3.19 -27.25
CA SER A 5 -11.72 3.69 -28.26
C SER A 5 -13.16 3.59 -27.79
N SER A 6 -13.61 4.58 -27.02
CA SER A 6 -14.96 4.60 -26.50
C SER A 6 -15.23 3.38 -25.61
N GLY A 7 -14.25 3.05 -24.77
CA GLY A 7 -14.38 1.92 -23.88
C GLY A 7 -13.76 2.16 -22.51
N PRO A 8 -14.15 1.35 -21.52
CA PRO A 8 -13.64 1.46 -20.16
C PRO A 8 -12.17 1.05 -20.06
N PRO A 9 -11.51 1.47 -18.98
CA PRO A 9 -10.10 1.16 -18.73
C PRO A 9 -9.89 -0.31 -18.40
N VAL A 10 -8.72 -0.83 -18.76
CA VAL A 10 -8.38 -2.23 -18.50
C VAL A 10 -7.02 -2.35 -17.84
N ILE A 11 -6.96 -3.07 -16.72
CA ILE A 11 -5.73 -3.27 -16.00
C ILE A 11 -4.94 -4.45 -16.56
N ARG A 12 -3.79 -4.17 -17.16
CA ARG A 12 -2.95 -5.22 -17.74
C ARG A 12 -2.18 -5.95 -16.65
N GLN A 13 -1.39 -5.22 -15.88
CA GLN A 13 -0.60 -5.80 -14.81
C GLN A 13 -0.97 -5.18 -13.46
N GLY A 14 -2.06 -5.67 -12.86
CA GLY A 14 -2.49 -5.15 -11.57
C GLY A 14 -1.73 -5.77 -10.41
N PRO A 15 -2.02 -5.28 -9.19
CA PRO A 15 -1.37 -5.78 -7.98
C PRO A 15 -1.80 -7.20 -7.62
N VAL A 16 -0.87 -7.98 -7.08
CA VAL A 16 -1.15 -9.34 -6.70
C VAL A 16 -0.87 -9.57 -5.22
N ASN A 17 -1.18 -10.78 -4.74
CA ASN A 17 -0.97 -11.12 -3.34
C ASN A 17 0.49 -11.47 -3.08
N GLN A 18 1.10 -10.78 -2.11
CA GLN A 18 2.49 -11.02 -1.76
C GLN A 18 2.68 -11.11 -0.25
N THR A 19 3.54 -12.01 0.19
CA THR A 19 3.79 -12.19 1.62
C THR A 19 5.07 -11.46 2.03
N VAL A 20 4.95 -10.57 3.00
CA VAL A 20 6.08 -9.81 3.50
C VAL A 20 6.22 -9.94 5.01
N ALA A 21 7.45 -9.79 5.51
CA ALA A 21 7.70 -9.89 6.94
C ALA A 21 7.49 -8.55 7.63
N VAL A 22 7.17 -8.60 8.92
CA VAL A 22 6.93 -7.40 9.70
C VAL A 22 8.03 -6.35 9.45
N ASP A 23 7.68 -5.09 9.61
CA ASP A 23 8.63 -4.00 9.41
C ASP A 23 9.44 -4.22 8.13
N GLY A 24 8.84 -4.92 7.17
CA GLY A 24 9.51 -5.19 5.92
C GLY A 24 9.28 -4.10 4.89
N THR A 25 9.04 -4.50 3.64
CA THR A 25 8.79 -3.56 2.57
C THR A 25 8.07 -4.22 1.41
N PHE A 26 6.82 -3.83 1.19
CA PHE A 26 6.01 -4.38 0.12
C PHE A 26 5.60 -3.30 -0.88
N VAL A 27 5.89 -3.54 -2.16
CA VAL A 27 5.55 -2.59 -3.20
C VAL A 27 4.28 -3.00 -3.94
N LEU A 28 3.52 -2.01 -4.39
CA LEU A 28 2.27 -2.26 -5.10
C LEU A 28 2.18 -1.41 -6.36
N SER A 29 2.18 -2.05 -7.52
CA SER A 29 2.10 -1.35 -8.79
C SER A 29 0.79 -1.66 -9.50
N CYS A 30 0.25 -0.67 -10.21
CA CYS A 30 -1.00 -0.85 -10.94
C CYS A 30 -0.91 -0.19 -12.32
N VAL A 31 -1.25 -0.96 -13.35
CA VAL A 31 -1.23 -0.45 -14.71
C VAL A 31 -2.57 -0.64 -15.41
N ALA A 32 -2.99 0.36 -16.17
CA ALA A 32 -4.26 0.30 -16.88
C ALA A 32 -4.24 1.22 -18.10
N THR A 33 -4.96 0.82 -19.15
CA THR A 33 -5.03 1.61 -20.37
C THR A 33 -6.19 2.60 -20.33
N GLY A 34 -6.12 3.62 -21.17
CA GLY A 34 -7.17 4.62 -21.21
C GLY A 34 -6.62 6.03 -21.38
N SER A 35 -7.41 6.89 -22.01
CA SER A 35 -7.01 8.28 -22.24
C SER A 35 -8.13 9.25 -21.88
N PRO A 36 -7.80 10.26 -21.06
CA PRO A 36 -6.45 10.44 -20.53
C PRO A 36 -6.07 9.37 -19.51
N VAL A 37 -4.77 9.16 -19.33
CA VAL A 37 -4.29 8.17 -18.38
C VAL A 37 -5.17 8.11 -17.15
N PRO A 38 -5.57 6.89 -16.76
CA PRO A 38 -6.43 6.66 -15.60
C PRO A 38 -5.70 6.94 -14.28
N THR A 39 -6.45 7.32 -13.26
CA THR A 39 -5.88 7.62 -11.95
C THR A 39 -5.84 6.37 -11.08
N ILE A 40 -4.64 6.02 -10.60
CA ILE A 40 -4.47 4.85 -9.76
C ILE A 40 -4.67 5.20 -8.29
N LEU A 41 -5.48 4.40 -7.60
CA LEU A 41 -5.76 4.62 -6.18
C LEU A 41 -5.51 3.35 -5.38
N TRP A 42 -5.66 3.46 -4.06
CA TRP A 42 -5.44 2.33 -3.17
C TRP A 42 -6.44 2.35 -2.02
N ARG A 43 -7.02 1.18 -1.73
CA ARG A 43 -8.00 1.07 -0.65
C ARG A 43 -7.64 -0.08 0.28
N LYS A 44 -7.64 0.19 1.58
CA LYS A 44 -7.31 -0.82 2.59
C LYS A 44 -8.51 -1.10 3.48
N ASP A 45 -9.14 -2.26 3.28
CA ASP A 45 -10.29 -2.64 4.08
C ASP A 45 -11.35 -1.54 4.10
N GLY A 46 -11.63 -0.99 2.92
CA GLY A 46 -12.61 0.09 2.83
C GLY A 46 -12.11 1.39 3.42
N VAL A 47 -10.80 1.59 3.36
CA VAL A 47 -10.19 2.81 3.89
C VAL A 47 -9.13 3.36 2.94
N LEU A 48 -9.41 4.51 2.36
CA LEU A 48 -8.48 5.15 1.43
C LEU A 48 -7.10 5.27 2.04
N VAL A 49 -6.10 4.74 1.33
CA VAL A 49 -4.72 4.79 1.81
C VAL A 49 -4.38 6.16 2.38
N SER A 50 -3.61 6.17 3.46
CA SER A 50 -3.22 7.42 4.11
C SER A 50 -1.81 7.82 3.69
N THR A 51 -1.69 8.47 2.53
CA THR A 51 -0.41 8.90 2.02
C THR A 51 0.09 10.15 2.76
N GLN A 52 0.01 10.12 4.08
CA GLN A 52 0.44 11.25 4.89
C GLN A 52 1.59 10.84 5.82
N ASP A 53 1.70 9.54 6.07
CA ASP A 53 2.76 9.02 6.94
C ASP A 53 4.01 8.70 6.14
N SER A 54 5.14 9.23 6.58
CA SER A 54 6.42 9.00 5.91
C SER A 54 6.49 7.58 5.36
N ARG A 55 5.86 6.64 6.07
CA ARG A 55 5.86 5.25 5.66
C ARG A 55 5.36 5.10 4.23
N ILE A 56 4.14 5.55 3.97
CA ILE A 56 3.55 5.48 2.65
C ILE A 56 3.90 6.71 1.82
N LYS A 57 4.43 6.48 0.62
CA LYS A 57 4.81 7.56 -0.28
C LYS A 57 4.63 7.15 -1.73
N GLN A 58 4.18 8.10 -2.56
CA GLN A 58 3.96 7.84 -3.97
C GLN A 58 5.22 8.14 -4.78
N LEU A 59 5.78 7.10 -5.42
CA LEU A 59 6.98 7.26 -6.22
C LEU A 59 6.63 7.72 -7.63
N GLU A 60 5.96 6.87 -8.38
CA GLU A 60 5.57 7.19 -9.75
C GLU A 60 4.09 6.85 -9.99
N ASN A 61 3.64 7.06 -11.21
CA ASN A 61 2.26 6.79 -11.57
C ASN A 61 1.88 5.35 -11.24
N GLY A 62 0.73 5.17 -10.59
CA GLY A 62 0.29 3.84 -10.23
C GLY A 62 1.37 3.04 -9.53
N VAL A 63 2.19 3.72 -8.74
CA VAL A 63 3.27 3.06 -8.01
C VAL A 63 3.33 3.54 -6.57
N LEU A 64 2.88 2.68 -5.65
CA LEU A 64 2.88 3.01 -4.23
C LEU A 64 3.67 1.98 -3.43
N GLN A 65 4.53 2.46 -2.55
CA GLN A 65 5.35 1.57 -1.72
C GLN A 65 5.19 1.92 -0.24
N ILE A 66 5.10 0.89 0.60
CA ILE A 66 4.95 1.09 2.04
C ILE A 66 6.05 0.37 2.80
N ARG A 67 6.85 1.13 3.55
CA ARG A 67 7.94 0.57 4.33
C ARG A 67 7.51 0.38 5.79
N TYR A 68 8.25 -0.46 6.51
CA TYR A 68 7.96 -0.73 7.90
C TYR A 68 6.54 -1.26 8.07
N ALA A 69 6.21 -2.30 7.30
CA ALA A 69 4.89 -2.91 7.35
C ALA A 69 4.67 -3.63 8.69
N LYS A 70 3.86 -3.03 9.55
CA LYS A 70 3.57 -3.61 10.85
C LYS A 70 2.53 -4.72 10.73
N LEU A 71 2.39 -5.51 11.79
CA LEU A 71 1.43 -6.60 11.80
C LEU A 71 0.01 -6.08 11.54
N GLY A 72 -0.32 -4.95 12.15
CA GLY A 72 -1.65 -4.38 11.96
C GLY A 72 -1.91 -4.01 10.52
N ASP A 73 -0.85 -3.70 9.78
CA ASP A 73 -0.97 -3.33 8.38
C ASP A 73 -1.71 -4.40 7.59
N THR A 74 -1.51 -5.66 7.97
CA THR A 74 -2.16 -6.78 7.30
C THR A 74 -3.58 -6.42 6.89
N GLY A 75 -3.76 -6.11 5.60
CA GLY A 75 -5.07 -5.76 5.10
C GLY A 75 -5.27 -6.17 3.66
N ARG A 76 -6.26 -5.57 3.00
CA ARG A 76 -6.55 -5.89 1.61
C ARG A 76 -6.35 -4.66 0.72
N TYR A 77 -5.21 -4.62 0.04
CA TYR A 77 -4.89 -3.50 -0.85
C TYR A 77 -5.53 -3.69 -2.22
N THR A 78 -6.44 -2.79 -2.57
CA THR A 78 -7.13 -2.86 -3.86
C THR A 78 -6.85 -1.62 -4.70
N CYS A 79 -6.63 -1.82 -5.99
CA CYS A 79 -6.36 -0.72 -6.90
C CYS A 79 -7.62 -0.27 -7.61
N ILE A 80 -7.70 1.02 -7.93
CA ILE A 80 -8.85 1.57 -8.61
C ILE A 80 -8.44 2.52 -9.73
N ALA A 81 -9.09 2.40 -10.88
CA ALA A 81 -8.79 3.25 -12.02
C ALA A 81 -10.01 4.06 -12.44
N SER A 82 -9.95 5.38 -12.23
CA SER A 82 -11.05 6.26 -12.57
C SER A 82 -10.76 7.00 -13.88
N THR A 83 -11.73 6.99 -14.78
CA THR A 83 -11.58 7.65 -16.08
C THR A 83 -12.90 8.28 -16.53
N PRO A 84 -12.80 9.26 -17.43
CA PRO A 84 -13.98 9.97 -17.95
C PRO A 84 -14.81 9.09 -18.87
N SER A 85 -14.39 7.83 -19.03
CA SER A 85 -15.11 6.89 -19.88
C SER A 85 -15.62 5.71 -19.07
N GLY A 86 -14.96 5.44 -17.94
CA GLY A 86 -15.37 4.34 -17.09
C GLY A 86 -14.47 4.18 -15.89
N GLU A 87 -14.52 3.00 -15.26
CA GLU A 87 -13.70 2.72 -14.09
C GLU A 87 -13.55 1.22 -13.87
N ALA A 88 -12.37 0.81 -13.39
CA ALA A 88 -12.10 -0.59 -13.15
C ALA A 88 -11.30 -0.77 -11.86
N THR A 89 -11.33 -2.00 -11.32
CA THR A 89 -10.61 -2.30 -10.09
C THR A 89 -9.88 -3.63 -10.19
N TRP A 90 -9.01 -3.90 -9.23
CA TRP A 90 -8.24 -5.14 -9.22
C TRP A 90 -8.23 -5.75 -7.82
N SER A 91 -7.98 -7.06 -7.75
CA SER A 91 -7.94 -7.76 -6.48
C SER A 91 -6.49 -7.96 -6.01
N ALA A 92 -6.25 -7.70 -4.73
CA ALA A 92 -4.92 -7.85 -4.16
C ALA A 92 -4.96 -7.77 -2.64
N TYR A 93 -4.15 -8.60 -1.99
CA TYR A 93 -4.10 -8.64 -0.53
C TYR A 93 -2.68 -8.86 -0.04
N ILE A 94 -2.26 -8.06 0.94
CA ILE A 94 -0.92 -8.18 1.50
C ILE A 94 -0.96 -8.70 2.94
N GLU A 95 -0.10 -9.66 3.24
CA GLU A 95 -0.04 -10.25 4.57
C GLU A 95 1.30 -9.94 5.24
N VAL A 96 1.27 -9.74 6.56
CA VAL A 96 2.48 -9.44 7.31
C VAL A 96 2.73 -10.50 8.38
N GLN A 97 3.80 -11.26 8.20
CA GLN A 97 4.15 -12.31 9.15
C GLN A 97 5.41 -11.94 9.92
N GLU A 98 5.34 -12.01 11.24
CA GLU A 98 6.48 -11.68 12.10
C GLU A 98 7.60 -12.71 11.91
N PHE A 99 8.81 -12.20 11.67
CA PHE A 99 9.97 -13.06 11.47
C PHE A 99 11.25 -12.24 11.35
N GLY A 100 12.37 -12.85 11.69
CA GLY A 100 13.64 -12.15 11.61
C GLY A 100 13.53 -10.69 11.96
N VAL A 101 12.69 -10.37 12.94
CA VAL A 101 12.48 -9.00 13.37
C VAL A 101 13.60 -8.54 14.30
N PRO A 102 14.18 -7.37 14.01
CA PRO A 102 15.27 -6.80 14.80
C PRO A 102 14.79 -6.34 16.18
N VAL A 103 15.36 -6.93 17.23
CA VAL A 103 14.99 -6.56 18.59
C VAL A 103 15.89 -5.46 19.13
N GLN A 104 15.45 -4.22 18.98
CA GLN A 104 16.23 -3.07 19.45
C GLN A 104 15.41 -2.23 20.42
N PRO A 105 16.08 -1.68 21.44
CA PRO A 105 15.43 -0.85 22.46
C PRO A 105 14.99 0.50 21.90
N PRO A 106 14.01 1.13 22.57
CA PRO A 106 13.47 2.43 22.16
C PRO A 106 14.47 3.56 22.36
N ARG A 107 14.10 4.76 21.94
CA ARG A 107 14.97 5.93 22.08
C ARG A 107 15.62 5.95 23.45
N PRO A 108 16.88 6.41 23.49
CA PRO A 108 17.66 6.50 24.74
C PRO A 108 17.13 7.58 25.67
N THR A 109 16.82 7.19 26.91
CA THR A 109 16.30 8.12 27.89
C THR A 109 16.80 7.77 29.29
N ASP A 110 17.62 8.65 29.85
CA ASP A 110 18.18 8.45 31.19
C ASP A 110 17.54 9.40 32.20
N PRO A 111 16.35 9.04 32.68
CA PRO A 111 15.62 9.84 33.66
C PRO A 111 16.29 9.85 35.04
N ASN A 112 17.26 8.96 35.22
CA ASN A 112 17.98 8.88 36.48
C ASN A 112 19.50 8.93 36.25
N LEU A 113 19.95 9.99 35.59
CA LEU A 113 21.37 10.17 35.30
C LEU A 113 21.93 11.36 36.08
N ILE A 114 23.08 11.15 36.72
CA ILE A 114 23.72 12.21 37.49
C ILE A 114 23.89 13.47 36.65
N PRO A 115 23.81 14.63 37.32
CA PRO A 115 23.96 15.93 36.66
C PRO A 115 25.39 16.19 36.19
N SER A 116 25.54 17.14 35.27
CA SER A 116 26.86 17.48 34.75
C SER A 116 26.93 18.95 34.37
N ALA A 117 27.75 19.70 35.09
CA ALA A 117 27.92 21.13 34.84
C ALA A 117 29.32 21.60 35.22
N PRO A 118 29.83 22.59 34.48
CA PRO A 118 31.15 23.16 34.72
C PRO A 118 31.22 23.95 36.02
N GLY A 1 -3.45 19.25 -28.95
CA GLY A 1 -4.10 18.22 -29.73
C GLY A 1 -3.32 16.92 -29.75
N SER A 2 -4.03 15.80 -29.57
CA SER A 2 -3.39 14.50 -29.57
C SER A 2 -4.34 13.43 -30.09
N SER A 3 -3.84 12.20 -30.21
CA SER A 3 -4.65 11.09 -30.70
C SER A 3 -6.06 11.14 -30.12
N GLY A 4 -6.99 10.47 -30.79
CA GLY A 4 -8.37 10.46 -30.33
C GLY A 4 -8.98 9.07 -30.39
N SER A 5 -9.29 8.51 -29.22
CA SER A 5 -9.88 7.19 -29.14
C SER A 5 -10.64 7.00 -27.83
N SER A 6 -11.72 6.23 -27.88
CA SER A 6 -12.54 5.98 -26.69
C SER A 6 -12.48 4.50 -26.31
N GLY A 7 -12.58 4.24 -25.00
CA GLY A 7 -12.54 2.87 -24.53
C GLY A 7 -12.32 2.78 -23.03
N PRO A 8 -12.92 1.76 -22.40
CA PRO A 8 -12.80 1.55 -20.95
C PRO A 8 -11.39 1.12 -20.54
N PRO A 9 -10.99 1.47 -19.31
CA PRO A 9 -9.67 1.12 -18.77
C PRO A 9 -9.53 -0.37 -18.50
N VAL A 10 -8.43 -0.95 -18.97
CA VAL A 10 -8.18 -2.37 -18.77
C VAL A 10 -6.85 -2.59 -18.05
N ILE A 11 -6.92 -3.08 -16.82
CA ILE A 11 -5.72 -3.34 -16.02
C ILE A 11 -4.98 -4.56 -16.55
N ARG A 12 -3.90 -4.30 -17.30
CA ARG A 12 -3.08 -5.38 -17.86
C ARG A 12 -2.22 -6.02 -16.79
N GLN A 13 -1.47 -5.20 -16.06
CA GLN A 13 -0.59 -5.70 -15.01
C GLN A 13 -0.86 -4.97 -13.70
N GLY A 14 -1.63 -5.61 -12.82
CA GLY A 14 -1.96 -5.01 -11.54
C GLY A 14 -1.27 -5.70 -10.39
N PRO A 15 -1.63 -5.32 -9.16
CA PRO A 15 -1.06 -5.90 -7.94
C PRO A 15 -1.49 -7.33 -7.72
N VAL A 16 -0.58 -8.16 -7.23
CA VAL A 16 -0.88 -9.57 -6.97
C VAL A 16 -0.56 -9.94 -5.52
N ASN A 17 -1.26 -10.94 -5.01
CA ASN A 17 -1.06 -11.40 -3.64
C ASN A 17 0.43 -11.52 -3.32
N GLN A 18 0.86 -10.82 -2.27
CA GLN A 18 2.26 -10.85 -1.87
C GLN A 18 2.38 -11.02 -0.35
N THR A 19 3.56 -11.43 0.09
CA THR A 19 3.81 -11.63 1.52
C THR A 19 5.09 -10.93 1.96
N VAL A 20 5.05 -10.32 3.14
CA VAL A 20 6.21 -9.62 3.68
C VAL A 20 6.24 -9.70 5.19
N ALA A 21 7.44 -9.70 5.76
CA ALA A 21 7.61 -9.77 7.20
C ALA A 21 7.30 -8.43 7.85
N VAL A 22 7.12 -8.43 9.17
CA VAL A 22 6.82 -7.21 9.90
C VAL A 22 7.90 -6.15 9.68
N ASP A 23 7.50 -4.89 9.73
CA ASP A 23 8.43 -3.78 9.52
C ASP A 23 9.33 -4.05 8.33
N GLY A 24 8.83 -4.82 7.37
CA GLY A 24 9.60 -5.13 6.18
C GLY A 24 9.49 -4.05 5.12
N THR A 25 9.28 -4.48 3.88
CA THR A 25 9.16 -3.55 2.76
C THR A 25 8.47 -4.20 1.57
N PHE A 26 7.31 -3.68 1.20
CA PHE A 26 6.56 -4.22 0.07
C PHE A 26 5.98 -3.08 -0.79
N VAL A 27 5.89 -3.33 -2.09
CA VAL A 27 5.36 -2.33 -3.02
C VAL A 27 4.34 -2.96 -3.97
N LEU A 28 3.49 -2.12 -4.55
CA LEU A 28 2.47 -2.59 -5.48
C LEU A 28 2.30 -1.61 -6.64
N SER A 29 2.35 -2.13 -7.86
CA SER A 29 2.21 -1.29 -9.05
C SER A 29 0.97 -1.71 -9.85
N CYS A 30 0.19 -0.71 -10.28
CA CYS A 30 -1.01 -0.99 -11.06
C CYS A 30 -0.99 -0.22 -12.38
N VAL A 31 -1.09 -0.95 -13.48
CA VAL A 31 -1.07 -0.35 -14.81
C VAL A 31 -2.41 -0.55 -15.52
N ALA A 32 -2.99 0.55 -15.99
CA ALA A 32 -4.26 0.49 -16.69
C ALA A 32 -4.26 1.41 -17.92
N THR A 33 -4.80 0.91 -19.02
CA THR A 33 -4.86 1.68 -20.26
C THR A 33 -6.06 2.60 -20.28
N GLY A 34 -6.12 3.50 -21.25
CA GLY A 34 -7.22 4.42 -21.36
C GLY A 34 -6.76 5.86 -21.51
N SER A 35 -7.46 6.62 -22.36
CA SER A 35 -7.12 8.02 -22.59
C SER A 35 -8.31 8.93 -22.32
N PRO A 36 -8.11 9.93 -21.45
CA PRO A 36 -6.83 10.15 -20.79
C PRO A 36 -6.49 9.08 -19.76
N VAL A 37 -5.23 9.01 -19.36
CA VAL A 37 -4.79 8.02 -18.39
C VAL A 37 -5.70 8.01 -17.16
N PRO A 38 -6.11 6.80 -16.74
CA PRO A 38 -7.00 6.63 -15.58
C PRO A 38 -6.29 6.95 -14.27
N THR A 39 -7.08 7.24 -13.24
CA THR A 39 -6.53 7.56 -11.92
C THR A 39 -6.15 6.31 -11.16
N ILE A 40 -5.20 6.46 -10.24
CA ILE A 40 -4.74 5.32 -9.44
C ILE A 40 -4.88 5.62 -7.94
N LEU A 41 -5.85 4.98 -7.31
CA LEU A 41 -6.08 5.17 -5.88
C LEU A 41 -5.64 3.95 -5.08
N TRP A 42 -5.63 4.08 -3.76
CA TRP A 42 -5.22 2.98 -2.88
C TRP A 42 -6.18 2.85 -1.70
N ARG A 43 -6.70 1.64 -1.49
CA ARG A 43 -7.62 1.39 -0.39
C ARG A 43 -7.31 0.05 0.28
N LYS A 44 -7.37 0.03 1.61
CA LYS A 44 -7.10 -1.19 2.37
C LYS A 44 -8.37 -1.69 3.06
N ASP A 45 -9.03 -2.66 2.44
CA ASP A 45 -10.25 -3.23 3.00
C ASP A 45 -11.33 -2.17 3.13
N GLY A 46 -11.30 -1.19 2.23
CA GLY A 46 -12.28 -0.12 2.27
C GLY A 46 -11.73 1.16 2.89
N VAL A 47 -10.65 1.03 3.64
CA VAL A 47 -10.03 2.19 4.28
C VAL A 47 -9.08 2.90 3.32
N LEU A 48 -9.47 4.09 2.91
CA LEU A 48 -8.66 4.89 1.98
C LEU A 48 -7.22 5.00 2.48
N VAL A 49 -6.28 4.53 1.67
CA VAL A 49 -4.87 4.58 2.03
C VAL A 49 -4.44 6.00 2.39
N SER A 50 -3.57 6.11 3.37
CA SER A 50 -3.08 7.41 3.83
C SER A 50 -1.64 7.65 3.36
N THR A 51 -1.49 8.26 2.19
CA THR A 51 -0.18 8.53 1.63
C THR A 51 0.45 9.76 2.30
N GLN A 52 0.37 9.81 3.62
CA GLN A 52 0.93 10.92 4.38
C GLN A 52 2.01 10.43 5.35
N ASP A 53 1.78 9.27 5.94
CA ASP A 53 2.74 8.70 6.88
C ASP A 53 4.03 8.30 6.17
N SER A 54 5.15 8.85 6.65
CA SER A 54 6.45 8.55 6.06
C SER A 54 6.52 7.11 5.57
N ARG A 55 5.99 6.20 6.39
CA ARG A 55 6.00 4.78 6.04
C ARG A 55 5.65 4.58 4.58
N ILE A 56 4.47 5.06 4.17
CA ILE A 56 4.03 4.93 2.79
C ILE A 56 4.52 6.10 1.94
N LYS A 57 5.13 5.78 0.80
CA LYS A 57 5.64 6.79 -0.10
C LYS A 57 5.36 6.42 -1.56
N GLN A 58 4.69 7.33 -2.26
CA GLN A 58 4.35 7.09 -3.67
C GLN A 58 5.47 7.58 -4.58
N LEU A 59 6.30 6.66 -5.03
CA LEU A 59 7.42 7.00 -5.92
C LEU A 59 6.90 7.51 -7.26
N GLU A 60 5.99 6.76 -7.87
CA GLU A 60 5.42 7.15 -9.15
C GLU A 60 3.94 6.77 -9.23
N ASN A 61 3.23 7.38 -10.17
CA ASN A 61 1.80 7.11 -10.34
C ASN A 61 1.57 5.63 -10.67
N GLY A 62 0.61 5.03 -9.99
CA GLY A 62 0.30 3.63 -10.22
C GLY A 62 0.97 2.71 -9.22
N VAL A 63 2.13 3.13 -8.72
CA VAL A 63 2.88 2.35 -7.75
C VAL A 63 2.89 3.03 -6.38
N LEU A 64 2.69 2.24 -5.33
CA LEU A 64 2.68 2.77 -3.96
C LEU A 64 3.52 1.90 -3.04
N GLN A 65 4.64 2.43 -2.58
CA GLN A 65 5.53 1.71 -1.67
C GLN A 65 5.15 1.95 -0.22
N ILE A 66 5.21 0.90 0.59
CA ILE A 66 4.88 1.00 2.00
C ILE A 66 5.98 0.39 2.87
N ARG A 67 6.74 1.25 3.53
CA ARG A 67 7.83 0.80 4.39
C ARG A 67 7.34 0.59 5.82
N TYR A 68 8.03 -0.26 6.56
CA TYR A 68 7.66 -0.56 7.94
C TYR A 68 6.29 -1.22 8.01
N ALA A 69 6.10 -2.25 7.20
CA ALA A 69 4.83 -2.98 7.17
C ALA A 69 4.52 -3.60 8.53
N LYS A 70 3.67 -2.94 9.29
CA LYS A 70 3.29 -3.42 10.62
C LYS A 70 2.27 -4.55 10.51
N LEU A 71 2.06 -5.27 11.61
CA LEU A 71 1.11 -6.36 11.64
C LEU A 71 -0.28 -5.89 11.22
N GLY A 72 -0.73 -4.79 11.81
CA GLY A 72 -2.04 -4.25 11.47
C GLY A 72 -2.18 -3.93 10.00
N ASP A 73 -1.10 -3.46 9.39
CA ASP A 73 -1.11 -3.11 7.97
C ASP A 73 -1.77 -4.22 7.16
N THR A 74 -1.78 -5.43 7.70
CA THR A 74 -2.38 -6.57 7.02
C THR A 74 -3.77 -6.23 6.49
N GLY A 75 -3.86 -6.01 5.18
CA GLY A 75 -5.15 -5.68 4.57
C GLY A 75 -5.17 -5.99 3.09
N ARG A 76 -6.37 -5.98 2.51
CA ARG A 76 -6.54 -6.25 1.09
C ARG A 76 -6.45 -4.97 0.28
N TYR A 77 -5.36 -4.81 -0.46
CA TYR A 77 -5.15 -3.62 -1.28
C TYR A 77 -5.82 -3.79 -2.64
N THR A 78 -6.39 -2.71 -3.15
CA THR A 78 -7.07 -2.72 -4.43
C THR A 78 -6.78 -1.46 -5.23
N CYS A 79 -6.53 -1.62 -6.53
CA CYS A 79 -6.23 -0.48 -7.39
C CYS A 79 -7.48 -0.02 -8.13
N ILE A 80 -7.91 1.21 -7.86
CA ILE A 80 -9.09 1.77 -8.51
C ILE A 80 -8.72 2.61 -9.71
N ALA A 81 -9.40 2.38 -10.83
CA ALA A 81 -9.14 3.12 -12.06
C ALA A 81 -10.40 3.82 -12.55
N SER A 82 -10.37 5.15 -12.52
CA SER A 82 -11.52 5.95 -12.96
C SER A 82 -11.22 6.64 -14.29
N THR A 83 -12.22 6.67 -15.16
CA THR A 83 -12.07 7.31 -16.47
C THR A 83 -13.37 7.97 -16.92
N PRO A 84 -13.27 8.89 -17.88
CA PRO A 84 -14.42 9.61 -18.42
C PRO A 84 -15.33 8.71 -19.25
N SER A 85 -14.99 7.43 -19.31
CA SER A 85 -15.77 6.46 -20.07
C SER A 85 -16.25 5.33 -19.17
N GLY A 86 -15.49 5.05 -18.12
CA GLY A 86 -15.86 3.99 -17.20
C GLY A 86 -14.90 3.89 -16.03
N GLU A 87 -14.90 2.73 -15.37
CA GLU A 87 -14.03 2.51 -14.21
C GLU A 87 -13.81 1.03 -13.98
N ALA A 88 -12.66 0.69 -13.40
CA ALA A 88 -12.33 -0.70 -13.12
C ALA A 88 -11.45 -0.81 -11.87
N THR A 89 -11.43 -2.00 -11.27
CA THR A 89 -10.64 -2.24 -10.07
C THR A 89 -9.93 -3.58 -10.15
N TRP A 90 -8.91 -3.75 -9.31
CA TRP A 90 -8.14 -5.00 -9.27
C TRP A 90 -8.15 -5.61 -7.88
N SER A 91 -7.85 -6.90 -7.80
CA SER A 91 -7.82 -7.60 -6.52
C SER A 91 -6.39 -7.89 -6.08
N ALA A 92 -6.10 -7.57 -4.82
CA ALA A 92 -4.76 -7.79 -4.28
C ALA A 92 -4.80 -7.84 -2.75
N TYR A 93 -3.90 -8.63 -2.18
CA TYR A 93 -3.83 -8.78 -0.73
C TYR A 93 -2.38 -8.91 -0.26
N ILE A 94 -2.08 -8.35 0.90
CA ILE A 94 -0.73 -8.40 1.46
C ILE A 94 -0.76 -8.86 2.92
N GLU A 95 -0.05 -9.95 3.20
CA GLU A 95 0.00 -10.48 4.55
C GLU A 95 1.31 -10.07 5.24
N VAL A 96 1.20 -9.69 6.52
CA VAL A 96 2.36 -9.28 7.29
C VAL A 96 2.69 -10.29 8.38
N GLN A 97 3.75 -11.06 8.17
CA GLN A 97 4.17 -12.07 9.14
C GLN A 97 5.22 -11.51 10.09
N GLU A 98 5.23 -12.02 11.32
CA GLU A 98 6.19 -11.57 12.33
C GLU A 98 7.51 -12.32 12.20
N PHE A 99 8.59 -11.71 12.69
CA PHE A 99 9.90 -12.32 12.62
C PHE A 99 10.91 -11.54 13.46
N GLY A 100 11.97 -12.22 13.89
CA GLY A 100 12.98 -11.57 14.70
C GLY A 100 12.40 -10.52 15.63
N VAL A 101 11.30 -10.85 16.28
CA VAL A 101 10.65 -9.93 17.20
C VAL A 101 11.62 -9.44 18.27
N PRO A 102 11.64 -8.12 18.49
CA PRO A 102 12.51 -7.49 19.48
C PRO A 102 12.09 -7.84 20.92
N VAL A 103 13.05 -8.29 21.72
CA VAL A 103 12.78 -8.64 23.11
C VAL A 103 13.34 -7.60 24.06
N GLN A 104 12.45 -6.87 24.72
CA GLN A 104 12.84 -5.83 25.66
C GLN A 104 12.68 -6.30 27.10
N PRO A 105 13.66 -5.98 27.96
CA PRO A 105 13.64 -6.36 29.37
C PRO A 105 12.57 -5.60 30.16
N PRO A 106 12.33 -6.04 31.41
CA PRO A 106 11.34 -5.43 32.28
C PRO A 106 11.76 -4.04 32.74
N ARG A 107 10.81 -3.30 33.34
CA ARG A 107 11.08 -1.96 33.81
C ARG A 107 12.42 -1.89 34.56
N PRO A 108 13.14 -0.78 34.38
CA PRO A 108 14.44 -0.58 35.02
C PRO A 108 14.32 -0.38 36.54
N THR A 109 14.55 -1.45 37.29
CA THR A 109 14.47 -1.40 38.74
C THR A 109 15.86 -1.39 39.37
N ASP A 110 16.42 -0.20 39.54
CA ASP A 110 17.74 -0.05 40.13
C ASP A 110 17.72 0.96 41.27
N PRO A 111 17.27 0.51 42.46
CA PRO A 111 17.20 1.36 43.65
C PRO A 111 18.57 1.74 44.19
N ASN A 112 19.60 1.03 43.72
CA ASN A 112 20.96 1.29 44.16
C ASN A 112 21.81 1.83 43.01
N LEU A 113 21.24 2.74 42.23
CA LEU A 113 21.94 3.33 41.10
C LEU A 113 22.47 4.72 41.46
N ILE A 114 23.54 5.12 40.78
CA ILE A 114 24.15 6.42 41.03
C ILE A 114 23.27 7.55 40.50
N PRO A 115 23.28 8.70 41.20
CA PRO A 115 22.49 9.86 40.82
C PRO A 115 23.03 10.53 39.55
N SER A 116 22.12 10.92 38.66
CA SER A 116 22.50 11.57 37.41
C SER A 116 23.04 12.97 37.67
N ALA A 117 24.36 13.08 37.78
CA ALA A 117 25.01 14.37 38.02
C ALA A 117 26.35 14.45 37.30
N PRO A 118 26.81 15.68 37.07
CA PRO A 118 28.09 15.93 36.38
C PRO A 118 29.29 15.53 37.23
N GLY A 1 -0.54 10.64 -36.42
CA GLY A 1 -1.00 11.44 -35.29
C GLY A 1 -2.43 11.13 -34.91
N SER A 2 -2.61 10.17 -33.99
CA SER A 2 -3.94 9.79 -33.56
C SER A 2 -3.87 9.02 -32.24
N SER A 3 -4.51 9.57 -31.21
CA SER A 3 -4.53 8.94 -29.89
C SER A 3 -5.90 9.05 -29.25
N GLY A 4 -6.47 7.91 -28.89
CA GLY A 4 -7.79 7.90 -28.27
C GLY A 4 -8.69 6.81 -28.80
N SER A 5 -8.73 5.68 -28.13
CA SER A 5 -9.55 4.55 -28.55
C SER A 5 -10.79 4.43 -27.69
N SER A 6 -11.94 4.24 -28.34
CA SER A 6 -13.20 4.11 -27.62
C SER A 6 -13.25 2.82 -26.81
N GLY A 7 -13.13 2.94 -25.50
CA GLY A 7 -13.15 1.77 -24.64
C GLY A 7 -12.80 2.10 -23.20
N PRO A 8 -13.41 1.35 -22.26
CA PRO A 8 -13.17 1.56 -20.82
C PRO A 8 -11.76 1.14 -20.41
N PRO A 9 -11.38 1.52 -19.18
CA PRO A 9 -10.07 1.19 -18.63
C PRO A 9 -9.91 -0.30 -18.32
N VAL A 10 -8.75 -0.84 -18.66
CA VAL A 10 -8.48 -2.26 -18.42
C VAL A 10 -7.17 -2.45 -17.67
N ILE A 11 -7.19 -3.29 -16.64
CA ILE A 11 -6.00 -3.56 -15.85
C ILE A 11 -5.22 -4.75 -16.41
N ARG A 12 -4.14 -4.45 -17.12
CA ARG A 12 -3.31 -5.50 -17.71
C ARG A 12 -2.62 -6.31 -16.63
N GLN A 13 -1.88 -5.63 -15.77
CA GLN A 13 -1.16 -6.30 -14.68
C GLN A 13 -1.19 -5.44 -13.42
N GLY A 14 -2.00 -5.85 -12.45
CA GLY A 14 -2.11 -5.12 -11.20
C GLY A 14 -1.30 -5.76 -10.09
N PRO A 15 -1.56 -5.33 -8.84
CA PRO A 15 -0.87 -5.85 -7.66
C PRO A 15 -1.28 -7.29 -7.35
N VAL A 16 -0.28 -8.15 -7.19
CA VAL A 16 -0.53 -9.56 -6.88
C VAL A 16 -0.36 -9.84 -5.39
N ASN A 17 -0.87 -10.98 -4.95
CA ASN A 17 -0.78 -11.36 -3.54
C ASN A 17 0.63 -11.84 -3.21
N GLN A 18 1.29 -11.13 -2.29
CA GLN A 18 2.64 -11.48 -1.87
C GLN A 18 2.76 -11.50 -0.35
N THR A 19 3.80 -12.15 0.14
CA THR A 19 4.02 -12.24 1.58
C THR A 19 5.24 -11.42 2.01
N VAL A 20 5.04 -10.55 2.98
CA VAL A 20 6.12 -9.71 3.48
C VAL A 20 6.27 -9.84 4.99
N ALA A 21 7.48 -9.59 5.48
CA ALA A 21 7.76 -9.68 6.90
C ALA A 21 7.48 -8.36 7.61
N VAL A 22 7.24 -8.43 8.92
CA VAL A 22 6.94 -7.23 9.70
C VAL A 22 8.01 -6.17 9.49
N ASP A 23 7.61 -4.90 9.62
CA ASP A 23 8.53 -3.79 9.44
C ASP A 23 9.37 -3.98 8.19
N GLY A 24 8.82 -4.70 7.22
CA GLY A 24 9.54 -4.93 5.97
C GLY A 24 9.26 -3.87 4.93
N THR A 25 8.99 -4.32 3.70
CA THR A 25 8.70 -3.39 2.61
C THR A 25 8.03 -4.12 1.45
N PHE A 26 6.78 -3.75 1.18
CA PHE A 26 6.03 -4.36 0.09
C PHE A 26 5.63 -3.32 -0.96
N VAL A 27 5.98 -3.60 -2.21
CA VAL A 27 5.66 -2.69 -3.30
C VAL A 27 4.47 -3.19 -4.11
N LEU A 28 3.63 -2.25 -4.55
CA LEU A 28 2.44 -2.60 -5.33
C LEU A 28 2.32 -1.70 -6.56
N SER A 29 2.36 -2.31 -7.73
CA SER A 29 2.25 -1.57 -8.98
C SER A 29 0.97 -1.93 -9.73
N CYS A 30 0.21 -0.91 -10.13
CA CYS A 30 -1.04 -1.11 -10.84
C CYS A 30 -0.92 -0.64 -12.29
N VAL A 31 -1.08 -1.58 -13.22
CA VAL A 31 -1.00 -1.26 -14.64
C VAL A 31 -2.38 -1.27 -15.29
N ALA A 32 -2.95 -0.07 -15.47
CA ALA A 32 -4.26 0.05 -16.08
C ALA A 32 -4.22 0.99 -17.28
N THR A 33 -4.86 0.59 -18.37
CA THR A 33 -4.90 1.39 -19.59
C THR A 33 -6.14 2.27 -19.63
N GLY A 34 -6.09 3.32 -20.46
CA GLY A 34 -7.22 4.22 -20.57
C GLY A 34 -6.79 5.65 -20.86
N SER A 35 -7.60 6.36 -21.63
CA SER A 35 -7.29 7.75 -21.98
C SER A 35 -8.27 8.70 -21.30
N PRO A 36 -7.76 9.88 -20.90
CA PRO A 36 -6.34 10.24 -21.10
C PRO A 36 -5.41 9.42 -20.22
N VAL A 37 -5.70 9.39 -18.92
CA VAL A 37 -4.88 8.64 -17.98
C VAL A 37 -5.68 8.28 -16.72
N PRO A 38 -5.81 6.98 -16.46
CA PRO A 38 -6.55 6.48 -15.29
C PRO A 38 -5.82 6.76 -13.98
N THR A 39 -6.58 7.13 -12.96
CA THR A 39 -6.01 7.44 -11.66
C THR A 39 -5.75 6.17 -10.85
N ILE A 40 -4.69 6.18 -10.07
CA ILE A 40 -4.32 5.03 -9.25
C ILE A 40 -4.47 5.34 -7.76
N LEU A 41 -5.44 4.69 -7.13
CA LEU A 41 -5.68 4.90 -5.70
C LEU A 41 -5.43 3.62 -4.92
N TRP A 42 -5.58 3.69 -3.59
CA TRP A 42 -5.37 2.54 -2.74
C TRP A 42 -6.35 2.55 -1.56
N ARG A 43 -6.85 1.37 -1.20
CA ARG A 43 -7.79 1.25 -0.10
C ARG A 43 -7.48 0.02 0.75
N LYS A 44 -7.38 0.23 2.06
CA LYS A 44 -7.08 -0.86 2.99
C LYS A 44 -8.33 -1.26 3.77
N ASP A 45 -8.79 -2.48 3.53
CA ASP A 45 -9.98 -3.00 4.21
C ASP A 45 -11.12 -1.98 4.16
N GLY A 46 -11.42 -1.49 2.96
CA GLY A 46 -12.47 -0.51 2.81
C GLY A 46 -12.15 0.81 3.49
N VAL A 47 -10.87 1.17 3.50
CA VAL A 47 -10.43 2.41 4.12
C VAL A 47 -9.45 3.16 3.22
N LEU A 48 -9.82 4.37 2.83
CA LEU A 48 -8.98 5.18 1.97
C LEU A 48 -7.54 5.23 2.50
N VAL A 49 -6.58 4.89 1.65
CA VAL A 49 -5.18 4.90 2.03
C VAL A 49 -4.72 6.29 2.42
N SER A 50 -3.79 6.37 3.36
CA SER A 50 -3.27 7.65 3.82
C SER A 50 -1.92 7.96 3.19
N THR A 51 -1.95 8.34 1.92
CA THR A 51 -0.72 8.65 1.19
C THR A 51 0.07 9.75 1.90
N GLN A 52 -0.64 10.64 2.58
CA GLN A 52 -0.01 11.73 3.31
C GLN A 52 0.95 11.20 4.37
N ASP A 53 0.65 10.01 4.88
CA ASP A 53 1.48 9.39 5.91
C ASP A 53 2.88 9.07 5.36
N SER A 54 3.90 9.55 6.05
CA SER A 54 5.28 9.32 5.63
C SER A 54 5.47 7.89 5.15
N ARG A 55 5.09 6.93 5.99
CA ARG A 55 5.21 5.52 5.64
C ARG A 55 4.83 5.27 4.18
N ILE A 56 3.67 5.78 3.79
CA ILE A 56 3.19 5.62 2.43
C ILE A 56 3.58 6.81 1.56
N LYS A 57 4.15 6.52 0.39
CA LYS A 57 4.58 7.57 -0.53
C LYS A 57 4.46 7.10 -1.98
N GLN A 58 4.09 8.02 -2.86
CA GLN A 58 3.95 7.69 -4.27
C GLN A 58 5.24 7.98 -5.04
N LEU A 59 5.87 6.92 -5.54
CA LEU A 59 7.11 7.06 -6.28
C LEU A 59 6.83 7.40 -7.74
N GLU A 60 6.15 6.50 -8.43
CA GLU A 60 5.82 6.71 -9.84
C GLU A 60 4.31 6.87 -10.03
N ASN A 61 3.89 7.04 -11.28
CA ASN A 61 2.48 7.21 -11.59
C ASN A 61 1.62 6.26 -10.75
N GLY A 62 1.71 4.97 -11.04
CA GLY A 62 0.93 3.98 -10.31
C GLY A 62 1.81 3.04 -9.51
N VAL A 63 2.69 3.61 -8.67
CA VAL A 63 3.59 2.82 -7.86
C VAL A 63 3.60 3.32 -6.41
N LEU A 64 2.92 2.60 -5.54
CA LEU A 64 2.85 2.97 -4.13
C LEU A 64 3.52 1.91 -3.25
N GLN A 65 4.65 2.29 -2.65
CA GLN A 65 5.40 1.37 -1.79
C GLN A 65 5.30 1.80 -0.33
N ILE A 66 4.86 0.88 0.53
CA ILE A 66 4.72 1.17 1.95
C ILE A 66 5.84 0.52 2.75
N ARG A 67 6.59 1.33 3.49
CA ARG A 67 7.69 0.83 4.30
C ARG A 67 7.24 0.60 5.74
N TYR A 68 7.97 -0.26 6.45
CA TYR A 68 7.64 -0.58 7.83
C TYR A 68 6.27 -1.23 7.93
N ALA A 69 6.05 -2.27 7.14
CA ALA A 69 4.79 -2.99 7.13
C ALA A 69 4.54 -3.68 8.47
N LYS A 70 3.75 -3.04 9.32
CA LYS A 70 3.43 -3.59 10.63
C LYS A 70 2.38 -4.69 10.52
N LEU A 71 2.30 -5.53 11.55
CA LEU A 71 1.34 -6.62 11.57
C LEU A 71 -0.07 -6.12 11.28
N GLY A 72 -0.39 -4.94 11.82
CA GLY A 72 -1.70 -4.37 11.62
C GLY A 72 -1.94 -3.96 10.17
N ASP A 73 -0.86 -3.83 9.41
CA ASP A 73 -0.96 -3.44 8.01
C ASP A 73 -1.63 -4.54 7.19
N THR A 74 -1.51 -5.77 7.66
CA THR A 74 -2.10 -6.91 6.98
C THR A 74 -3.53 -6.62 6.54
N GLY A 75 -3.68 -6.11 5.31
CA GLY A 75 -4.99 -5.79 4.79
C GLY A 75 -5.12 -6.08 3.31
N ARG A 76 -6.34 -6.01 2.80
CA ARG A 76 -6.59 -6.27 1.39
C ARG A 76 -6.46 -4.99 0.57
N TYR A 77 -5.41 -4.91 -0.24
CA TYR A 77 -5.16 -3.74 -1.07
C TYR A 77 -5.87 -3.87 -2.42
N THR A 78 -6.43 -2.77 -2.88
CA THR A 78 -7.14 -2.75 -4.15
C THR A 78 -6.86 -1.47 -4.93
N CYS A 79 -6.54 -1.61 -6.22
CA CYS A 79 -6.25 -0.47 -7.06
C CYS A 79 -7.48 -0.05 -7.85
N ILE A 80 -7.74 1.25 -7.88
CA ILE A 80 -8.89 1.80 -8.59
C ILE A 80 -8.45 2.64 -9.78
N ALA A 81 -9.11 2.43 -10.93
CA ALA A 81 -8.79 3.19 -12.13
C ALA A 81 -9.98 4.01 -12.60
N SER A 82 -9.88 5.33 -12.47
CA SER A 82 -10.96 6.22 -12.87
C SER A 82 -10.58 6.97 -14.15
N THR A 83 -11.54 7.07 -15.06
CA THR A 83 -11.32 7.76 -16.33
C THR A 83 -12.58 8.48 -16.80
N PRO A 84 -12.41 9.46 -17.69
CA PRO A 84 -13.52 10.23 -18.24
C PRO A 84 -14.41 9.41 -19.16
N SER A 85 -14.10 8.12 -19.29
CA SER A 85 -14.86 7.22 -20.14
C SER A 85 -15.48 6.09 -19.32
N GLY A 86 -14.78 5.69 -18.26
CA GLY A 86 -15.26 4.62 -17.41
C GLY A 86 -14.41 4.44 -16.16
N GLU A 87 -14.44 3.24 -15.60
CA GLU A 87 -13.68 2.94 -14.39
C GLU A 87 -13.46 1.44 -14.24
N ALA A 88 -12.34 1.07 -13.62
CA ALA A 88 -12.01 -0.33 -13.42
C ALA A 88 -11.34 -0.55 -12.07
N THR A 89 -11.20 -1.81 -11.66
CA THR A 89 -10.58 -2.14 -10.40
C THR A 89 -9.84 -3.47 -10.48
N TRP A 90 -9.04 -3.77 -9.45
CA TRP A 90 -8.27 -5.01 -9.42
C TRP A 90 -8.29 -5.61 -8.01
N SER A 91 -8.01 -6.91 -7.93
CA SER A 91 -7.99 -7.61 -6.65
C SER A 91 -6.56 -7.91 -6.21
N ALA A 92 -6.30 -7.78 -4.91
CA ALA A 92 -4.98 -8.04 -4.37
C ALA A 92 -5.01 -8.12 -2.85
N TYR A 93 -4.10 -8.89 -2.28
CA TYR A 93 -4.02 -9.06 -0.83
C TYR A 93 -2.58 -9.13 -0.35
N ILE A 94 -2.30 -8.49 0.77
CA ILE A 94 -0.96 -8.49 1.33
C ILE A 94 -0.95 -8.98 2.77
N GLU A 95 -0.12 -9.97 3.05
CA GLU A 95 -0.02 -10.53 4.40
C GLU A 95 1.30 -10.14 5.06
N VAL A 96 1.22 -9.79 6.33
CA VAL A 96 2.41 -9.38 7.08
C VAL A 96 2.68 -10.35 8.23
N GLN A 97 3.80 -11.06 8.14
CA GLN A 97 4.17 -12.03 9.17
C GLN A 97 5.41 -11.55 9.93
N GLU A 98 5.45 -11.86 11.23
CA GLU A 98 6.58 -11.46 12.07
C GLU A 98 7.82 -12.30 11.74
N PHE A 99 8.93 -11.62 11.50
CA PHE A 99 10.18 -12.30 11.18
C PHE A 99 10.52 -13.34 12.24
N GLY A 100 11.50 -14.18 11.94
CA GLY A 100 11.91 -15.22 12.87
C GLY A 100 12.81 -14.68 13.97
N VAL A 101 12.36 -13.63 14.64
CA VAL A 101 13.12 -13.02 15.72
C VAL A 101 12.73 -13.60 17.07
N PRO A 102 13.74 -14.04 17.85
CA PRO A 102 13.51 -14.63 19.18
C PRO A 102 13.02 -13.60 20.19
N VAL A 103 12.63 -14.08 21.36
CA VAL A 103 12.14 -13.19 22.42
C VAL A 103 13.28 -12.38 23.02
N GLN A 104 13.42 -11.14 22.55
CA GLN A 104 14.47 -10.25 23.04
C GLN A 104 13.96 -9.36 24.16
N PRO A 105 14.77 -9.21 25.22
CA PRO A 105 14.42 -8.39 26.38
C PRO A 105 14.40 -6.91 26.06
N PRO A 106 13.64 -6.13 26.84
CA PRO A 106 13.53 -4.68 26.65
C PRO A 106 14.81 -3.95 27.01
N ARG A 107 14.83 -2.64 26.76
CA ARG A 107 16.00 -1.83 27.06
C ARG A 107 16.56 -2.16 28.44
N PRO A 108 17.88 -2.00 28.60
CA PRO A 108 18.57 -2.28 29.86
C PRO A 108 18.21 -1.29 30.96
N THR A 109 17.39 -1.72 31.91
CA THR A 109 16.97 -0.86 33.01
C THR A 109 17.88 -1.03 34.21
N ASP A 110 18.76 -0.06 34.43
CA ASP A 110 19.69 -0.10 35.55
C ASP A 110 19.60 1.18 36.37
N PRO A 111 18.63 1.22 37.30
CA PRO A 111 18.41 2.37 38.17
C PRO A 111 19.53 2.55 39.19
N ASN A 112 20.49 1.62 39.18
CA ASN A 112 21.61 1.67 40.11
C ASN A 112 22.76 2.50 39.53
N LEU A 113 23.01 2.33 38.24
CA LEU A 113 24.07 3.06 37.56
C LEU A 113 23.51 3.95 36.46
N ILE A 114 23.95 5.21 36.43
CA ILE A 114 23.48 6.16 35.43
C ILE A 114 24.48 6.25 34.28
N PRO A 115 23.96 6.31 33.05
CA PRO A 115 24.78 6.42 31.84
C PRO A 115 25.46 7.78 31.72
N SER A 116 26.80 7.76 31.74
CA SER A 116 27.56 9.01 31.64
C SER A 116 28.42 9.01 30.37
N ALA A 117 28.99 10.16 30.06
CA ALA A 117 29.84 10.30 28.87
C ALA A 117 30.52 11.66 28.84
N PRO A 118 31.76 11.68 28.35
CA PRO A 118 32.56 12.91 28.25
C PRO A 118 32.03 13.87 27.20
N GLY A 1 -12.18 9.64 -40.80
CA GLY A 1 -12.56 9.83 -39.41
C GLY A 1 -11.44 10.44 -38.59
N SER A 2 -11.31 10.00 -37.34
CA SER A 2 -10.28 10.49 -36.45
C SER A 2 -9.73 9.37 -35.58
N SER A 3 -8.53 9.58 -35.03
CA SER A 3 -7.88 8.59 -34.19
C SER A 3 -8.32 8.75 -32.73
N GLY A 4 -9.15 7.82 -32.26
CA GLY A 4 -9.62 7.87 -30.89
C GLY A 4 -10.82 6.99 -30.66
N SER A 5 -10.62 5.91 -29.91
CA SER A 5 -11.71 4.97 -29.62
C SER A 5 -12.20 5.14 -28.19
N SER A 6 -13.52 5.06 -28.02
CA SER A 6 -14.13 5.21 -26.69
C SER A 6 -14.31 3.85 -26.03
N GLY A 7 -13.61 3.65 -24.91
CA GLY A 7 -13.71 2.39 -24.19
C GLY A 7 -13.29 2.52 -22.74
N PRO A 8 -13.75 1.58 -21.90
CA PRO A 8 -13.42 1.57 -20.47
C PRO A 8 -11.96 1.23 -20.21
N PRO A 9 -11.48 1.59 -19.01
CA PRO A 9 -10.09 1.33 -18.61
C PRO A 9 -9.81 -0.16 -18.39
N VAL A 10 -8.72 -0.63 -18.98
CA VAL A 10 -8.34 -2.04 -18.85
C VAL A 10 -6.98 -2.17 -18.17
N ILE A 11 -6.95 -2.90 -17.06
CA ILE A 11 -5.72 -3.12 -16.32
C ILE A 11 -4.85 -4.18 -16.98
N ARG A 12 -3.73 -3.74 -17.55
CA ARG A 12 -2.81 -4.64 -18.22
C ARG A 12 -2.08 -5.52 -17.21
N GLN A 13 -1.46 -4.89 -16.22
CA GLN A 13 -0.73 -5.61 -15.18
C GLN A 13 -1.10 -5.10 -13.80
N GLY A 14 -1.97 -5.84 -13.11
CA GLY A 14 -2.39 -5.44 -11.78
C GLY A 14 -1.56 -6.10 -10.70
N PRO A 15 -1.58 -5.50 -9.49
CA PRO A 15 -0.83 -6.01 -8.34
C PRO A 15 -1.39 -7.34 -7.82
N VAL A 16 -0.50 -8.26 -7.49
CA VAL A 16 -0.91 -9.57 -6.97
C VAL A 16 -0.69 -9.65 -5.46
N ASN A 17 -0.95 -10.82 -4.89
CA ASN A 17 -0.78 -11.04 -3.46
C ASN A 17 0.63 -11.50 -3.15
N GLN A 18 1.27 -10.83 -2.19
CA GLN A 18 2.63 -11.17 -1.79
C GLN A 18 2.76 -11.20 -0.27
N THR A 19 3.76 -11.92 0.23
CA THR A 19 4.00 -12.03 1.66
C THR A 19 5.23 -11.24 2.07
N VAL A 20 5.10 -10.41 3.10
CA VAL A 20 6.20 -9.61 3.59
C VAL A 20 6.29 -9.65 5.11
N ALA A 21 7.50 -9.75 5.63
CA ALA A 21 7.71 -9.80 7.08
C ALA A 21 7.34 -8.46 7.73
N VAL A 22 7.23 -8.48 9.06
CA VAL A 22 6.88 -7.28 9.80
C VAL A 22 7.87 -6.15 9.52
N ASP A 23 7.43 -4.91 9.71
CA ASP A 23 8.27 -3.75 9.48
C ASP A 23 9.12 -3.93 8.23
N GLY A 24 8.64 -4.76 7.32
CA GLY A 24 9.37 -5.01 6.09
C GLY A 24 9.17 -3.93 5.05
N THR A 25 8.91 -4.32 3.81
CA THR A 25 8.70 -3.36 2.74
C THR A 25 7.99 -4.03 1.55
N PHE A 26 6.74 -3.63 1.32
CA PHE A 26 5.95 -4.19 0.23
C PHE A 26 5.46 -3.07 -0.69
N VAL A 27 5.58 -3.30 -2.00
CA VAL A 27 5.15 -2.32 -2.99
C VAL A 27 4.22 -2.96 -4.03
N LEU A 28 3.16 -2.25 -4.39
CA LEU A 28 2.21 -2.74 -5.37
C LEU A 28 2.07 -1.77 -6.54
N SER A 29 2.08 -2.31 -7.75
CA SER A 29 1.96 -1.49 -8.96
C SER A 29 0.72 -1.88 -9.76
N CYS A 30 0.05 -0.88 -10.32
CA CYS A 30 -1.15 -1.11 -11.10
C CYS A 30 -1.08 -0.35 -12.43
N VAL A 31 -1.27 -1.08 -13.53
CA VAL A 31 -1.23 -0.46 -14.85
C VAL A 31 -2.57 -0.62 -15.57
N ALA A 32 -3.08 0.48 -16.11
CA ALA A 32 -4.35 0.47 -16.82
C ALA A 32 -4.43 1.61 -17.83
N THR A 33 -5.09 1.36 -18.95
CA THR A 33 -5.24 2.35 -20.01
C THR A 33 -6.41 3.28 -19.73
N GLY A 34 -6.60 4.27 -20.59
CA GLY A 34 -7.69 5.21 -20.42
C GLY A 34 -7.27 6.64 -20.65
N SER A 35 -7.99 7.33 -21.54
CA SER A 35 -7.67 8.72 -21.87
C SER A 35 -8.79 9.65 -21.42
N PRO A 36 -8.46 10.63 -20.59
CA PRO A 36 -7.08 10.83 -20.12
C PRO A 36 -6.64 9.74 -19.15
N VAL A 37 -5.36 9.76 -18.79
CA VAL A 37 -4.80 8.77 -17.87
C VAL A 37 -5.72 8.56 -16.68
N PRO A 38 -5.97 7.28 -16.34
CA PRO A 38 -6.82 6.92 -15.21
C PRO A 38 -6.20 7.26 -13.86
N THR A 39 -7.04 7.47 -12.86
CA THR A 39 -6.57 7.81 -11.53
C THR A 39 -6.32 6.55 -10.69
N ILE A 40 -5.06 6.24 -10.45
CA ILE A 40 -4.69 5.07 -9.67
C ILE A 40 -4.85 5.32 -8.18
N LEU A 41 -5.87 4.71 -7.58
CA LEU A 41 -6.13 4.87 -6.16
C LEU A 41 -5.70 3.63 -5.37
N TRP A 42 -5.85 3.68 -4.06
CA TRP A 42 -5.48 2.57 -3.20
C TRP A 42 -6.46 2.42 -2.04
N ARG A 43 -6.52 1.23 -1.46
CA ARG A 43 -7.41 0.96 -0.35
C ARG A 43 -6.68 0.21 0.77
N LYS A 44 -7.13 0.42 2.00
CA LYS A 44 -6.51 -0.23 3.16
C LYS A 44 -7.58 -0.79 4.09
N ASP A 45 -7.88 -2.07 3.94
CA ASP A 45 -8.88 -2.73 4.78
C ASP A 45 -10.18 -1.94 4.79
N GLY A 46 -10.68 -1.61 3.60
CA GLY A 46 -11.92 -0.86 3.49
C GLY A 46 -11.71 0.63 3.74
N VAL A 47 -10.47 1.01 4.01
CA VAL A 47 -10.15 2.41 4.27
C VAL A 47 -9.16 2.95 3.23
N LEU A 48 -9.62 3.90 2.43
CA LEU A 48 -8.78 4.50 1.40
C LEU A 48 -7.43 4.93 1.96
N VAL A 49 -6.40 4.88 1.14
CA VAL A 49 -5.06 5.27 1.56
C VAL A 49 -4.88 6.78 1.51
N SER A 50 -4.25 7.33 2.54
CA SER A 50 -4.02 8.77 2.62
C SER A 50 -2.73 9.15 1.91
N THR A 51 -2.03 8.15 1.37
CA THR A 51 -0.78 8.38 0.67
C THR A 51 -0.02 9.56 1.26
N GLN A 52 -0.10 9.70 2.59
CA GLN A 52 0.58 10.79 3.28
C GLN A 52 1.55 10.25 4.32
N ASP A 53 1.14 9.21 5.03
CA ASP A 53 1.98 8.59 6.05
C ASP A 53 3.31 8.15 5.47
N SER A 54 4.40 8.61 6.08
CA SER A 54 5.74 8.27 5.61
C SER A 54 5.78 6.84 5.07
N ARG A 55 5.10 5.93 5.76
CA ARG A 55 5.05 4.53 5.36
C ARG A 55 4.69 4.40 3.88
N ILE A 56 3.61 5.07 3.49
CA ILE A 56 3.16 5.03 2.10
C ILE A 56 3.79 6.16 1.29
N LYS A 57 4.36 5.80 0.13
CA LYS A 57 4.99 6.79 -0.74
C LYS A 57 4.82 6.41 -2.21
N GLN A 58 4.33 7.35 -3.00
CA GLN A 58 4.12 7.10 -4.42
C GLN A 58 5.40 7.35 -5.22
N LEU A 59 6.08 6.27 -5.57
CA LEU A 59 7.31 6.37 -6.34
C LEU A 59 7.18 7.38 -7.48
N GLU A 60 6.47 6.97 -8.53
CA GLU A 60 6.27 7.83 -9.68
C GLU A 60 4.77 7.96 -10.01
N ASN A 61 4.14 6.83 -10.30
CA ASN A 61 2.72 6.82 -10.62
C ASN A 61 2.17 5.39 -10.62
N GLY A 62 1.13 5.17 -9.82
CA GLY A 62 0.53 3.85 -9.74
C GLY A 62 1.34 2.90 -8.88
N VAL A 63 2.56 3.31 -8.55
CA VAL A 63 3.44 2.48 -7.72
C VAL A 63 3.42 2.95 -6.28
N LEU A 64 2.84 2.13 -5.39
CA LEU A 64 2.76 2.47 -3.98
C LEU A 64 3.63 1.53 -3.15
N GLN A 65 4.67 2.07 -2.53
CA GLN A 65 5.58 1.28 -1.71
C GLN A 65 5.40 1.61 -0.23
N ILE A 66 4.79 0.68 0.51
CA ILE A 66 4.56 0.88 1.94
C ILE A 66 5.68 0.24 2.76
N ARG A 67 6.36 1.07 3.55
CA ARG A 67 7.45 0.58 4.39
C ARG A 67 7.00 0.47 5.85
N TYR A 68 7.72 -0.33 6.63
CA TYR A 68 7.40 -0.53 8.03
C TYR A 68 6.04 -1.22 8.18
N ALA A 69 5.82 -2.26 7.39
CA ALA A 69 4.57 -3.01 7.44
C ALA A 69 4.38 -3.68 8.80
N LYS A 70 3.57 -3.05 9.65
CA LYS A 70 3.31 -3.58 10.98
C LYS A 70 2.18 -4.60 10.94
N LEU A 71 2.04 -5.37 12.02
CA LEU A 71 0.99 -6.38 12.11
C LEU A 71 -0.39 -5.76 11.95
N GLY A 72 -0.48 -4.45 12.22
CA GLY A 72 -1.74 -3.76 12.10
C GLY A 72 -1.97 -3.18 10.71
N ASP A 73 -1.05 -3.48 9.79
CA ASP A 73 -1.15 -2.99 8.43
C ASP A 73 -1.81 -4.02 7.53
N THR A 74 -1.63 -5.29 7.86
CA THR A 74 -2.21 -6.38 7.07
C THR A 74 -3.62 -6.03 6.63
N GLY A 75 -3.79 -5.78 5.34
CA GLY A 75 -5.10 -5.44 4.80
C GLY A 75 -5.22 -5.75 3.32
N ARG A 76 -6.30 -5.29 2.71
CA ARG A 76 -6.54 -5.53 1.29
C ARG A 76 -6.16 -4.30 0.46
N TYR A 77 -5.11 -4.43 -0.34
CA TYR A 77 -4.65 -3.33 -1.17
C TYR A 77 -5.09 -3.52 -2.63
N THR A 78 -6.11 -2.77 -3.03
CA THR A 78 -6.63 -2.87 -4.38
C THR A 78 -6.46 -1.54 -5.13
N CYS A 79 -6.14 -1.63 -6.42
CA CYS A 79 -5.94 -0.44 -7.24
C CYS A 79 -7.22 -0.10 -8.01
N ILE A 80 -7.48 1.19 -8.17
CA ILE A 80 -8.67 1.65 -8.88
C ILE A 80 -8.30 2.67 -9.94
N ALA A 81 -8.94 2.56 -11.11
CA ALA A 81 -8.69 3.47 -12.21
C ALA A 81 -9.97 4.17 -12.65
N SER A 82 -10.13 5.42 -12.21
CA SER A 82 -11.32 6.19 -12.55
C SER A 82 -11.12 6.93 -13.87
N THR A 83 -12.11 6.85 -14.75
CA THR A 83 -12.05 7.52 -16.04
C THR A 83 -13.43 8.00 -16.48
N PRO A 84 -13.45 8.96 -17.42
CA PRO A 84 -14.69 9.53 -17.95
C PRO A 84 -15.47 8.53 -18.80
N SER A 85 -14.88 7.36 -19.02
CA SER A 85 -15.52 6.33 -19.82
C SER A 85 -15.99 5.17 -18.94
N GLY A 86 -15.34 5.01 -17.79
CA GLY A 86 -15.70 3.94 -16.88
C GLY A 86 -14.76 3.83 -15.70
N GLU A 87 -14.77 2.68 -15.03
CA GLU A 87 -13.90 2.46 -13.88
C GLU A 87 -13.68 0.97 -13.65
N ALA A 88 -12.47 0.61 -13.24
CA ALA A 88 -12.13 -0.78 -12.98
C ALA A 88 -11.27 -0.91 -11.72
N THR A 89 -11.14 -2.13 -11.22
CA THR A 89 -10.35 -2.39 -10.03
C THR A 89 -9.61 -3.72 -10.13
N TRP A 90 -8.55 -3.86 -9.34
CA TRP A 90 -7.76 -5.09 -9.34
C TRP A 90 -7.79 -5.76 -7.97
N SER A 91 -7.51 -7.07 -7.96
CA SER A 91 -7.52 -7.83 -6.72
C SER A 91 -6.09 -8.06 -6.22
N ALA A 92 -5.87 -7.75 -4.95
CA ALA A 92 -4.55 -7.92 -4.35
C ALA A 92 -4.62 -7.80 -2.83
N TYR A 93 -3.80 -8.58 -2.13
CA TYR A 93 -3.77 -8.56 -0.68
C TYR A 93 -2.35 -8.79 -0.16
N ILE A 94 -2.04 -8.18 0.97
CA ILE A 94 -0.72 -8.31 1.57
C ILE A 94 -0.82 -8.85 2.99
N GLU A 95 0.09 -9.78 3.33
CA GLU A 95 0.10 -10.38 4.66
C GLU A 95 1.41 -10.07 5.37
N VAL A 96 1.29 -9.61 6.62
CA VAL A 96 2.46 -9.27 7.42
C VAL A 96 2.73 -10.34 8.48
N GLN A 97 3.88 -10.99 8.37
CA GLN A 97 4.25 -12.04 9.32
C GLN A 97 5.51 -11.64 10.09
N GLU A 98 5.52 -11.93 11.39
CA GLU A 98 6.66 -11.61 12.24
C GLU A 98 7.90 -12.35 11.79
N PHE A 99 9.07 -11.90 12.24
CA PHE A 99 10.33 -12.52 11.88
C PHE A 99 10.80 -13.48 12.97
N GLY A 100 9.88 -13.84 13.86
CA GLY A 100 10.21 -14.75 14.95
C GLY A 100 10.89 -14.05 16.11
N VAL A 101 11.74 -13.07 15.81
CA VAL A 101 12.45 -12.33 16.83
C VAL A 101 11.50 -11.90 17.95
N PRO A 102 11.80 -12.32 19.19
CA PRO A 102 10.99 -11.98 20.36
C PRO A 102 11.10 -10.51 20.73
N VAL A 103 10.00 -9.95 21.23
CA VAL A 103 9.98 -8.55 21.63
C VAL A 103 10.73 -8.33 22.94
N GLN A 104 12.03 -8.06 22.82
CA GLN A 104 12.87 -7.84 23.99
C GLN A 104 13.52 -6.47 23.94
N PRO A 105 13.66 -5.82 25.10
CA PRO A 105 14.26 -4.49 25.21
C PRO A 105 15.76 -4.52 24.95
N PRO A 106 16.26 -3.47 24.27
CA PRO A 106 17.69 -3.34 23.95
C PRO A 106 18.55 -3.09 25.18
N ARG A 107 19.87 -3.22 25.01
CA ARG A 107 20.79 -3.00 26.11
C ARG A 107 20.50 -1.69 26.83
N PRO A 108 20.70 -1.67 28.16
CA PRO A 108 20.46 -0.49 28.98
C PRO A 108 21.47 0.62 28.71
N THR A 109 21.25 1.77 29.34
CA THR A 109 22.15 2.91 29.16
C THR A 109 22.73 3.36 30.50
N ASP A 110 24.05 3.56 30.53
CA ASP A 110 24.73 4.00 31.74
C ASP A 110 25.45 5.32 31.52
N PRO A 111 24.68 6.39 31.29
CA PRO A 111 25.24 7.73 31.06
C PRO A 111 25.87 8.32 32.31
N ASN A 112 25.58 7.72 33.46
CA ASN A 112 26.12 8.18 34.73
C ASN A 112 27.07 7.16 35.33
N LEU A 113 27.81 6.47 34.47
CA LEU A 113 28.75 5.46 34.92
C LEU A 113 30.19 5.91 34.68
N ILE A 114 31.04 5.74 35.69
CA ILE A 114 32.43 6.12 35.58
C ILE A 114 33.12 5.41 34.42
N PRO A 115 33.94 6.15 33.67
CA PRO A 115 34.68 5.61 32.52
C PRO A 115 35.78 4.65 32.94
N SER A 116 35.98 4.51 34.25
CA SER A 116 37.00 3.63 34.78
C SER A 116 36.94 3.57 36.30
N ALA A 117 37.83 2.80 36.90
CA ALA A 117 37.88 2.67 38.35
C ALA A 117 39.29 2.89 38.88
N PRO A 118 39.39 3.63 40.00
CA PRO A 118 40.68 3.94 40.62
C PRO A 118 41.33 2.71 41.26
N GLY A 1 -15.65 6.82 -33.36
CA GLY A 1 -16.61 6.98 -32.28
C GLY A 1 -16.99 8.42 -32.04
N SER A 2 -18.26 8.65 -31.70
CA SER A 2 -18.75 9.99 -31.45
C SER A 2 -18.54 10.39 -29.99
N SER A 3 -18.99 9.52 -29.09
CA SER A 3 -18.86 9.77 -27.66
C SER A 3 -17.46 9.39 -27.17
N GLY A 4 -17.02 8.20 -27.54
CA GLY A 4 -15.71 7.73 -27.12
C GLY A 4 -15.17 6.64 -28.02
N SER A 5 -13.89 6.73 -28.36
CA SER A 5 -13.26 5.74 -29.23
C SER A 5 -12.89 4.49 -28.43
N SER A 6 -12.17 4.67 -27.33
CA SER A 6 -11.75 3.56 -26.49
C SER A 6 -12.77 3.28 -25.39
N GLY A 7 -12.83 2.04 -24.93
CA GLY A 7 -13.76 1.68 -23.89
C GLY A 7 -13.26 2.05 -22.51
N PRO A 8 -13.74 1.32 -21.49
CA PRO A 8 -13.36 1.57 -20.09
C PRO A 8 -11.91 1.16 -19.82
N PRO A 9 -11.39 1.58 -18.66
CA PRO A 9 -10.01 1.27 -18.25
C PRO A 9 -9.82 -0.20 -17.91
N VAL A 10 -8.85 -0.83 -18.56
CA VAL A 10 -8.56 -2.24 -18.33
C VAL A 10 -7.19 -2.43 -17.69
N ILE A 11 -7.18 -2.83 -16.43
CA ILE A 11 -5.93 -3.04 -15.70
C ILE A 11 -5.26 -4.34 -16.15
N ARG A 12 -4.24 -4.20 -16.99
CA ARG A 12 -3.51 -5.36 -17.50
C ARG A 12 -2.54 -5.89 -16.44
N GLN A 13 -1.77 -4.99 -15.84
CA GLN A 13 -0.81 -5.37 -14.81
C GLN A 13 -1.17 -4.76 -13.47
N GLY A 14 -1.76 -5.57 -12.59
CA GLY A 14 -2.15 -5.07 -11.28
C GLY A 14 -1.31 -5.66 -10.18
N PRO A 15 -1.62 -5.28 -8.92
CA PRO A 15 -0.89 -5.77 -7.75
C PRO A 15 -1.15 -7.24 -7.47
N VAL A 16 -0.07 -8.00 -7.24
CA VAL A 16 -0.18 -9.42 -6.96
C VAL A 16 -0.05 -9.70 -5.47
N ASN A 17 -0.45 -10.89 -5.05
CA ASN A 17 -0.37 -11.28 -3.64
C ASN A 17 1.05 -11.72 -3.28
N GLN A 18 1.65 -11.01 -2.34
CA GLN A 18 3.00 -11.32 -1.88
C GLN A 18 3.09 -11.30 -0.37
N THR A 19 4.01 -12.09 0.17
CA THR A 19 4.21 -12.16 1.62
C THR A 19 5.35 -11.26 2.07
N VAL A 20 5.16 -10.61 3.21
CA VAL A 20 6.18 -9.72 3.76
C VAL A 20 6.22 -9.80 5.28
N ALA A 21 7.42 -9.63 5.84
CA ALA A 21 7.60 -9.67 7.29
C ALA A 21 7.29 -8.33 7.93
N VAL A 22 7.03 -8.35 9.24
CA VAL A 22 6.72 -7.13 9.97
C VAL A 22 7.76 -6.05 9.72
N ASP A 23 7.34 -4.79 9.79
CA ASP A 23 8.23 -3.66 9.57
C ASP A 23 9.08 -3.89 8.32
N GLY A 24 8.56 -4.68 7.38
CA GLY A 24 9.29 -4.95 6.16
C GLY A 24 9.05 -3.91 5.09
N THR A 25 8.89 -4.36 3.85
CA THR A 25 8.66 -3.46 2.73
C THR A 25 8.02 -4.19 1.55
N PHE A 26 6.85 -3.73 1.13
CA PHE A 26 6.13 -4.34 0.02
C PHE A 26 5.74 -3.29 -1.02
N VAL A 27 6.06 -3.58 -2.29
CA VAL A 27 5.74 -2.66 -3.36
C VAL A 27 4.56 -3.16 -4.20
N LEU A 28 3.69 -2.25 -4.60
CA LEU A 28 2.53 -2.60 -5.39
C LEU A 28 2.44 -1.73 -6.65
N SER A 29 2.28 -2.38 -7.80
CA SER A 29 2.19 -1.67 -9.07
C SER A 29 0.81 -1.86 -9.70
N CYS A 30 0.41 -0.92 -10.54
CA CYS A 30 -0.89 -0.98 -11.21
C CYS A 30 -0.86 -0.19 -12.51
N VAL A 31 -1.22 -0.85 -13.60
CA VAL A 31 -1.26 -0.21 -14.91
C VAL A 31 -2.61 -0.40 -15.59
N ALA A 32 -3.19 0.71 -16.04
CA ALA A 32 -4.48 0.67 -16.70
C ALA A 32 -4.50 1.57 -17.93
N THR A 33 -4.96 1.02 -19.06
CA THR A 33 -5.02 1.77 -20.30
C THR A 33 -6.18 2.76 -20.29
N GLY A 34 -6.15 3.72 -21.21
CA GLY A 34 -7.19 4.71 -21.29
C GLY A 34 -6.66 6.12 -21.51
N SER A 35 -7.48 6.97 -22.11
CA SER A 35 -7.08 8.35 -22.38
C SER A 35 -8.14 9.34 -21.91
N PRO A 36 -7.75 10.27 -21.03
CA PRO A 36 -6.36 10.36 -20.55
C PRO A 36 -5.98 9.21 -19.63
N VAL A 37 -4.82 9.30 -19.01
CA VAL A 37 -4.34 8.26 -18.10
C VAL A 37 -5.25 8.14 -16.89
N PRO A 38 -5.57 6.89 -16.51
CA PRO A 38 -6.44 6.61 -15.37
C PRO A 38 -5.77 6.94 -14.04
N THR A 39 -6.58 7.31 -13.05
CA THR A 39 -6.06 7.66 -11.73
C THR A 39 -5.81 6.41 -10.89
N ILE A 40 -4.56 6.24 -10.47
CA ILE A 40 -4.18 5.09 -9.66
C ILE A 40 -4.35 5.38 -8.17
N LEU A 41 -5.34 4.76 -7.55
CA LEU A 41 -5.61 4.95 -6.12
C LEU A 41 -5.38 3.65 -5.35
N TRP A 42 -5.45 3.75 -4.03
CA TRP A 42 -5.25 2.59 -3.17
C TRP A 42 -6.22 2.61 -2.00
N ARG A 43 -6.67 1.43 -1.58
CA ARG A 43 -7.60 1.32 -0.46
C ARG A 43 -7.23 0.14 0.43
N LYS A 44 -7.33 0.35 1.75
CA LYS A 44 -7.00 -0.69 2.72
C LYS A 44 -8.26 -1.17 3.44
N ASP A 45 -8.73 -2.35 3.08
CA ASP A 45 -9.92 -2.93 3.72
C ASP A 45 -11.15 -2.09 3.40
N GLY A 46 -11.20 -1.55 2.18
CA GLY A 46 -12.33 -0.73 1.77
C GLY A 46 -12.25 0.68 2.33
N VAL A 47 -11.04 1.16 2.55
CA VAL A 47 -10.84 2.50 3.09
C VAL A 47 -9.73 3.23 2.34
N LEU A 48 -9.89 4.54 2.18
CA LEU A 48 -8.90 5.35 1.49
C LEU A 48 -7.56 5.31 2.21
N VAL A 49 -6.50 4.99 1.47
CA VAL A 49 -5.16 4.91 2.03
C VAL A 49 -4.63 6.30 2.38
N SER A 50 -3.84 6.38 3.44
CA SER A 50 -3.26 7.65 3.87
C SER A 50 -1.88 7.85 3.27
N THR A 51 -1.85 8.26 2.00
CA THR A 51 -0.59 8.49 1.30
C THR A 51 0.21 9.60 1.97
N GLN A 52 -0.41 10.29 2.92
CA GLN A 52 0.24 11.38 3.63
C GLN A 52 1.18 10.83 4.71
N ASP A 53 0.98 9.57 5.09
CA ASP A 53 1.80 8.93 6.10
C ASP A 53 3.15 8.53 5.53
N SER A 54 4.22 9.00 6.16
CA SER A 54 5.58 8.70 5.71
C SER A 54 5.67 7.27 5.19
N ARG A 55 5.07 6.34 5.93
CA ARG A 55 5.09 4.93 5.54
C ARG A 55 4.62 4.76 4.10
N ILE A 56 3.45 5.31 3.78
CA ILE A 56 2.90 5.22 2.44
C ILE A 56 3.27 6.44 1.61
N LYS A 57 3.84 6.20 0.43
CA LYS A 57 4.23 7.28 -0.46
C LYS A 57 4.10 6.86 -1.92
N GLN A 58 3.71 7.81 -2.77
CA GLN A 58 3.55 7.53 -4.20
C GLN A 58 4.81 7.91 -4.98
N LEU A 59 5.41 6.93 -5.64
CA LEU A 59 6.61 7.16 -6.42
C LEU A 59 6.27 7.52 -7.87
N GLU A 60 5.78 6.54 -8.61
CA GLU A 60 5.41 6.75 -10.00
C GLU A 60 3.89 6.82 -10.17
N ASN A 61 3.43 6.92 -11.40
CA ASN A 61 2.01 6.99 -11.69
C ASN A 61 1.24 5.95 -10.88
N GLY A 62 1.36 4.69 -11.26
CA GLY A 62 0.67 3.62 -10.57
C GLY A 62 1.63 2.76 -9.75
N VAL A 63 2.45 3.40 -8.93
CA VAL A 63 3.40 2.69 -8.10
C VAL A 63 3.39 3.22 -6.67
N LEU A 64 3.17 2.32 -5.71
CA LEU A 64 3.14 2.70 -4.31
C LEU A 64 4.02 1.77 -3.47
N GLN A 65 4.89 2.37 -2.65
CA GLN A 65 5.78 1.59 -1.80
C GLN A 65 5.55 1.91 -0.33
N ILE A 66 5.18 0.89 0.43
CA ILE A 66 4.91 1.05 1.86
C ILE A 66 6.02 0.44 2.70
N ARG A 67 6.69 1.27 3.49
CA ARG A 67 7.78 0.81 4.34
C ARG A 67 7.31 0.62 5.78
N TYR A 68 7.95 -0.30 6.49
CA TYR A 68 7.59 -0.58 7.87
C TYR A 68 6.20 -1.20 7.96
N ALA A 69 5.99 -2.26 7.19
CA ALA A 69 4.71 -2.96 7.18
C ALA A 69 4.44 -3.64 8.51
N LYS A 70 3.64 -3.00 9.35
CA LYS A 70 3.31 -3.55 10.66
C LYS A 70 2.21 -4.59 10.55
N LEU A 71 1.90 -5.25 11.66
CA LEU A 71 0.86 -6.27 11.68
C LEU A 71 -0.51 -5.67 11.37
N GLY A 72 -0.74 -4.45 11.84
CA GLY A 72 -2.00 -3.79 11.60
C GLY A 72 -2.21 -3.45 10.13
N ASP A 73 -1.18 -3.66 9.33
CA ASP A 73 -1.25 -3.37 7.89
C ASP A 73 -1.94 -4.51 7.15
N THR A 74 -1.79 -5.73 7.66
CA THR A 74 -2.40 -6.90 7.04
C THR A 74 -3.82 -6.60 6.59
N GLY A 75 -3.96 -6.23 5.32
CA GLY A 75 -5.28 -5.93 4.78
C GLY A 75 -5.40 -6.28 3.32
N ARG A 76 -6.60 -6.11 2.76
CA ARG A 76 -6.84 -6.41 1.35
C ARG A 76 -6.58 -5.19 0.48
N TYR A 77 -5.50 -5.23 -0.28
CA TYR A 77 -5.13 -4.13 -1.16
C TYR A 77 -5.86 -4.24 -2.50
N THR A 78 -6.37 -3.11 -2.98
CA THR A 78 -7.09 -3.07 -4.25
C THR A 78 -6.75 -1.82 -5.04
N CYS A 79 -6.70 -1.95 -6.36
CA CYS A 79 -6.39 -0.82 -7.23
C CYS A 79 -7.66 -0.21 -7.81
N ILE A 80 -7.60 1.07 -8.16
CA ILE A 80 -8.75 1.77 -8.72
C ILE A 80 -8.31 2.70 -9.84
N ALA A 81 -8.95 2.55 -11.01
CA ALA A 81 -8.64 3.38 -12.16
C ALA A 81 -9.85 4.19 -12.60
N SER A 82 -9.85 5.47 -12.26
CA SER A 82 -10.96 6.36 -12.61
C SER A 82 -10.71 7.03 -13.96
N THR A 83 -11.72 7.01 -14.83
CA THR A 83 -11.60 7.62 -16.14
C THR A 83 -12.92 8.25 -16.57
N PRO A 84 -12.85 9.16 -17.55
CA PRO A 84 -14.03 9.85 -18.07
C PRO A 84 -14.95 8.93 -18.87
N SER A 85 -14.51 7.68 -19.04
CA SER A 85 -15.29 6.70 -19.78
C SER A 85 -15.84 5.62 -18.85
N GLY A 86 -15.18 5.44 -17.71
CA GLY A 86 -15.61 4.45 -16.75
C GLY A 86 -14.63 4.28 -15.60
N GLU A 87 -14.71 3.14 -14.92
CA GLU A 87 -13.83 2.88 -13.79
C GLU A 87 -13.70 1.37 -13.56
N ALA A 88 -12.53 0.95 -13.07
CA ALA A 88 -12.28 -0.45 -12.79
C ALA A 88 -11.38 -0.63 -11.57
N THR A 89 -11.28 -1.86 -11.08
CA THR A 89 -10.46 -2.15 -9.91
C THR A 89 -9.76 -3.50 -10.06
N TRP A 90 -8.76 -3.74 -9.22
CA TRP A 90 -8.02 -4.99 -9.26
C TRP A 90 -8.07 -5.70 -7.90
N SER A 91 -7.80 -7.00 -7.92
CA SER A 91 -7.83 -7.80 -6.69
C SER A 91 -6.41 -8.11 -6.22
N ALA A 92 -6.17 -7.93 -4.93
CA ALA A 92 -4.86 -8.19 -4.35
C ALA A 92 -4.93 -8.23 -2.83
N TYR A 93 -4.01 -8.96 -2.21
CA TYR A 93 -3.97 -9.08 -0.76
C TYR A 93 -2.53 -9.17 -0.26
N ILE A 94 -2.28 -8.62 0.92
CA ILE A 94 -0.95 -8.63 1.52
C ILE A 94 -0.99 -9.18 2.94
N GLU A 95 -0.05 -10.07 3.25
CA GLU A 95 0.02 -10.67 4.58
C GLU A 95 1.32 -10.26 5.28
N VAL A 96 1.19 -9.83 6.53
CA VAL A 96 2.34 -9.42 7.33
C VAL A 96 2.60 -10.39 8.47
N GLN A 97 3.76 -11.05 8.43
CA GLN A 97 4.12 -12.00 9.47
C GLN A 97 5.13 -11.38 10.44
N GLU A 98 4.98 -11.70 11.72
CA GLU A 98 5.87 -11.18 12.75
C GLU A 98 6.94 -12.21 13.11
N PHE A 99 8.18 -11.75 13.17
CA PHE A 99 9.30 -12.63 13.51
C PHE A 99 10.24 -11.96 14.51
N GLY A 100 10.53 -12.67 15.60
CA GLY A 100 11.41 -12.12 16.62
C GLY A 100 11.26 -10.62 16.78
N VAL A 101 10.03 -10.14 16.72
CA VAL A 101 9.75 -8.72 16.85
C VAL A 101 10.59 -8.10 17.97
N PRO A 102 11.33 -7.04 17.63
CA PRO A 102 12.20 -6.33 18.58
C PRO A 102 11.39 -5.56 19.62
N VAL A 103 11.97 -5.42 20.81
CA VAL A 103 11.31 -4.69 21.90
C VAL A 103 11.75 -3.23 21.94
N GLN A 104 10.79 -2.32 21.80
CA GLN A 104 11.09 -0.89 21.82
C GLN A 104 10.43 -0.23 23.02
N PRO A 105 11.07 0.85 23.53
CA PRO A 105 10.56 1.60 24.67
C PRO A 105 9.30 2.39 24.34
N PRO A 106 8.59 2.85 25.38
CA PRO A 106 7.36 3.63 25.23
C PRO A 106 7.61 5.02 24.66
N ARG A 107 6.54 5.76 24.41
CA ARG A 107 6.65 7.10 23.86
C ARG A 107 7.71 7.91 24.60
N PRO A 108 8.46 8.72 23.85
CA PRO A 108 9.53 9.56 24.41
C PRO A 108 8.98 10.70 25.26
N THR A 109 9.50 10.83 26.48
CA THR A 109 9.07 11.88 27.39
C THR A 109 10.01 12.01 28.57
N ASP A 110 10.11 13.22 29.10
CA ASP A 110 10.99 13.48 30.24
C ASP A 110 10.32 14.40 31.26
N PRO A 111 10.23 13.94 32.51
CA PRO A 111 9.61 14.70 33.60
C PRO A 111 10.42 15.94 33.99
N ASN A 112 11.75 15.82 33.91
CA ASN A 112 12.64 16.92 34.25
C ASN A 112 13.39 17.42 33.01
N LEU A 113 12.63 17.72 31.96
CA LEU A 113 13.22 18.22 30.73
C LEU A 113 13.86 19.59 30.93
N ILE A 114 14.61 20.04 29.93
CA ILE A 114 15.26 21.35 30.00
C ILE A 114 14.43 22.34 30.80
N PRO A 115 14.76 22.48 32.09
CA PRO A 115 14.05 23.39 33.00
C PRO A 115 14.33 24.85 32.68
N SER A 116 13.31 25.56 32.23
CA SER A 116 13.44 26.98 31.88
C SER A 116 12.30 27.79 32.48
N ALA A 117 12.48 29.11 32.50
CA ALA A 117 11.46 30.01 33.04
C ALA A 117 11.73 31.45 32.62
N PRO A 118 10.69 32.30 32.73
CA PRO A 118 10.78 33.71 32.36
C PRO A 118 11.66 34.50 33.33
N GLY A 1 -3.60 16.22 -31.41
CA GLY A 1 -2.60 15.41 -32.07
C GLY A 1 -3.09 14.00 -32.33
N SER A 2 -2.57 13.04 -31.56
CA SER A 2 -2.95 11.64 -31.72
C SER A 2 -4.36 11.40 -31.21
N SER A 3 -5.21 10.82 -32.07
CA SER A 3 -6.59 10.54 -31.70
C SER A 3 -6.68 9.28 -30.86
N GLY A 4 -6.24 8.15 -31.43
CA GLY A 4 -6.29 6.90 -30.71
C GLY A 4 -7.68 6.32 -30.64
N SER A 5 -7.93 5.52 -29.60
CA SER A 5 -9.24 4.89 -29.42
C SER A 5 -9.81 5.21 -28.03
N SER A 6 -11.02 4.75 -27.77
CA SER A 6 -11.67 4.98 -26.49
C SER A 6 -12.35 3.72 -25.99
N GLY A 7 -12.20 3.44 -24.70
CA GLY A 7 -12.81 2.25 -24.12
C GLY A 7 -12.66 2.20 -22.61
N PRO A 8 -13.17 1.13 -22.00
CA PRO A 8 -13.09 0.93 -20.55
C PRO A 8 -11.67 0.65 -20.07
N PRO A 9 -11.36 1.07 -18.83
CA PRO A 9 -10.04 0.88 -18.23
C PRO A 9 -9.77 -0.59 -17.91
N VAL A 10 -8.62 -1.09 -18.38
CA VAL A 10 -8.25 -2.47 -18.12
C VAL A 10 -6.83 -2.57 -17.55
N ILE A 11 -6.71 -3.26 -16.42
CA ILE A 11 -5.42 -3.42 -15.77
C ILE A 11 -4.66 -4.62 -16.33
N ARG A 12 -3.67 -4.34 -17.18
CA ARG A 12 -2.87 -5.40 -17.79
C ARG A 12 -1.92 -6.02 -16.77
N GLN A 13 -1.27 -5.17 -15.98
CA GLN A 13 -0.33 -5.64 -14.97
C GLN A 13 -0.56 -4.90 -13.65
N GLY A 14 -1.21 -5.58 -12.71
CA GLY A 14 -1.48 -4.97 -11.42
C GLY A 14 -0.78 -5.70 -10.29
N PRO A 15 -1.03 -5.26 -9.04
CA PRO A 15 -0.43 -5.87 -7.85
C PRO A 15 -0.98 -7.26 -7.57
N VAL A 16 -0.09 -8.18 -7.22
CA VAL A 16 -0.48 -9.56 -6.92
C VAL A 16 -0.27 -9.88 -5.46
N ASN A 17 -1.01 -10.86 -4.95
CA ASN A 17 -0.90 -11.27 -3.55
C ASN A 17 0.52 -11.73 -3.24
N GLN A 18 1.15 -11.05 -2.28
CA GLN A 18 2.51 -11.38 -1.88
C GLN A 18 2.66 -11.30 -0.37
N THR A 19 3.46 -12.21 0.20
CA THR A 19 3.69 -12.24 1.63
C THR A 19 4.92 -11.41 2.01
N VAL A 20 4.82 -10.69 3.12
CA VAL A 20 5.92 -9.86 3.59
C VAL A 20 6.14 -10.03 5.08
N ALA A 21 7.38 -9.88 5.52
CA ALA A 21 7.71 -10.01 6.94
C ALA A 21 7.53 -8.68 7.68
N VAL A 22 7.24 -8.76 8.97
CA VAL A 22 7.03 -7.57 9.78
C VAL A 22 8.08 -6.51 9.46
N ASP A 23 7.72 -5.24 9.68
CA ASP A 23 8.62 -4.14 9.42
C ASP A 23 9.44 -4.38 8.16
N GLY A 24 8.82 -5.04 7.19
CA GLY A 24 9.51 -5.33 5.94
C GLY A 24 9.33 -4.22 4.91
N THR A 25 8.92 -4.61 3.70
CA THR A 25 8.72 -3.64 2.63
C THR A 25 7.90 -4.23 1.50
N PHE A 26 6.73 -3.66 1.26
CA PHE A 26 5.85 -4.14 0.20
C PHE A 26 5.37 -2.99 -0.67
N VAL A 27 5.44 -3.18 -1.99
CA VAL A 27 5.03 -2.15 -2.94
C VAL A 27 4.02 -2.71 -3.93
N LEU A 28 3.01 -1.92 -4.25
CA LEU A 28 1.97 -2.32 -5.20
C LEU A 28 2.01 -1.46 -6.45
N SER A 29 2.09 -2.12 -7.61
CA SER A 29 2.13 -1.40 -8.88
C SER A 29 0.90 -1.72 -9.73
N CYS A 30 0.16 -0.69 -10.11
CA CYS A 30 -1.04 -0.85 -10.92
C CYS A 30 -0.88 -0.16 -12.27
N VAL A 31 -1.10 -0.91 -13.34
CA VAL A 31 -0.99 -0.38 -14.70
C VAL A 31 -2.27 -0.62 -15.49
N ALA A 32 -3.00 0.46 -15.75
CA ALA A 32 -4.24 0.38 -16.50
C ALA A 32 -4.22 1.31 -17.71
N THR A 33 -4.95 0.93 -18.76
CA THR A 33 -5.02 1.73 -19.97
C THR A 33 -6.22 2.65 -19.96
N GLY A 34 -6.16 3.73 -20.75
CA GLY A 34 -7.26 4.67 -20.81
C GLY A 34 -6.81 6.08 -21.14
N SER A 35 -7.58 6.77 -21.96
CA SER A 35 -7.25 8.13 -22.35
C SER A 35 -8.39 9.09 -22.02
N PRO A 36 -8.06 10.14 -21.25
CA PRO A 36 -6.71 10.38 -20.75
C PRO A 36 -6.29 9.35 -19.70
N VAL A 37 -5.02 9.38 -19.32
CA VAL A 37 -4.50 8.46 -18.32
C VAL A 37 -5.44 8.37 -17.12
N PRO A 38 -5.78 7.13 -16.72
CA PRO A 38 -6.67 6.87 -15.58
C PRO A 38 -6.02 7.23 -14.25
N THR A 39 -6.85 7.42 -13.23
CA THR A 39 -6.36 7.76 -11.90
C THR A 39 -6.16 6.52 -11.04
N ILE A 40 -4.92 6.26 -10.64
CA ILE A 40 -4.60 5.11 -9.82
C ILE A 40 -4.66 5.46 -8.33
N LEU A 41 -5.46 4.71 -7.59
CA LEU A 41 -5.61 4.93 -6.15
C LEU A 41 -5.29 3.67 -5.37
N TRP A 42 -5.42 3.74 -4.05
CA TRP A 42 -5.15 2.61 -3.19
C TRP A 42 -6.11 2.58 -2.00
N ARG A 43 -6.68 1.40 -1.73
CA ARG A 43 -7.62 1.24 -0.63
C ARG A 43 -7.41 -0.11 0.06
N LYS A 44 -7.34 -0.07 1.39
CA LYS A 44 -7.15 -1.30 2.16
C LYS A 44 -8.36 -1.56 3.06
N ASP A 45 -8.95 -2.74 2.93
CA ASP A 45 -10.11 -3.12 3.73
C ASP A 45 -11.16 -2.01 3.72
N GLY A 46 -11.32 -1.36 2.57
CA GLY A 46 -12.29 -0.29 2.45
C GLY A 46 -11.85 0.97 3.18
N VAL A 47 -10.56 1.24 3.17
CA VAL A 47 -10.01 2.42 3.83
C VAL A 47 -8.97 3.11 2.96
N LEU A 48 -9.26 4.34 2.56
CA LEU A 48 -8.35 5.11 1.72
C LEU A 48 -6.95 5.13 2.31
N VAL A 49 -5.97 4.71 1.52
CA VAL A 49 -4.58 4.67 1.96
C VAL A 49 -4.16 6.02 2.53
N SER A 50 -3.35 5.97 3.59
CA SER A 50 -2.87 7.19 4.23
C SER A 50 -1.46 7.54 3.76
N THR A 51 -1.38 8.32 2.70
CA THR A 51 -0.09 8.73 2.14
C THR A 51 0.46 9.94 2.88
N GLN A 52 0.04 10.12 4.12
CA GLN A 52 0.49 11.23 4.93
C GLN A 52 1.72 10.85 5.76
N ASP A 53 2.01 9.55 5.80
CA ASP A 53 3.16 9.05 6.55
C ASP A 53 4.36 8.84 5.64
N SER A 54 5.52 9.33 6.07
CA SER A 54 6.75 9.21 5.30
C SER A 54 6.93 7.77 4.80
N ARG A 55 6.41 6.81 5.57
CA ARG A 55 6.51 5.41 5.21
C ARG A 55 5.81 5.13 3.88
N ILE A 56 4.68 5.78 3.66
CA ILE A 56 3.92 5.60 2.43
C ILE A 56 4.09 6.79 1.50
N LYS A 57 4.50 6.53 0.27
CA LYS A 57 4.72 7.57 -0.72
C LYS A 57 4.41 7.06 -2.12
N GLN A 58 4.25 7.99 -3.07
CA GLN A 58 3.96 7.63 -4.45
C GLN A 58 5.15 7.95 -5.36
N LEU A 59 5.92 6.93 -5.69
CA LEU A 59 7.09 7.11 -6.56
C LEU A 59 6.66 7.39 -7.99
N GLU A 60 5.71 6.61 -8.48
CA GLU A 60 5.22 6.77 -9.85
C GLU A 60 3.69 6.87 -9.86
N ASN A 61 3.12 7.02 -11.06
CA ASN A 61 1.68 7.13 -11.21
C ASN A 61 0.96 6.12 -10.30
N GLY A 62 1.02 4.85 -10.68
CA GLY A 62 0.38 3.81 -9.90
C GLY A 62 1.37 2.94 -9.15
N VAL A 63 2.24 3.58 -8.37
CA VAL A 63 3.25 2.86 -7.61
C VAL A 63 3.33 3.37 -6.17
N LEU A 64 2.79 2.60 -5.24
CA LEU A 64 2.81 2.98 -3.83
C LEU A 64 3.59 1.97 -3.00
N GLN A 65 4.65 2.43 -2.34
CA GLN A 65 5.47 1.56 -1.52
C GLN A 65 5.33 1.92 -0.04
N ILE A 66 5.07 0.91 0.78
CA ILE A 66 4.91 1.12 2.21
C ILE A 66 6.01 0.43 3.01
N ARG A 67 6.86 1.22 3.65
CA ARG A 67 7.96 0.68 4.43
C ARG A 67 7.52 0.38 5.86
N TYR A 68 8.26 -0.48 6.53
CA TYR A 68 7.94 -0.85 7.91
C TYR A 68 6.54 -1.44 7.99
N ALA A 69 6.28 -2.45 7.18
CA ALA A 69 4.96 -3.10 7.16
C ALA A 69 4.64 -3.71 8.52
N LYS A 70 3.77 -3.04 9.26
CA LYS A 70 3.37 -3.50 10.59
C LYS A 70 2.29 -4.58 10.49
N LEU A 71 2.16 -5.37 11.54
CA LEU A 71 1.16 -6.44 11.57
C LEU A 71 -0.25 -5.87 11.43
N GLY A 72 -0.41 -4.61 11.81
CA GLY A 72 -1.71 -3.96 11.71
C GLY A 72 -2.08 -3.60 10.29
N ASP A 73 -1.08 -3.61 9.40
CA ASP A 73 -1.31 -3.27 8.00
C ASP A 73 -1.91 -4.46 7.24
N THR A 74 -1.66 -5.66 7.75
CA THR A 74 -2.17 -6.88 7.13
C THR A 74 -3.62 -6.71 6.70
N GLY A 75 -3.82 -6.35 5.44
CA GLY A 75 -5.16 -6.15 4.92
C GLY A 75 -5.29 -6.56 3.47
N ARG A 76 -6.23 -5.93 2.76
CA ARG A 76 -6.45 -6.23 1.35
C ARG A 76 -6.43 -4.95 0.51
N TYR A 77 -5.33 -4.74 -0.20
CA TYR A 77 -5.19 -3.55 -1.04
C TYR A 77 -5.84 -3.77 -2.40
N THR A 78 -6.40 -2.70 -2.97
CA THR A 78 -7.04 -2.78 -4.27
C THR A 78 -6.76 -1.54 -5.10
N CYS A 79 -6.67 -1.70 -6.41
CA CYS A 79 -6.40 -0.60 -7.32
C CYS A 79 -7.70 -0.04 -7.89
N ILE A 80 -7.71 1.27 -8.14
CA ILE A 80 -8.89 1.92 -8.69
C ILE A 80 -8.52 2.83 -9.86
N ALA A 81 -9.22 2.68 -10.98
CA ALA A 81 -8.96 3.49 -12.16
C ALA A 81 -10.23 4.21 -12.62
N SER A 82 -10.28 5.52 -12.39
CA SER A 82 -11.43 6.32 -12.77
C SER A 82 -11.19 7.01 -14.11
N THR A 83 -12.17 6.92 -15.01
CA THR A 83 -12.07 7.54 -16.32
C THR A 83 -13.42 8.07 -16.79
N PRO A 84 -13.39 9.00 -17.76
CA PRO A 84 -14.60 9.60 -18.31
C PRO A 84 -15.41 8.62 -19.14
N SER A 85 -14.91 7.39 -19.26
CA SER A 85 -15.59 6.36 -20.03
C SER A 85 -16.08 5.23 -19.12
N GLY A 86 -15.33 4.98 -18.04
CA GLY A 86 -15.70 3.94 -17.11
C GLY A 86 -14.74 3.84 -15.94
N GLU A 87 -14.74 2.69 -15.27
CA GLU A 87 -13.87 2.48 -14.12
C GLU A 87 -13.61 0.99 -13.91
N ALA A 88 -12.45 0.66 -13.36
CA ALA A 88 -12.08 -0.72 -13.10
C ALA A 88 -11.22 -0.84 -11.84
N THR A 89 -11.16 -2.05 -11.29
CA THR A 89 -10.37 -2.29 -10.08
C THR A 89 -9.60 -3.60 -10.18
N TRP A 90 -8.68 -3.81 -9.25
CA TRP A 90 -7.88 -5.03 -9.23
C TRP A 90 -7.94 -5.71 -7.87
N SER A 91 -7.62 -7.00 -7.84
CA SER A 91 -7.65 -7.76 -6.59
C SER A 91 -6.23 -8.05 -6.10
N ALA A 92 -5.95 -7.66 -4.86
CA ALA A 92 -4.62 -7.88 -4.28
C ALA A 92 -4.71 -7.91 -2.76
N TYR A 93 -3.78 -8.65 -2.14
CA TYR A 93 -3.75 -8.76 -0.68
C TYR A 93 -2.32 -8.87 -0.19
N ILE A 94 -2.06 -8.31 0.99
CA ILE A 94 -0.73 -8.34 1.59
C ILE A 94 -0.78 -8.84 3.02
N GLU A 95 0.04 -9.84 3.32
CA GLU A 95 0.08 -10.42 4.66
C GLU A 95 1.41 -10.09 5.35
N VAL A 96 1.34 -9.79 6.64
CA VAL A 96 2.53 -9.45 7.41
C VAL A 96 2.81 -10.51 8.47
N GLN A 97 3.89 -11.25 8.29
CA GLN A 97 4.26 -12.30 9.24
C GLN A 97 5.43 -11.84 10.12
N GLU A 98 5.33 -12.10 11.42
CA GLU A 98 6.38 -11.72 12.36
C GLU A 98 7.46 -12.80 12.43
N PHE A 99 8.71 -12.37 12.53
CA PHE A 99 9.83 -13.30 12.61
C PHE A 99 10.23 -13.54 14.06
N GLY A 100 11.27 -14.35 14.25
CA GLY A 100 11.74 -14.65 15.59
C GLY A 100 12.52 -13.50 16.21
N VAL A 101 11.92 -12.32 16.20
CA VAL A 101 12.57 -11.14 16.76
C VAL A 101 13.35 -11.48 18.03
N PRO A 102 14.66 -11.16 18.03
CA PRO A 102 15.52 -11.42 19.17
C PRO A 102 15.20 -10.54 20.37
N VAL A 103 15.25 -11.13 21.57
CA VAL A 103 14.95 -10.40 22.80
C VAL A 103 15.73 -9.09 22.85
N GLN A 104 15.01 -7.99 23.04
CA GLN A 104 15.64 -6.67 23.12
C GLN A 104 15.64 -6.16 24.55
N PRO A 105 16.74 -5.47 24.93
CA PRO A 105 16.89 -4.92 26.28
C PRO A 105 15.96 -3.74 26.52
N PRO A 106 15.88 -3.30 27.80
CA PRO A 106 15.03 -2.17 28.20
C PRO A 106 15.54 -0.84 27.66
N ARG A 107 14.80 0.22 27.92
CA ARG A 107 15.18 1.56 27.47
C ARG A 107 16.33 2.11 28.31
N PRO A 108 17.48 2.31 27.66
CA PRO A 108 18.69 2.83 28.32
C PRO A 108 18.54 4.29 28.71
N THR A 109 18.30 4.54 30.00
CA THR A 109 18.14 5.90 30.50
C THR A 109 18.23 5.94 32.02
N ASP A 110 18.69 7.07 32.55
CA ASP A 110 18.84 7.23 33.99
C ASP A 110 17.88 8.30 34.50
N PRO A 111 17.34 8.08 35.71
CA PRO A 111 16.40 9.00 36.35
C PRO A 111 17.07 10.30 36.78
N ASN A 112 18.24 10.19 37.40
CA ASN A 112 18.99 11.35 37.86
C ASN A 112 20.10 11.71 36.87
N LEU A 113 19.76 11.72 35.59
CA LEU A 113 20.72 12.04 34.54
C LEU A 113 21.54 13.28 34.92
N ILE A 114 22.85 13.20 34.72
CA ILE A 114 23.73 14.31 35.04
C ILE A 114 23.25 15.60 34.40
N PRO A 115 23.14 16.66 35.22
CA PRO A 115 22.68 17.97 34.76
C PRO A 115 23.70 18.66 33.86
N SER A 116 23.22 19.41 32.88
CA SER A 116 24.09 20.13 31.95
C SER A 116 23.44 21.42 31.48
N ALA A 117 24.19 22.51 31.59
CA ALA A 117 23.69 23.82 31.17
C ALA A 117 23.69 23.95 29.65
N PRO A 118 24.89 23.90 29.05
CA PRO A 118 25.06 24.02 27.60
C PRO A 118 24.54 22.79 26.86
N GLY A 1 -2.49 16.37 -28.65
CA GLY A 1 -3.14 15.63 -29.72
C GLY A 1 -3.11 14.13 -29.49
N SER A 2 -3.63 13.37 -30.44
CA SER A 2 -3.67 11.92 -30.32
C SER A 2 -3.77 11.27 -31.70
N SER A 3 -3.53 9.96 -31.75
CA SER A 3 -3.60 9.23 -33.01
C SER A 3 -3.72 7.72 -32.75
N GLY A 4 -4.84 7.14 -33.16
CA GLY A 4 -5.06 5.72 -32.97
C GLY A 4 -6.33 5.44 -32.20
N SER A 5 -6.23 4.55 -31.21
CA SER A 5 -7.38 4.18 -30.39
C SER A 5 -6.96 3.93 -28.95
N SER A 6 -7.78 4.39 -28.01
CA SER A 6 -7.49 4.21 -26.59
C SER A 6 -8.50 3.28 -25.95
N GLY A 7 -9.77 3.69 -25.95
CA GLY A 7 -10.82 2.88 -25.35
C GLY A 7 -10.90 3.05 -23.85
N PRO A 8 -11.79 2.27 -23.22
CA PRO A 8 -11.99 2.32 -21.77
C PRO A 8 -10.80 1.76 -20.99
N PRO A 9 -10.79 1.97 -19.67
CA PRO A 9 -9.71 1.49 -18.80
C PRO A 9 -9.74 -0.03 -18.65
N VAL A 10 -8.56 -0.64 -18.82
CA VAL A 10 -8.44 -2.09 -18.70
C VAL A 10 -7.13 -2.48 -18.02
N ILE A 11 -7.24 -3.12 -16.86
CA ILE A 11 -6.07 -3.55 -16.11
C ILE A 11 -5.35 -4.69 -16.82
N ARG A 12 -4.14 -4.41 -17.31
CA ARG A 12 -3.35 -5.42 -18.01
C ARG A 12 -2.71 -6.39 -17.02
N GLN A 13 -1.91 -5.85 -16.10
CA GLN A 13 -1.24 -6.67 -15.10
C GLN A 13 -1.81 -6.42 -13.71
N GLY A 14 -2.10 -5.15 -13.42
CA GLY A 14 -2.66 -4.80 -12.13
C GLY A 14 -1.77 -5.23 -10.98
N PRO A 15 -2.23 -4.97 -9.74
CA PRO A 15 -1.48 -5.34 -8.53
C PRO A 15 -1.44 -6.84 -8.30
N VAL A 16 -0.58 -7.27 -7.38
CA VAL A 16 -0.44 -8.69 -7.07
C VAL A 16 -0.35 -8.91 -5.56
N ASN A 17 -0.65 -10.13 -5.12
CA ASN A 17 -0.59 -10.47 -3.70
C ASN A 17 0.73 -11.12 -3.36
N GLN A 18 1.37 -10.64 -2.29
CA GLN A 18 2.65 -11.18 -1.85
C GLN A 18 2.78 -11.11 -0.34
N THR A 19 3.53 -12.04 0.25
CA THR A 19 3.74 -12.08 1.69
C THR A 19 5.03 -11.38 2.07
N VAL A 20 4.95 -10.47 3.05
CA VAL A 20 6.12 -9.74 3.51
C VAL A 20 6.29 -9.89 5.02
N ALA A 21 7.52 -9.69 5.49
CA ALA A 21 7.83 -9.80 6.91
C ALA A 21 7.62 -8.47 7.61
N VAL A 22 7.29 -8.52 8.90
CA VAL A 22 7.07 -7.32 9.68
C VAL A 22 8.12 -6.26 9.38
N ASP A 23 7.74 -5.00 9.53
CA ASP A 23 8.65 -3.89 9.28
C ASP A 23 9.43 -4.11 7.98
N GLY A 24 8.82 -4.85 7.06
CA GLY A 24 9.47 -5.13 5.78
C GLY A 24 9.21 -4.06 4.76
N THR A 25 9.06 -4.46 3.49
CA THR A 25 8.80 -3.53 2.41
C THR A 25 7.94 -4.16 1.33
N PHE A 26 6.76 -3.58 1.11
CA PHE A 26 5.84 -4.09 0.10
C PHE A 26 5.29 -2.94 -0.75
N VAL A 27 5.29 -3.13 -2.06
CA VAL A 27 4.79 -2.13 -2.99
C VAL A 27 3.77 -2.72 -3.95
N LEU A 28 2.70 -1.97 -4.20
CA LEU A 28 1.64 -2.42 -5.10
C LEU A 28 1.60 -1.58 -6.37
N SER A 29 1.62 -2.24 -7.52
CA SER A 29 1.60 -1.55 -8.80
C SER A 29 0.39 -1.98 -9.63
N CYS A 30 -0.29 -1.01 -10.23
CA CYS A 30 -1.47 -1.28 -11.04
C CYS A 30 -1.29 -0.73 -12.45
N VAL A 31 -1.46 -1.60 -13.44
CA VAL A 31 -1.33 -1.20 -14.84
C VAL A 31 -2.68 -1.16 -15.54
N ALA A 32 -3.18 0.05 -15.77
CA ALA A 32 -4.47 0.22 -16.42
C ALA A 32 -4.39 1.30 -17.50
N THR A 33 -4.92 1.00 -18.69
CA THR A 33 -4.91 1.94 -19.80
C THR A 33 -6.01 3.00 -19.63
N GLY A 34 -5.95 4.02 -20.48
CA GLY A 34 -6.94 5.08 -20.40
C GLY A 34 -6.36 6.45 -20.72
N SER A 35 -7.11 7.26 -21.44
CA SER A 35 -6.66 8.60 -21.80
C SER A 35 -7.68 9.65 -21.38
N PRO A 36 -7.24 10.63 -20.58
CA PRO A 36 -5.84 10.69 -20.11
C PRO A 36 -5.52 9.58 -19.11
N VAL A 37 -4.28 9.57 -18.63
CA VAL A 37 -3.85 8.57 -17.67
C VAL A 37 -4.87 8.38 -16.55
N PRO A 38 -5.19 7.12 -16.25
CA PRO A 38 -6.16 6.78 -15.20
C PRO A 38 -5.64 7.09 -13.81
N THR A 39 -6.53 7.49 -12.92
CA THR A 39 -6.16 7.82 -11.55
C THR A 39 -6.04 6.56 -10.70
N ILE A 40 -4.81 6.17 -10.39
CA ILE A 40 -4.55 4.99 -9.58
C ILE A 40 -4.70 5.29 -8.10
N LEU A 41 -5.68 4.66 -7.46
CA LEU A 41 -5.92 4.86 -6.04
C LEU A 41 -5.69 3.57 -5.26
N TRP A 42 -5.88 3.63 -3.94
CA TRP A 42 -5.69 2.47 -3.09
C TRP A 42 -6.70 2.47 -1.95
N ARG A 43 -7.10 1.27 -1.52
CA ARG A 43 -8.06 1.13 -0.43
C ARG A 43 -7.73 -0.06 0.45
N LYS A 44 -7.56 0.19 1.73
CA LYS A 44 -7.23 -0.87 2.69
C LYS A 44 -8.43 -1.20 3.57
N ASP A 45 -8.88 -2.45 3.48
CA ASP A 45 -10.03 -2.90 4.27
C ASP A 45 -11.22 -1.98 4.06
N GLY A 46 -11.39 -1.50 2.83
CA GLY A 46 -12.49 -0.60 2.52
C GLY A 46 -12.29 0.79 3.06
N VAL A 47 -11.02 1.22 3.13
CA VAL A 47 -10.70 2.55 3.63
C VAL A 47 -9.66 3.22 2.74
N LEU A 48 -9.92 4.48 2.38
CA LEU A 48 -9.00 5.23 1.54
C LEU A 48 -7.61 5.27 2.15
N VAL A 49 -6.65 4.65 1.47
CA VAL A 49 -5.27 4.63 1.94
C VAL A 49 -4.86 5.96 2.54
N SER A 50 -4.04 5.91 3.59
CA SER A 50 -3.58 7.12 4.26
C SER A 50 -2.15 7.46 3.84
N THR A 51 -2.02 8.43 2.95
CA THR A 51 -0.70 8.85 2.47
C THR A 51 -0.12 9.96 3.35
N GLN A 52 -0.41 9.89 4.64
CA GLN A 52 0.08 10.89 5.58
C GLN A 52 1.32 10.37 6.32
N ASP A 53 1.37 9.07 6.54
CA ASP A 53 2.49 8.45 7.24
C ASP A 53 3.76 8.54 6.40
N SER A 54 4.88 8.12 6.99
CA SER A 54 6.16 8.16 6.29
C SER A 54 6.39 6.87 5.50
N ARG A 55 5.75 5.80 5.94
CA ARG A 55 5.88 4.51 5.27
C ARG A 55 5.32 4.57 3.85
N ILE A 56 4.08 5.03 3.74
CA ILE A 56 3.43 5.14 2.44
C ILE A 56 3.89 6.38 1.69
N LYS A 57 4.52 6.18 0.54
CA LYS A 57 5.00 7.27 -0.28
C LYS A 57 4.91 6.93 -1.76
N GLN A 58 4.15 7.74 -2.50
CA GLN A 58 3.97 7.53 -3.93
C GLN A 58 5.28 7.73 -4.67
N LEU A 59 5.55 6.85 -5.64
CA LEU A 59 6.78 6.94 -6.43
C LEU A 59 6.46 7.19 -7.89
N GLU A 60 5.86 6.20 -8.55
CA GLU A 60 5.51 6.31 -9.96
C GLU A 60 4.01 6.55 -10.12
N ASN A 61 3.56 6.57 -11.37
CA ASN A 61 2.15 6.78 -11.66
C ASN A 61 1.26 5.93 -10.76
N GLY A 62 1.28 4.62 -10.99
CA GLY A 62 0.48 3.71 -10.20
C GLY A 62 1.33 2.75 -9.38
N VAL A 63 2.20 3.30 -8.55
CA VAL A 63 3.07 2.48 -7.72
C VAL A 63 3.13 3.01 -6.29
N LEU A 64 2.61 2.23 -5.36
CA LEU A 64 2.59 2.61 -3.94
C LEU A 64 3.45 1.66 -3.11
N GLN A 65 4.42 2.23 -2.40
CA GLN A 65 5.32 1.44 -1.56
C GLN A 65 5.19 1.85 -0.10
N ILE A 66 5.20 0.87 0.79
CA ILE A 66 5.08 1.12 2.22
C ILE A 66 6.22 0.46 3.00
N ARG A 67 7.13 1.28 3.52
CA ARG A 67 8.27 0.77 4.28
C ARG A 67 7.88 0.52 5.74
N TYR A 68 8.57 -0.42 6.37
CA TYR A 68 8.30 -0.75 7.77
C TYR A 68 6.87 -1.24 7.94
N ALA A 69 6.48 -2.20 7.10
CA ALA A 69 5.13 -2.77 7.16
C ALA A 69 4.89 -3.45 8.50
N LYS A 70 4.15 -2.77 9.37
CA LYS A 70 3.84 -3.30 10.70
C LYS A 70 2.75 -4.39 10.60
N LEU A 71 2.66 -5.21 11.64
CA LEU A 71 1.67 -6.28 11.67
C LEU A 71 0.28 -5.74 11.36
N GLY A 72 -0.03 -4.56 11.88
CA GLY A 72 -1.32 -3.95 11.64
C GLY A 72 -1.58 -3.69 10.18
N ASP A 73 -0.53 -3.34 9.44
CA ASP A 73 -0.65 -3.07 8.01
C ASP A 73 -1.42 -4.17 7.31
N THR A 74 -1.25 -5.41 7.78
CA THR A 74 -1.94 -6.55 7.20
C THR A 74 -3.34 -6.18 6.75
N GLY A 75 -3.56 -6.14 5.44
CA GLY A 75 -4.87 -5.80 4.92
C GLY A 75 -4.98 -6.04 3.42
N ARG A 76 -6.20 -5.94 2.90
CA ARG A 76 -6.43 -6.17 1.47
C ARG A 76 -6.35 -4.85 0.71
N TYR A 77 -5.45 -4.79 -0.28
CA TYR A 77 -5.28 -3.59 -1.07
C TYR A 77 -5.93 -3.76 -2.45
N THR A 78 -6.46 -2.66 -2.99
CA THR A 78 -7.10 -2.69 -4.29
C THR A 78 -6.79 -1.43 -5.09
N CYS A 79 -6.48 -1.59 -6.37
CA CYS A 79 -6.17 -0.47 -7.24
C CYS A 79 -7.39 -0.04 -8.05
N ILE A 80 -7.60 1.27 -8.13
CA ILE A 80 -8.73 1.81 -8.87
C ILE A 80 -8.27 2.78 -9.95
N ALA A 81 -8.78 2.60 -11.16
CA ALA A 81 -8.43 3.47 -12.28
C ALA A 81 -9.65 4.20 -12.82
N SER A 82 -9.80 5.47 -12.43
CA SER A 82 -10.93 6.27 -12.87
C SER A 82 -10.59 7.04 -14.15
N THR A 83 -11.48 6.98 -15.13
CA THR A 83 -11.27 7.67 -16.40
C THR A 83 -12.59 8.18 -16.96
N PRO A 84 -12.50 9.15 -17.89
CA PRO A 84 -13.67 9.74 -18.53
C PRO A 84 -14.37 8.77 -19.48
N SER A 85 -13.84 7.55 -19.57
CA SER A 85 -14.40 6.53 -20.44
C SER A 85 -14.97 5.37 -19.62
N GLY A 86 -14.39 5.15 -18.44
CA GLY A 86 -14.85 4.08 -17.58
C GLY A 86 -14.02 3.93 -16.33
N GLU A 87 -14.07 2.77 -15.70
CA GLU A 87 -13.31 2.51 -14.49
C GLU A 87 -13.13 1.00 -14.26
N ALA A 88 -12.04 0.64 -13.58
CA ALA A 88 -11.76 -0.76 -13.30
C ALA A 88 -11.02 -0.91 -11.97
N THR A 89 -11.01 -2.13 -11.44
CA THR A 89 -10.33 -2.40 -10.18
C THR A 89 -9.68 -3.79 -10.19
N TRP A 90 -8.87 -4.05 -9.18
CA TRP A 90 -8.18 -5.33 -9.08
C TRP A 90 -8.20 -5.85 -7.65
N SER A 91 -8.00 -7.16 -7.48
CA SER A 91 -8.00 -7.77 -6.17
C SER A 91 -6.58 -8.10 -5.72
N ALA A 92 -6.17 -7.54 -4.58
CA ALA A 92 -4.83 -7.78 -4.05
C ALA A 92 -4.85 -7.79 -2.53
N TYR A 93 -3.99 -8.61 -1.94
CA TYR A 93 -3.90 -8.71 -0.49
C TYR A 93 -2.44 -8.84 -0.04
N ILE A 94 -2.12 -8.18 1.07
CA ILE A 94 -0.77 -8.23 1.62
C ILE A 94 -0.77 -8.68 3.07
N GLU A 95 -0.01 -9.74 3.35
CA GLU A 95 0.08 -10.28 4.71
C GLU A 95 1.41 -9.93 5.34
N VAL A 96 1.40 -9.69 6.65
CA VAL A 96 2.61 -9.34 7.38
C VAL A 96 2.92 -10.39 8.44
N GLN A 97 3.97 -11.18 8.19
CA GLN A 97 4.38 -12.23 9.12
C GLN A 97 5.48 -11.72 10.06
N GLU A 98 5.37 -12.09 11.33
CA GLU A 98 6.35 -11.68 12.33
C GLU A 98 7.45 -12.71 12.48
N PHE A 99 8.70 -12.25 12.44
CA PHE A 99 9.85 -13.14 12.57
C PHE A 99 11.04 -12.41 13.17
N GLY A 100 11.47 -12.86 14.34
CA GLY A 100 12.60 -12.24 15.01
C GLY A 100 12.67 -10.74 14.76
N VAL A 101 11.59 -10.04 15.12
CA VAL A 101 11.52 -8.59 14.94
C VAL A 101 12.18 -7.86 16.11
N PRO A 102 13.11 -6.96 15.78
CA PRO A 102 13.84 -6.17 16.79
C PRO A 102 12.94 -5.15 17.47
N VAL A 103 13.27 -4.82 18.72
CA VAL A 103 12.50 -3.85 19.49
C VAL A 103 13.41 -2.86 20.19
N GLN A 104 13.55 -1.68 19.59
CA GLN A 104 14.40 -0.63 20.15
C GLN A 104 13.57 0.59 20.53
N PRO A 105 13.88 1.17 21.70
CA PRO A 105 13.18 2.35 22.21
C PRO A 105 13.49 3.61 21.39
N PRO A 106 12.67 4.66 21.58
CA PRO A 106 12.83 5.92 20.87
C PRO A 106 14.09 6.68 21.32
N ARG A 107 14.47 7.68 20.54
CA ARG A 107 15.65 8.49 20.86
C ARG A 107 15.25 9.85 21.39
N PRO A 108 15.38 10.04 22.71
CA PRO A 108 15.05 11.30 23.38
C PRO A 108 16.01 12.42 23.02
N THR A 109 15.48 13.47 22.40
CA THR A 109 16.29 14.62 22.01
C THR A 109 15.53 15.93 22.18
N ASP A 110 16.03 16.79 23.05
CA ASP A 110 15.40 18.08 23.30
C ASP A 110 16.20 19.22 22.68
N PRO A 111 15.94 19.50 21.40
CA PRO A 111 16.64 20.56 20.66
C PRO A 111 16.24 21.95 21.14
N ASN A 112 15.00 22.09 21.60
CA ASN A 112 14.49 23.37 22.09
C ASN A 112 14.71 23.49 23.60
N LEU A 113 15.76 22.86 24.10
CA LEU A 113 16.07 22.89 25.52
C LEU A 113 17.16 23.93 25.81
N ILE A 114 16.91 24.76 26.82
CA ILE A 114 17.87 25.79 27.20
C ILE A 114 19.30 25.27 27.14
N PRO A 115 20.24 26.15 26.76
CA PRO A 115 21.65 25.80 26.66
C PRO A 115 22.30 25.55 28.01
N SER A 116 22.59 24.29 28.29
CA SER A 116 23.21 23.91 29.57
C SER A 116 24.34 24.86 29.93
N ALA A 117 24.39 25.26 31.20
CA ALA A 117 25.42 26.17 31.67
C ALA A 117 26.24 25.54 32.80
N PRO A 118 27.52 25.91 32.88
CA PRO A 118 28.43 25.39 33.90
C PRO A 118 28.10 25.91 35.29
N GLY A 1 -9.73 12.44 -39.82
CA GLY A 1 -9.35 12.22 -38.45
C GLY A 1 -10.28 11.27 -37.72
N SER A 2 -10.00 9.97 -37.84
CA SER A 2 -10.84 8.96 -37.21
C SER A 2 -10.87 9.15 -35.69
N SER A 3 -11.97 8.74 -35.07
CA SER A 3 -12.13 8.87 -33.63
C SER A 3 -11.00 8.16 -32.89
N GLY A 4 -10.93 8.37 -31.58
CA GLY A 4 -9.89 7.74 -30.78
C GLY A 4 -10.41 6.55 -30.01
N SER A 5 -9.49 5.71 -29.54
CA SER A 5 -9.85 4.51 -28.79
C SER A 5 -10.65 4.87 -27.54
N SER A 6 -11.97 4.69 -27.62
CA SER A 6 -12.84 5.01 -26.50
C SER A 6 -13.44 3.73 -25.90
N GLY A 7 -13.41 3.64 -24.58
CA GLY A 7 -13.96 2.47 -23.90
C GLY A 7 -13.58 2.42 -22.44
N PRO A 8 -13.97 1.33 -21.76
CA PRO A 8 -13.69 1.13 -20.34
C PRO A 8 -12.21 0.88 -20.08
N PRO A 9 -11.73 1.30 -18.89
CA PRO A 9 -10.33 1.12 -18.50
C PRO A 9 -9.99 -0.35 -18.23
N VAL A 10 -8.91 -0.81 -18.86
CA VAL A 10 -8.48 -2.20 -18.69
C VAL A 10 -7.13 -2.26 -17.99
N ILE A 11 -7.08 -2.96 -16.86
CA ILE A 11 -5.84 -3.10 -16.10
C ILE A 11 -5.00 -4.25 -16.63
N ARG A 12 -3.95 -3.91 -17.38
CA ARG A 12 -3.06 -4.91 -17.95
C ARG A 12 -2.21 -5.56 -16.86
N GLN A 13 -1.50 -4.74 -16.09
CA GLN A 13 -0.65 -5.24 -15.02
C GLN A 13 -1.14 -4.75 -13.66
N GLY A 14 -1.61 -5.68 -12.84
CA GLY A 14 -2.11 -5.32 -11.52
C GLY A 14 -1.32 -6.00 -10.41
N PRO A 15 -1.51 -5.51 -9.17
CA PRO A 15 -0.83 -6.06 -8.00
C PRO A 15 -1.33 -7.46 -7.63
N VAL A 16 -0.39 -8.35 -7.33
CA VAL A 16 -0.74 -9.72 -6.97
C VAL A 16 -0.41 -9.99 -5.51
N ASN A 17 -1.05 -11.01 -4.95
CA ASN A 17 -0.83 -11.38 -3.55
C ASN A 17 0.65 -11.57 -3.27
N GLN A 18 1.10 -11.14 -2.09
CA GLN A 18 2.49 -11.27 -1.70
C GLN A 18 2.63 -11.42 -0.19
N THR A 19 3.77 -11.93 0.25
CA THR A 19 4.02 -12.12 1.67
C THR A 19 5.27 -11.37 2.12
N VAL A 20 5.15 -10.64 3.22
CA VAL A 20 6.27 -9.87 3.75
C VAL A 20 6.38 -10.04 5.26
N ALA A 21 7.57 -9.76 5.79
CA ALA A 21 7.81 -9.89 7.23
C ALA A 21 7.62 -8.55 7.93
N VAL A 22 7.23 -8.62 9.20
CA VAL A 22 7.00 -7.41 9.99
C VAL A 22 8.03 -6.33 9.66
N ASP A 23 7.63 -5.08 9.83
CA ASP A 23 8.52 -3.95 9.54
C ASP A 23 9.30 -4.19 8.25
N GLY A 24 8.71 -4.96 7.34
CA GLY A 24 9.37 -5.25 6.08
C GLY A 24 9.18 -4.15 5.06
N THR A 25 8.98 -4.53 3.81
CA THR A 25 8.79 -3.57 2.73
C THR A 25 8.05 -4.20 1.55
N PHE A 26 6.83 -3.74 1.31
CA PHE A 26 6.03 -4.26 0.21
C PHE A 26 5.56 -3.12 -0.71
N VAL A 27 5.72 -3.32 -2.01
CA VAL A 27 5.31 -2.32 -2.99
C VAL A 27 4.33 -2.91 -4.00
N LEU A 28 3.23 -2.21 -4.24
CA LEU A 28 2.22 -2.66 -5.19
C LEU A 28 2.09 -1.67 -6.35
N SER A 29 2.19 -2.19 -7.57
CA SER A 29 2.09 -1.36 -8.76
C SER A 29 0.91 -1.79 -9.62
N CYS A 30 0.07 -0.83 -9.99
CA CYS A 30 -1.10 -1.11 -10.82
C CYS A 30 -1.17 -0.15 -12.00
N VAL A 31 -1.11 -0.71 -13.22
CA VAL A 31 -1.16 0.09 -14.43
C VAL A 31 -2.46 -0.17 -15.20
N ALA A 32 -3.19 0.90 -15.50
CA ALA A 32 -4.44 0.79 -16.23
C ALA A 32 -4.46 1.74 -17.43
N THR A 33 -5.13 1.31 -18.51
CA THR A 33 -5.22 2.12 -19.71
C THR A 33 -6.53 2.88 -19.76
N GLY A 34 -6.65 3.79 -20.72
CA GLY A 34 -7.87 4.58 -20.87
C GLY A 34 -7.59 6.02 -21.26
N SER A 35 -8.43 6.55 -22.13
CA SER A 35 -8.27 7.92 -22.60
C SER A 35 -9.47 8.77 -22.22
N PRO A 36 -9.22 9.87 -21.49
CA PRO A 36 -7.87 10.24 -21.06
C PRO A 36 -7.31 9.28 -20.01
N VAL A 37 -6.12 9.59 -19.51
CA VAL A 37 -5.47 8.77 -18.50
C VAL A 37 -6.34 8.66 -17.25
N PRO A 38 -6.57 7.42 -16.80
CA PRO A 38 -7.38 7.15 -15.60
C PRO A 38 -6.68 7.58 -14.31
N THR A 39 -7.46 7.73 -13.24
CA THR A 39 -6.92 8.15 -11.96
C THR A 39 -6.53 6.95 -11.11
N ILE A 40 -5.25 6.83 -10.80
CA ILE A 40 -4.75 5.72 -9.99
C ILE A 40 -4.94 6.00 -8.50
N LEU A 41 -5.59 5.07 -7.81
CA LEU A 41 -5.84 5.21 -6.38
C LEU A 41 -5.80 3.86 -5.67
N TRP A 42 -6.00 3.88 -4.37
CA TRP A 42 -5.99 2.64 -3.58
C TRP A 42 -7.03 2.70 -2.46
N ARG A 43 -7.25 1.57 -1.80
CA ARG A 43 -8.20 1.50 -0.71
C ARG A 43 -7.83 0.39 0.27
N LYS A 44 -7.70 0.76 1.54
CA LYS A 44 -7.34 -0.20 2.58
C LYS A 44 -8.55 -0.54 3.46
N ASP A 45 -8.98 -1.79 3.41
CA ASP A 45 -10.12 -2.23 4.20
C ASP A 45 -11.28 -1.26 4.06
N GLY A 46 -11.55 -0.83 2.82
CA GLY A 46 -12.63 0.10 2.58
C GLY A 46 -12.33 1.49 3.08
N VAL A 47 -11.07 1.91 2.96
CA VAL A 47 -10.66 3.22 3.41
C VAL A 47 -9.68 3.86 2.41
N LEU A 48 -9.80 5.17 2.23
CA LEU A 48 -8.93 5.90 1.31
C LEU A 48 -7.51 5.97 1.84
N VAL A 49 -6.60 5.24 1.21
CA VAL A 49 -5.20 5.22 1.62
C VAL A 49 -4.76 6.59 2.12
N SER A 50 -4.02 6.61 3.22
CA SER A 50 -3.54 7.85 3.79
C SER A 50 -2.11 8.14 3.36
N THR A 51 -1.97 8.85 2.25
CA THR A 51 -0.65 9.19 1.72
C THR A 51 -0.04 10.35 2.48
N GLN A 52 -0.11 10.30 3.81
CA GLN A 52 0.44 11.35 4.66
C GLN A 52 1.60 10.82 5.48
N ASP A 53 1.60 9.52 5.75
CA ASP A 53 2.66 8.90 6.53
C ASP A 53 3.84 8.53 5.65
N SER A 54 5.00 9.11 5.95
CA SER A 54 6.21 8.85 5.18
C SER A 54 6.27 7.39 4.74
N ARG A 55 5.72 6.52 5.57
CA ARG A 55 5.71 5.08 5.28
C ARG A 55 5.11 4.82 3.90
N ILE A 56 3.94 5.40 3.63
CA ILE A 56 3.27 5.23 2.36
C ILE A 56 3.57 6.40 1.42
N LYS A 57 4.11 6.07 0.24
CA LYS A 57 4.44 7.10 -0.74
C LYS A 57 4.23 6.56 -2.16
N GLN A 58 3.91 7.47 -3.09
CA GLN A 58 3.69 7.09 -4.47
C GLN A 58 4.88 7.47 -5.34
N LEU A 59 5.74 6.49 -5.62
CA LEU A 59 6.92 6.71 -6.43
C LEU A 59 6.53 6.99 -7.88
N GLU A 60 5.60 6.21 -8.41
CA GLU A 60 5.14 6.37 -9.77
C GLU A 60 3.64 6.11 -9.88
N ASN A 61 3.09 6.33 -11.07
CA ASN A 61 1.67 6.13 -11.31
C ASN A 61 1.28 4.68 -11.04
N GLY A 62 0.67 4.44 -9.89
CA GLY A 62 0.26 3.10 -9.53
C GLY A 62 1.25 2.40 -8.61
N VAL A 63 2.51 2.80 -8.70
CA VAL A 63 3.57 2.21 -7.88
C VAL A 63 3.52 2.78 -6.46
N LEU A 64 3.05 1.97 -5.52
CA LEU A 64 2.95 2.38 -4.12
C LEU A 64 3.81 1.50 -3.24
N GLN A 65 4.78 2.09 -2.56
CA GLN A 65 5.67 1.36 -1.67
C GLN A 65 5.39 1.70 -0.21
N ILE A 66 5.28 0.67 0.62
CA ILE A 66 5.02 0.86 2.03
C ILE A 66 6.08 0.18 2.89
N ARG A 67 6.93 0.99 3.53
CA ARG A 67 7.99 0.47 4.38
C ARG A 67 7.52 0.33 5.82
N TYR A 68 8.20 -0.52 6.59
CA TYR A 68 7.84 -0.74 7.99
C TYR A 68 6.45 -1.34 8.11
N ALA A 69 6.22 -2.42 7.37
CA ALA A 69 4.93 -3.10 7.39
C ALA A 69 4.67 -3.74 8.75
N LYS A 70 3.83 -3.11 9.55
CA LYS A 70 3.51 -3.62 10.88
C LYS A 70 2.45 -4.72 10.79
N LEU A 71 2.22 -5.41 11.90
CA LEU A 71 1.24 -6.48 11.94
C LEU A 71 -0.17 -5.94 11.72
N GLY A 72 -0.41 -4.71 12.17
CA GLY A 72 -1.72 -4.10 12.01
C GLY A 72 -1.98 -3.68 10.57
N ASP A 73 -0.91 -3.51 9.80
CA ASP A 73 -1.03 -3.11 8.40
C ASP A 73 -1.75 -4.18 7.59
N THR A 74 -1.53 -5.43 7.95
CA THR A 74 -2.16 -6.55 7.24
C THR A 74 -3.56 -6.17 6.77
N GLY A 75 -3.68 -5.89 5.48
CA GLY A 75 -4.98 -5.53 4.92
C GLY A 75 -5.09 -5.90 3.46
N ARG A 76 -6.19 -5.49 2.83
CA ARG A 76 -6.44 -5.78 1.42
C ARG A 76 -6.15 -4.57 0.55
N TYR A 77 -5.04 -4.60 -0.17
CA TYR A 77 -4.66 -3.50 -1.04
C TYR A 77 -5.21 -3.69 -2.45
N THR A 78 -5.90 -2.69 -2.96
CA THR A 78 -6.47 -2.76 -4.30
C THR A 78 -6.36 -1.42 -5.01
N CYS A 79 -6.13 -1.47 -6.32
CA CYS A 79 -6.00 -0.26 -7.13
C CYS A 79 -7.33 0.11 -7.78
N ILE A 80 -7.51 1.41 -8.05
CA ILE A 80 -8.74 1.88 -8.67
C ILE A 80 -8.43 2.88 -9.78
N ALA A 81 -9.07 2.69 -10.93
CA ALA A 81 -8.87 3.58 -12.07
C ALA A 81 -10.19 4.20 -12.52
N SER A 82 -10.36 5.48 -12.20
CA SER A 82 -11.58 6.19 -12.55
C SER A 82 -11.43 6.86 -13.92
N THR A 83 -12.45 6.71 -14.76
CA THR A 83 -12.44 7.30 -16.09
C THR A 83 -13.83 7.78 -16.50
N PRO A 84 -13.88 8.68 -17.49
CA PRO A 84 -15.14 9.23 -18.00
C PRO A 84 -15.96 8.20 -18.76
N SER A 85 -15.41 7.00 -18.90
CA SER A 85 -16.09 5.92 -19.61
C SER A 85 -16.45 4.78 -18.66
N GLY A 86 -15.69 4.67 -17.57
CA GLY A 86 -15.95 3.62 -16.61
C GLY A 86 -14.87 3.54 -15.54
N GLU A 87 -14.70 2.35 -14.98
CA GLU A 87 -13.69 2.14 -13.94
C GLU A 87 -13.32 0.67 -13.83
N ALA A 88 -12.06 0.40 -13.47
CA ALA A 88 -11.58 -0.97 -13.32
C ALA A 88 -10.65 -1.10 -12.13
N THR A 89 -10.90 -2.10 -11.29
CA THR A 89 -10.09 -2.33 -10.10
C THR A 89 -9.38 -3.68 -10.18
N TRP A 90 -8.29 -3.82 -9.43
CA TRP A 90 -7.53 -5.06 -9.41
C TRP A 90 -7.57 -5.70 -8.03
N SER A 91 -7.28 -7.00 -7.98
CA SER A 91 -7.28 -7.72 -6.72
C SER A 91 -5.86 -7.97 -6.22
N ALA A 92 -5.64 -7.77 -4.93
CA ALA A 92 -4.33 -7.97 -4.33
C ALA A 92 -4.41 -7.97 -2.81
N TYR A 93 -3.61 -8.82 -2.18
CA TYR A 93 -3.59 -8.92 -0.72
C TYR A 93 -2.16 -9.01 -0.20
N ILE A 94 -1.96 -8.53 1.02
CA ILE A 94 -0.64 -8.55 1.64
C ILE A 94 -0.71 -9.07 3.07
N GLU A 95 0.16 -10.01 3.40
CA GLU A 95 0.19 -10.59 4.74
C GLU A 95 1.50 -10.23 5.45
N VAL A 96 1.39 -9.77 6.69
CA VAL A 96 2.55 -9.39 7.48
C VAL A 96 2.81 -10.41 8.59
N GLN A 97 3.84 -11.23 8.40
CA GLN A 97 4.19 -12.24 9.39
C GLN A 97 5.34 -11.77 10.27
N GLU A 98 5.31 -12.16 11.55
CA GLU A 98 6.35 -11.77 12.48
C GLU A 98 7.56 -12.70 12.37
N PHE A 99 8.74 -12.14 12.62
CA PHE A 99 9.98 -12.92 12.54
C PHE A 99 11.16 -12.11 13.06
N GLY A 100 12.03 -12.76 13.82
CA GLY A 100 13.19 -12.09 14.38
C GLY A 100 12.86 -10.71 14.91
N VAL A 101 11.66 -10.55 15.45
CA VAL A 101 11.23 -9.27 15.99
C VAL A 101 11.13 -9.33 17.51
N PRO A 102 11.84 -8.41 18.19
CA PRO A 102 11.85 -8.34 19.65
C PRO A 102 10.52 -7.86 20.22
N VAL A 103 10.37 -7.95 21.53
CA VAL A 103 9.15 -7.53 22.20
C VAL A 103 9.21 -6.06 22.58
N GLN A 104 8.07 -5.37 22.47
CA GLN A 104 7.99 -3.96 22.80
C GLN A 104 7.88 -3.76 24.30
N PRO A 105 8.85 -3.02 24.88
CA PRO A 105 8.87 -2.74 26.33
C PRO A 105 7.76 -1.79 26.75
N PRO A 106 7.32 -1.93 28.00
CA PRO A 106 6.24 -1.09 28.56
C PRO A 106 6.70 0.36 28.77
N ARG A 107 5.77 1.20 29.19
CA ARG A 107 6.06 2.62 29.42
C ARG A 107 7.37 2.77 30.19
N PRO A 108 8.15 3.80 29.82
CA PRO A 108 9.44 4.08 30.45
C PRO A 108 9.29 4.58 31.88
N THR A 109 10.15 4.10 32.78
CA THR A 109 10.11 4.49 34.18
C THR A 109 11.50 4.46 34.80
N ASP A 110 11.79 5.47 35.62
CA ASP A 110 13.09 5.57 36.28
C ASP A 110 12.92 5.81 37.78
N PRO A 111 12.76 4.72 38.54
CA PRO A 111 12.58 4.79 39.99
C PRO A 111 13.85 5.22 40.71
N ASN A 112 14.99 5.10 40.02
CA ASN A 112 16.27 5.47 40.59
C ASN A 112 17.03 6.41 39.66
N LEU A 113 16.48 7.60 39.46
CA LEU A 113 17.10 8.60 38.60
C LEU A 113 17.89 9.61 39.42
N ILE A 114 18.59 10.50 38.72
CA ILE A 114 19.38 11.53 39.38
C ILE A 114 18.50 12.57 40.06
N PRO A 115 18.79 12.87 41.33
CA PRO A 115 18.03 13.85 42.11
C PRO A 115 18.26 15.28 41.62
N SER A 116 17.17 16.04 41.51
CA SER A 116 17.25 17.43 41.05
C SER A 116 17.71 18.35 42.19
N ALA A 117 19.02 18.55 42.30
CA ALA A 117 19.56 19.41 43.33
C ALA A 117 21.05 19.67 43.10
N PRO A 118 21.51 20.86 43.50
CA PRO A 118 22.92 21.25 43.34
C PRO A 118 23.85 20.47 44.26
N GLY A 1 -4.00 -2.40 -36.37
CA GLY A 1 -5.09 -2.72 -35.45
C GLY A 1 -5.42 -1.55 -34.53
N SER A 2 -6.68 -1.15 -34.54
CA SER A 2 -7.13 -0.04 -33.71
C SER A 2 -7.14 -0.43 -32.23
N SER A 3 -6.31 0.23 -31.44
CA SER A 3 -6.23 -0.07 -30.01
C SER A 3 -7.50 0.38 -29.29
N GLY A 4 -7.97 1.58 -29.60
CA GLY A 4 -9.17 2.09 -28.98
C GLY A 4 -8.89 3.17 -27.97
N SER A 5 -8.74 4.41 -28.44
CA SER A 5 -8.44 5.53 -27.56
C SER A 5 -9.61 5.79 -26.60
N SER A 6 -10.81 5.87 -27.17
CA SER A 6 -12.01 6.12 -26.37
C SER A 6 -12.56 4.82 -25.78
N GLY A 7 -11.65 3.98 -25.28
CA GLY A 7 -12.05 2.72 -24.69
C GLY A 7 -12.08 2.76 -23.18
N PRO A 8 -12.80 1.79 -22.58
CA PRO A 8 -12.93 1.70 -21.12
C PRO A 8 -11.63 1.30 -20.45
N PRO A 9 -11.49 1.64 -19.15
CA PRO A 9 -10.30 1.32 -18.37
C PRO A 9 -10.16 -0.18 -18.09
N VAL A 10 -9.00 -0.73 -18.39
CA VAL A 10 -8.74 -2.15 -18.17
C VAL A 10 -7.41 -2.37 -17.47
N ILE A 11 -7.38 -3.30 -16.53
CA ILE A 11 -6.16 -3.61 -15.79
C ILE A 11 -5.26 -4.55 -16.58
N ARG A 12 -4.15 -4.03 -17.07
CA ARG A 12 -3.20 -4.83 -17.85
C ARG A 12 -2.28 -5.62 -16.93
N GLN A 13 -1.66 -4.92 -15.98
CA GLN A 13 -0.75 -5.56 -15.04
C GLN A 13 -0.81 -4.87 -13.68
N GLY A 14 -1.33 -5.59 -12.69
CA GLY A 14 -1.44 -5.04 -11.35
C GLY A 14 -0.64 -5.82 -10.33
N PRO A 15 -0.88 -5.54 -9.04
CA PRO A 15 -0.17 -6.22 -7.94
C PRO A 15 -0.60 -7.67 -7.79
N VAL A 16 0.17 -8.43 -7.03
CA VAL A 16 -0.13 -9.84 -6.80
C VAL A 16 0.08 -10.22 -5.33
N ASN A 17 -0.73 -11.17 -4.86
CA ASN A 17 -0.64 -11.62 -3.48
C ASN A 17 0.78 -12.06 -3.14
N GLN A 18 1.34 -11.45 -2.10
CA GLN A 18 2.70 -11.78 -1.66
C GLN A 18 2.83 -11.67 -0.15
N THR A 19 3.70 -12.50 0.43
CA THR A 19 3.92 -12.49 1.87
C THR A 19 5.04 -11.54 2.26
N VAL A 20 4.85 -10.82 3.36
CA VAL A 20 5.85 -9.87 3.84
C VAL A 20 6.08 -10.03 5.33
N ALA A 21 7.27 -9.64 5.79
CA ALA A 21 7.61 -9.74 7.20
C ALA A 21 7.48 -8.38 7.89
N VAL A 22 7.03 -8.39 9.14
CA VAL A 22 6.86 -7.17 9.90
C VAL A 22 7.97 -6.18 9.60
N ASP A 23 7.64 -4.89 9.67
CA ASP A 23 8.61 -3.83 9.40
C ASP A 23 9.41 -4.14 8.13
N GLY A 24 8.81 -4.92 7.24
CA GLY A 24 9.49 -5.27 6.00
C GLY A 24 9.41 -4.17 4.96
N THR A 25 9.16 -4.56 3.71
CA THR A 25 9.06 -3.60 2.62
C THR A 25 8.36 -4.21 1.41
N PHE A 26 7.15 -3.74 1.13
CA PHE A 26 6.38 -4.24 0.00
C PHE A 26 5.82 -3.09 -0.83
N VAL A 27 5.98 -3.19 -2.14
CA VAL A 27 5.50 -2.15 -3.05
C VAL A 27 4.53 -2.73 -4.08
N LEU A 28 3.37 -2.10 -4.20
CA LEU A 28 2.35 -2.54 -5.14
C LEU A 28 2.22 -1.56 -6.30
N SER A 29 2.34 -2.08 -7.53
CA SER A 29 2.23 -1.26 -8.72
C SER A 29 1.04 -1.69 -9.57
N CYS A 30 0.15 -0.74 -9.84
CA CYS A 30 -1.04 -1.02 -10.64
C CYS A 30 -1.03 -0.19 -11.92
N VAL A 31 -1.26 -0.87 -13.05
CA VAL A 31 -1.29 -0.19 -14.34
C VAL A 31 -2.62 -0.41 -15.05
N ALA A 32 -3.19 0.68 -15.57
CA ALA A 32 -4.46 0.61 -16.28
C ALA A 32 -4.46 1.50 -17.51
N THR A 33 -5.29 1.16 -18.49
CA THR A 33 -5.38 1.93 -19.72
C THR A 33 -6.53 2.93 -19.65
N GLY A 34 -6.56 3.84 -20.62
CA GLY A 34 -7.63 4.85 -20.66
C GLY A 34 -7.11 6.21 -21.08
N SER A 35 -7.96 6.97 -21.76
CA SER A 35 -7.58 8.30 -22.23
C SER A 35 -8.57 9.35 -21.72
N PRO A 36 -8.04 10.36 -21.01
CA PRO A 36 -6.61 10.46 -20.71
C PRO A 36 -6.14 9.39 -19.73
N VAL A 37 -4.93 9.56 -19.21
CA VAL A 37 -4.37 8.61 -18.26
C VAL A 37 -5.27 8.43 -17.05
N PRO A 38 -5.61 7.17 -16.74
CA PRO A 38 -6.48 6.84 -15.61
C PRO A 38 -5.80 7.08 -14.28
N THR A 39 -6.57 7.57 -13.30
CA THR A 39 -6.05 7.85 -11.98
C THR A 39 -5.97 6.58 -11.13
N ILE A 40 -4.75 6.11 -10.89
CA ILE A 40 -4.55 4.90 -10.11
C ILE A 40 -4.53 5.21 -8.61
N LEU A 41 -5.54 4.74 -7.89
CA LEU A 41 -5.65 4.98 -6.46
C LEU A 41 -5.37 3.69 -5.68
N TRP A 42 -5.52 3.75 -4.36
CA TRP A 42 -5.29 2.60 -3.51
C TRP A 42 -6.27 2.58 -2.34
N ARG A 43 -6.82 1.40 -2.05
CA ARG A 43 -7.77 1.24 -0.98
C ARG A 43 -7.37 0.09 -0.05
N LYS A 44 -7.69 0.24 1.24
CA LYS A 44 -7.36 -0.79 2.22
C LYS A 44 -8.60 -1.23 2.98
N ASP A 45 -8.96 -2.50 2.83
CA ASP A 45 -10.14 -3.05 3.50
C ASP A 45 -11.26 -2.02 3.56
N GLY A 46 -11.59 -1.45 2.40
CA GLY A 46 -12.65 -0.46 2.34
C GLY A 46 -12.26 0.85 3.00
N VAL A 47 -10.96 1.15 3.01
CA VAL A 47 -10.46 2.37 3.62
C VAL A 47 -9.41 3.03 2.73
N LEU A 48 -9.76 4.19 2.18
CA LEU A 48 -8.84 4.92 1.31
C LEU A 48 -7.49 5.10 1.98
N VAL A 49 -6.45 4.53 1.36
CA VAL A 49 -5.09 4.63 1.89
C VAL A 49 -4.81 6.02 2.44
N SER A 50 -4.08 6.08 3.54
CA SER A 50 -3.75 7.34 4.17
C SER A 50 -2.31 7.75 3.84
N THR A 51 -2.17 8.66 2.87
CA THR A 51 -0.86 9.13 2.45
C THR A 51 -0.33 10.21 3.40
N GLN A 52 -0.42 9.93 4.70
CA GLN A 52 0.05 10.88 5.71
C GLN A 52 1.24 10.33 6.46
N ASP A 53 1.36 9.00 6.50
CA ASP A 53 2.46 8.34 7.19
C ASP A 53 3.63 8.10 6.23
N SER A 54 4.81 8.56 6.63
CA SER A 54 6.01 8.41 5.81
C SER A 54 6.11 6.99 5.26
N ARG A 55 5.49 6.05 5.96
CA ARG A 55 5.51 4.65 5.54
C ARG A 55 4.93 4.50 4.13
N ILE A 56 3.77 5.12 3.90
CA ILE A 56 3.13 5.05 2.59
C ILE A 56 3.47 6.27 1.75
N LYS A 57 3.93 6.02 0.53
CA LYS A 57 4.31 7.10 -0.38
C LYS A 57 4.08 6.68 -1.83
N GLN A 58 3.64 7.63 -2.66
CA GLN A 58 3.38 7.36 -4.06
C GLN A 58 4.56 7.81 -4.93
N LEU A 59 5.33 6.84 -5.41
CA LEU A 59 6.49 7.13 -6.25
C LEU A 59 6.06 7.52 -7.66
N GLU A 60 5.51 6.57 -8.39
CA GLU A 60 5.05 6.81 -9.76
C GLU A 60 3.54 6.66 -9.85
N ASN A 61 3.01 6.84 -11.06
CA ASN A 61 1.58 6.73 -11.29
C ASN A 61 1.10 5.30 -11.07
N GLY A 62 0.46 5.06 -9.93
CA GLY A 62 -0.04 3.74 -9.61
C GLY A 62 0.90 2.96 -8.71
N VAL A 63 2.17 3.35 -8.72
CA VAL A 63 3.18 2.69 -7.90
C VAL A 63 3.20 3.26 -6.48
N LEU A 64 2.85 2.43 -5.51
CA LEU A 64 2.83 2.86 -4.11
C LEU A 64 3.68 1.92 -3.25
N GLN A 65 4.67 2.50 -2.57
CA GLN A 65 5.55 1.72 -1.70
C GLN A 65 5.21 1.95 -0.23
N ILE A 66 5.24 0.87 0.55
CA ILE A 66 4.93 0.95 1.97
C ILE A 66 6.06 0.36 2.81
N ARG A 67 6.87 1.23 3.40
CA ARG A 67 7.98 0.78 4.23
C ARG A 67 7.53 0.58 5.69
N TYR A 68 8.21 -0.32 6.38
CA TYR A 68 7.89 -0.61 7.77
C TYR A 68 6.49 -1.24 7.89
N ALA A 69 6.24 -2.24 7.06
CA ALA A 69 4.95 -2.93 7.07
C ALA A 69 4.68 -3.56 8.43
N LYS A 70 3.76 -2.95 9.18
CA LYS A 70 3.40 -3.46 10.50
C LYS A 70 2.34 -4.55 10.39
N LEU A 71 2.17 -5.31 11.47
CA LEU A 71 1.19 -6.39 11.51
C LEU A 71 -0.19 -5.88 11.08
N GLY A 72 -0.54 -4.69 11.55
CA GLY A 72 -1.83 -4.12 11.19
C GLY A 72 -1.99 -3.91 9.70
N ASP A 73 -0.89 -3.59 9.03
CA ASP A 73 -0.92 -3.36 7.59
C ASP A 73 -1.60 -4.53 6.87
N THR A 74 -1.59 -5.69 7.51
CA THR A 74 -2.20 -6.88 6.93
C THR A 74 -3.62 -6.59 6.43
N GLY A 75 -3.74 -6.37 5.13
CA GLY A 75 -5.05 -6.08 4.56
C GLY A 75 -5.10 -6.37 3.07
N ARG A 76 -6.27 -6.15 2.47
CA ARG A 76 -6.45 -6.39 1.05
C ARG A 76 -6.26 -5.10 0.25
N TYR A 77 -5.13 -4.98 -0.44
CA TYR A 77 -4.83 -3.80 -1.23
C TYR A 77 -5.49 -3.89 -2.61
N THR A 78 -6.15 -2.81 -3.00
CA THR A 78 -6.83 -2.76 -4.30
C THR A 78 -6.65 -1.40 -4.96
N CYS A 79 -6.32 -1.41 -6.24
CA CYS A 79 -6.12 -0.17 -7.00
C CYS A 79 -7.39 0.21 -7.76
N ILE A 80 -7.68 1.50 -7.80
CA ILE A 80 -8.86 2.00 -8.50
C ILE A 80 -8.47 2.96 -9.62
N ALA A 81 -9.05 2.74 -10.79
CA ALA A 81 -8.77 3.60 -11.94
C ALA A 81 -10.04 4.30 -12.43
N SER A 82 -10.03 5.63 -12.35
CA SER A 82 -11.18 6.43 -12.78
C SER A 82 -10.90 7.11 -14.11
N THR A 83 -11.84 7.00 -15.04
CA THR A 83 -11.69 7.61 -16.35
C THR A 83 -13.04 8.10 -16.88
N PRO A 84 -13.00 9.01 -17.87
CA PRO A 84 -14.20 9.57 -18.48
C PRO A 84 -14.94 8.55 -19.34
N SER A 85 -14.40 7.33 -19.40
CA SER A 85 -15.01 6.26 -20.19
C SER A 85 -15.52 5.15 -19.28
N GLY A 86 -14.93 5.04 -18.10
CA GLY A 86 -15.34 4.01 -17.16
C GLY A 86 -14.40 3.90 -15.98
N GLU A 87 -14.50 2.79 -15.24
CA GLU A 87 -13.66 2.57 -14.08
C GLU A 87 -13.46 1.08 -13.82
N ALA A 88 -12.25 0.72 -13.40
CA ALA A 88 -11.94 -0.68 -13.12
C ALA A 88 -11.13 -0.80 -11.83
N THR A 89 -10.98 -2.04 -11.35
CA THR A 89 -10.24 -2.30 -10.13
C THR A 89 -9.47 -3.61 -10.22
N TRP A 90 -8.60 -3.85 -9.24
CA TRP A 90 -7.78 -5.05 -9.22
C TRP A 90 -7.88 -5.74 -7.86
N SER A 91 -7.55 -7.03 -7.83
CA SER A 91 -7.60 -7.81 -6.59
C SER A 91 -6.19 -8.18 -6.14
N ALA A 92 -5.92 -7.97 -4.85
CA ALA A 92 -4.61 -8.29 -4.29
C ALA A 92 -4.66 -8.30 -2.76
N TYR A 93 -3.92 -9.23 -2.16
CA TYR A 93 -3.88 -9.35 -0.70
C TYR A 93 -2.45 -9.41 -0.20
N ILE A 94 -2.18 -8.69 0.88
CA ILE A 94 -0.85 -8.67 1.47
C ILE A 94 -0.87 -9.13 2.93
N GLU A 95 0.04 -10.05 3.27
CA GLU A 95 0.12 -10.56 4.62
C GLU A 95 1.41 -10.13 5.30
N VAL A 96 1.32 -9.80 6.59
CA VAL A 96 2.49 -9.37 7.34
C VAL A 96 2.72 -10.26 8.57
N GLN A 97 3.77 -11.06 8.52
CA GLN A 97 4.09 -11.95 9.63
C GLN A 97 5.35 -11.50 10.36
N GLU A 98 5.36 -11.65 11.67
CA GLU A 98 6.49 -11.25 12.48
C GLU A 98 7.70 -12.15 12.21
N PHE A 99 8.84 -11.54 11.92
CA PHE A 99 10.06 -12.28 11.64
C PHE A 99 11.26 -11.34 11.53
N GLY A 100 12.46 -11.90 11.66
CA GLY A 100 13.66 -11.10 11.56
C GLY A 100 13.49 -9.71 12.16
N VAL A 101 12.83 -9.64 13.32
CA VAL A 101 12.59 -8.37 13.99
C VAL A 101 13.50 -8.21 15.20
N PRO A 102 14.26 -7.11 15.24
CA PRO A 102 15.19 -6.82 16.33
C PRO A 102 14.44 -6.47 17.63
N VAL A 103 14.88 -7.06 18.73
CA VAL A 103 14.27 -6.81 20.03
C VAL A 103 15.22 -6.08 20.96
N GLN A 104 15.30 -4.76 20.80
CA GLN A 104 16.19 -3.95 21.63
C GLN A 104 15.61 -2.54 21.81
N PRO A 105 15.88 -1.93 22.98
CA PRO A 105 15.41 -0.59 23.31
C PRO A 105 16.10 0.49 22.47
N PRO A 106 15.59 1.72 22.56
CA PRO A 106 16.14 2.86 21.83
C PRO A 106 17.50 3.29 22.36
N ARG A 107 18.09 4.29 21.73
CA ARG A 107 19.40 4.80 22.14
C ARG A 107 19.49 4.88 23.67
N PRO A 108 20.67 4.57 24.21
CA PRO A 108 20.92 4.61 25.65
C PRO A 108 20.93 6.02 26.21
N THR A 109 20.70 6.15 27.51
CA THR A 109 20.70 7.45 28.16
C THR A 109 20.79 7.30 29.68
N ASP A 110 21.83 7.88 30.26
CA ASP A 110 22.03 7.82 31.70
C ASP A 110 21.76 9.18 32.34
N PRO A 111 20.48 9.47 32.56
CA PRO A 111 20.05 10.74 33.17
C PRO A 111 20.41 10.82 34.65
N ASN A 112 21.08 9.78 35.14
CA ASN A 112 21.48 9.73 36.54
C ASN A 112 22.98 9.46 36.67
N LEU A 113 23.76 10.06 35.78
CA LEU A 113 25.21 9.88 35.78
C LEU A 113 25.90 11.12 36.35
N ILE A 114 27.02 10.90 37.03
CA ILE A 114 27.79 11.99 37.61
C ILE A 114 28.88 12.47 36.66
N PRO A 115 29.05 13.81 36.57
CA PRO A 115 30.06 14.41 35.70
C PRO A 115 31.47 14.18 36.22
N SER A 116 32.05 13.04 35.82
CA SER A 116 33.41 12.70 36.24
C SER A 116 34.45 13.30 35.30
N ALA A 117 34.72 14.59 35.49
CA ALA A 117 35.69 15.29 34.66
C ALA A 117 36.30 16.48 35.39
N PRO A 118 37.63 16.62 35.31
CA PRO A 118 38.36 17.71 35.96
C PRO A 118 38.08 19.06 35.33
N GLY A 1 -8.34 -2.22 -37.74
CA GLY A 1 -8.33 -3.29 -36.75
C GLY A 1 -8.28 -2.77 -35.32
N SER A 2 -9.42 -2.33 -34.81
CA SER A 2 -9.50 -1.80 -33.46
C SER A 2 -10.59 -2.49 -32.66
N SER A 3 -10.22 -3.09 -31.53
CA SER A 3 -11.17 -3.79 -30.68
C SER A 3 -11.33 -3.08 -29.34
N GLY A 4 -12.30 -2.19 -29.26
CA GLY A 4 -12.54 -1.46 -28.03
C GLY A 4 -12.19 0.01 -28.16
N SER A 5 -13.19 0.87 -27.96
CA SER A 5 -12.99 2.31 -28.05
C SER A 5 -13.95 3.06 -27.13
N SER A 6 -13.48 4.16 -26.57
CA SER A 6 -14.29 4.97 -25.66
C SER A 6 -14.97 4.09 -24.62
N GLY A 7 -14.22 3.14 -24.08
CA GLY A 7 -14.76 2.25 -23.07
C GLY A 7 -14.07 2.41 -21.72
N PRO A 8 -14.40 1.51 -20.78
CA PRO A 8 -13.83 1.55 -19.44
C PRO A 8 -12.36 1.16 -19.42
N PRO A 9 -11.63 1.59 -18.38
CA PRO A 9 -10.20 1.30 -18.23
C PRO A 9 -9.93 -0.17 -17.92
N VAL A 10 -8.78 -0.67 -18.36
CA VAL A 10 -8.42 -2.06 -18.13
C VAL A 10 -6.98 -2.16 -17.60
N ILE A 11 -6.81 -2.95 -16.54
CA ILE A 11 -5.49 -3.13 -15.95
C ILE A 11 -4.80 -4.36 -16.52
N ARG A 12 -3.71 -4.13 -17.25
CA ARG A 12 -2.95 -5.22 -17.86
C ARG A 12 -2.04 -5.89 -16.83
N GLN A 13 -1.30 -5.08 -16.09
CA GLN A 13 -0.37 -5.58 -15.07
C GLN A 13 -1.12 -5.89 -13.78
N GLY A 14 -1.55 -4.84 -13.09
CA GLY A 14 -2.26 -5.02 -11.84
C GLY A 14 -1.43 -5.73 -10.78
N PRO A 15 -1.64 -5.36 -9.51
CA PRO A 15 -0.91 -5.96 -8.39
C PRO A 15 -1.32 -7.41 -8.14
N VAL A 16 -0.57 -8.09 -7.28
CA VAL A 16 -0.85 -9.48 -6.95
C VAL A 16 -0.60 -9.76 -5.47
N ASN A 17 -1.15 -10.87 -4.99
CA ASN A 17 -0.97 -11.25 -3.59
C ASN A 17 0.50 -11.50 -3.27
N GLN A 18 0.94 -11.02 -2.11
CA GLN A 18 2.33 -11.19 -1.69
C GLN A 18 2.43 -11.26 -0.18
N THR A 19 3.53 -11.82 0.31
CA THR A 19 3.75 -11.95 1.74
C THR A 19 4.99 -11.19 2.18
N VAL A 20 4.84 -10.40 3.25
CA VAL A 20 5.94 -9.60 3.78
C VAL A 20 6.05 -9.75 5.29
N ALA A 21 7.25 -9.51 5.82
CA ALA A 21 7.50 -9.62 7.25
C ALA A 21 7.25 -8.29 7.95
N VAL A 22 6.98 -8.34 9.25
CA VAL A 22 6.74 -7.13 10.03
C VAL A 22 7.79 -6.07 9.76
N ASP A 23 7.39 -4.81 9.85
CA ASP A 23 8.31 -3.70 9.63
C ASP A 23 9.14 -3.94 8.37
N GLY A 24 8.58 -4.69 7.42
CA GLY A 24 9.29 -4.97 6.18
C GLY A 24 9.09 -3.89 5.15
N THR A 25 8.91 -4.29 3.89
CA THR A 25 8.72 -3.35 2.80
C THR A 25 8.09 -4.03 1.59
N PHE A 26 6.96 -3.51 1.14
CA PHE A 26 6.27 -4.07 -0.01
C PHE A 26 5.83 -2.97 -0.97
N VAL A 27 5.91 -3.25 -2.28
CA VAL A 27 5.52 -2.29 -3.30
C VAL A 27 4.59 -2.92 -4.32
N LEU A 28 3.53 -2.18 -4.67
CA LEU A 28 2.56 -2.67 -5.64
C LEU A 28 2.48 -1.75 -6.85
N SER A 29 2.52 -2.32 -8.04
CA SER A 29 2.46 -1.55 -9.28
C SER A 29 1.17 -1.84 -10.04
N CYS A 30 0.41 -0.79 -10.31
CA CYS A 30 -0.86 -0.92 -11.02
C CYS A 30 -0.85 -0.07 -12.29
N VAL A 31 -1.03 -0.73 -13.43
CA VAL A 31 -1.05 -0.03 -14.71
C VAL A 31 -2.36 -0.28 -15.46
N ALA A 32 -3.11 0.78 -15.71
CA ALA A 32 -4.37 0.68 -16.41
C ALA A 32 -4.38 1.55 -17.66
N THR A 33 -5.17 1.14 -18.65
CA THR A 33 -5.27 1.88 -19.91
C THR A 33 -6.52 2.76 -19.94
N GLY A 34 -6.47 3.81 -20.75
CA GLY A 34 -7.61 4.71 -20.85
C GLY A 34 -7.19 6.16 -20.99
N SER A 35 -8.00 6.94 -21.69
CA SER A 35 -7.71 8.36 -21.90
C SER A 35 -8.91 9.22 -21.53
N PRO A 36 -8.65 10.31 -20.80
CA PRO A 36 -7.29 10.66 -20.36
C PRO A 36 -6.75 9.70 -19.30
N VAL A 37 -5.43 9.63 -19.19
CA VAL A 37 -4.79 8.76 -18.23
C VAL A 37 -5.57 8.71 -16.92
N PRO A 38 -5.92 7.49 -16.48
CA PRO A 38 -6.68 7.28 -15.25
C PRO A 38 -5.85 7.59 -14.00
N THR A 39 -6.52 7.61 -12.85
CA THR A 39 -5.84 7.90 -11.60
C THR A 39 -5.70 6.64 -10.74
N ILE A 40 -4.47 6.28 -10.42
CA ILE A 40 -4.21 5.10 -9.61
C ILE A 40 -4.41 5.39 -8.12
N LEU A 41 -5.18 4.54 -7.46
CA LEU A 41 -5.45 4.71 -6.03
C LEU A 41 -5.41 3.36 -5.31
N TRP A 42 -5.72 3.39 -4.02
CA TRP A 42 -5.72 2.17 -3.21
C TRP A 42 -6.83 2.21 -2.17
N ARG A 43 -7.19 1.04 -1.65
CA ARG A 43 -8.24 0.94 -0.64
C ARG A 43 -7.95 -0.19 0.33
N LYS A 44 -7.91 0.12 1.62
CA LYS A 44 -7.64 -0.86 2.66
C LYS A 44 -8.95 -1.33 3.30
N ASP A 45 -9.24 -2.63 3.15
CA ASP A 45 -10.45 -3.20 3.72
C ASP A 45 -11.67 -2.34 3.41
N GLY A 46 -11.62 -1.65 2.26
CA GLY A 46 -12.73 -0.80 1.86
C GLY A 46 -12.60 0.61 2.43
N VAL A 47 -11.38 1.09 2.55
CA VAL A 47 -11.13 2.42 3.08
C VAL A 47 -10.06 3.14 2.27
N LEU A 48 -10.29 4.43 2.02
CA LEU A 48 -9.35 5.25 1.25
C LEU A 48 -8.00 5.31 1.95
N VAL A 49 -6.96 4.82 1.27
CA VAL A 49 -5.61 4.81 1.82
C VAL A 49 -5.12 6.24 2.08
N SER A 50 -4.43 6.43 3.19
CA SER A 50 -3.90 7.74 3.55
C SER A 50 -2.44 7.88 3.14
N THR A 51 -2.21 8.54 2.01
CA THR A 51 -0.86 8.74 1.50
C THR A 51 -0.21 9.94 2.15
N GLN A 52 -0.34 10.05 3.47
CA GLN A 52 0.24 11.16 4.21
C GLN A 52 1.36 10.68 5.13
N ASP A 53 1.30 9.41 5.51
CA ASP A 53 2.32 8.82 6.38
C ASP A 53 3.56 8.46 5.58
N SER A 54 4.71 9.03 5.98
CA SER A 54 5.96 8.76 5.31
C SER A 54 6.04 7.31 4.84
N ARG A 55 5.44 6.42 5.61
CA ARG A 55 5.44 5.00 5.27
C ARG A 55 4.95 4.77 3.85
N ILE A 56 3.73 5.23 3.58
CA ILE A 56 3.14 5.07 2.24
C ILE A 56 3.42 6.30 1.39
N LYS A 57 4.09 6.08 0.26
CA LYS A 57 4.41 7.16 -0.66
C LYS A 57 4.38 6.68 -2.11
N GLN A 58 3.92 7.55 -3.00
CA GLN A 58 3.83 7.21 -4.42
C GLN A 58 5.08 7.68 -5.17
N LEU A 59 6.01 6.76 -5.41
CA LEU A 59 7.24 7.08 -6.10
C LEU A 59 6.97 7.40 -7.57
N GLU A 60 6.43 6.41 -8.29
CA GLU A 60 6.11 6.57 -9.70
C GLU A 60 4.61 6.51 -9.94
N ASN A 61 4.19 6.89 -11.14
CA ASN A 61 2.78 6.89 -11.49
C ASN A 61 2.18 5.49 -11.33
N GLY A 62 1.30 5.34 -10.35
CA GLY A 62 0.67 4.05 -10.10
C GLY A 62 1.48 3.18 -9.17
N VAL A 63 2.75 3.52 -9.00
CA VAL A 63 3.64 2.76 -8.13
C VAL A 63 3.57 3.27 -6.70
N LEU A 64 3.21 2.38 -5.78
CA LEU A 64 3.10 2.75 -4.37
C LEU A 64 3.92 1.79 -3.50
N GLN A 65 4.80 2.35 -2.69
CA GLN A 65 5.64 1.56 -1.81
C GLN A 65 5.33 1.83 -0.34
N ILE A 66 5.30 0.78 0.47
CA ILE A 66 5.01 0.92 1.89
C ILE A 66 6.08 0.25 2.74
N ARG A 67 6.86 1.05 3.44
CA ARG A 67 7.93 0.54 4.30
C ARG A 67 7.42 0.34 5.73
N TYR A 68 8.18 -0.43 6.51
CA TYR A 68 7.82 -0.70 7.89
C TYR A 68 6.41 -1.29 7.97
N ALA A 69 6.12 -2.25 7.11
CA ALA A 69 4.81 -2.89 7.08
C ALA A 69 4.45 -3.46 8.45
N LYS A 70 3.64 -2.72 9.19
CA LYS A 70 3.22 -3.15 10.53
C LYS A 70 2.17 -4.25 10.43
N LEU A 71 1.93 -4.92 11.55
CA LEU A 71 0.94 -6.00 11.60
C LEU A 71 -0.44 -5.49 11.22
N GLY A 72 -0.70 -4.22 11.52
CA GLY A 72 -1.99 -3.63 11.20
C GLY A 72 -2.18 -3.40 9.72
N ASP A 73 -1.07 -3.22 9.01
CA ASP A 73 -1.11 -3.00 7.57
C ASP A 73 -1.71 -4.20 6.85
N THR A 74 -1.74 -5.34 7.53
CA THR A 74 -2.27 -6.56 6.95
C THR A 74 -3.68 -6.35 6.41
N GLY A 75 -3.78 -6.18 5.09
CA GLY A 75 -5.08 -5.98 4.48
C GLY A 75 -5.07 -6.30 2.99
N ARG A 76 -6.19 -6.04 2.33
CA ARG A 76 -6.31 -6.31 0.90
C ARG A 76 -6.12 -5.03 0.08
N TYR A 77 -4.96 -4.91 -0.53
CA TYR A 77 -4.65 -3.74 -1.35
C TYR A 77 -5.25 -3.88 -2.75
N THR A 78 -6.21 -3.02 -3.06
CA THR A 78 -6.87 -3.04 -4.35
C THR A 78 -6.63 -1.74 -5.12
N CYS A 79 -6.47 -1.85 -6.43
CA CYS A 79 -6.22 -0.68 -7.27
C CYS A 79 -7.54 -0.16 -7.87
N ILE A 80 -7.59 1.14 -8.13
CA ILE A 80 -8.77 1.76 -8.70
C ILE A 80 -8.40 2.78 -9.76
N ALA A 81 -9.02 2.68 -10.93
CA ALA A 81 -8.76 3.60 -12.03
C ALA A 81 -10.01 4.38 -12.39
N SER A 82 -10.05 5.65 -11.97
CA SER A 82 -11.19 6.52 -12.25
C SER A 82 -11.03 7.21 -13.59
N THR A 83 -12.07 7.13 -14.42
CA THR A 83 -12.04 7.76 -15.74
C THR A 83 -13.42 8.29 -16.13
N PRO A 84 -13.45 9.21 -17.10
CA PRO A 84 -14.69 9.82 -17.58
C PRO A 84 -15.56 8.83 -18.36
N SER A 85 -15.09 7.59 -18.45
CA SER A 85 -15.82 6.55 -19.16
C SER A 85 -16.28 5.45 -18.22
N GLY A 86 -15.53 5.25 -17.14
CA GLY A 86 -15.87 4.23 -16.16
C GLY A 86 -14.83 4.08 -15.08
N GLU A 87 -14.80 2.91 -14.44
CA GLU A 87 -13.84 2.64 -13.38
C GLU A 87 -13.68 1.14 -13.16
N ALA A 88 -12.44 0.69 -13.06
CA ALA A 88 -12.15 -0.73 -12.85
C ALA A 88 -11.32 -0.93 -11.58
N THR A 89 -11.17 -2.19 -11.18
CA THR A 89 -10.40 -2.52 -9.99
C THR A 89 -9.59 -3.80 -10.19
N TRP A 90 -8.64 -4.04 -9.30
CA TRP A 90 -7.81 -5.24 -9.38
C TRP A 90 -7.79 -5.98 -8.05
N SER A 91 -7.48 -7.27 -8.11
CA SER A 91 -7.42 -8.10 -6.90
C SER A 91 -5.99 -8.23 -6.39
N ALA A 92 -5.82 -8.03 -5.09
CA ALA A 92 -4.50 -8.12 -4.47
C ALA A 92 -4.61 -8.20 -2.95
N TYR A 93 -3.68 -8.93 -2.33
CA TYR A 93 -3.69 -9.08 -0.88
C TYR A 93 -2.26 -9.03 -0.33
N ILE A 94 -2.12 -8.52 0.88
CA ILE A 94 -0.82 -8.41 1.52
C ILE A 94 -0.87 -8.89 2.97
N GLU A 95 -0.05 -9.87 3.30
CA GLU A 95 -0.01 -10.42 4.65
C GLU A 95 1.29 -10.03 5.35
N VAL A 96 1.18 -9.59 6.60
CA VAL A 96 2.35 -9.19 7.38
C VAL A 96 2.61 -10.18 8.50
N GLN A 97 3.62 -11.03 8.31
CA GLN A 97 3.98 -12.03 9.31
C GLN A 97 5.15 -11.55 10.16
N GLU A 98 5.09 -11.82 11.46
CA GLU A 98 6.15 -11.42 12.38
C GLU A 98 7.42 -12.21 12.13
N PHE A 99 8.55 -11.64 12.52
CA PHE A 99 9.85 -12.29 12.33
C PHE A 99 10.11 -13.29 13.45
N GLY A 100 11.25 -13.97 13.37
CA GLY A 100 11.61 -14.95 14.38
C GLY A 100 12.21 -14.32 15.62
N VAL A 101 11.60 -13.23 16.08
CA VAL A 101 12.09 -12.52 17.27
C VAL A 101 11.48 -13.11 18.54
N PRO A 102 12.35 -13.51 19.48
CA PRO A 102 11.92 -14.09 20.75
C PRO A 102 11.26 -13.06 21.66
N VAL A 103 10.10 -13.43 22.22
CA VAL A 103 9.36 -12.54 23.11
C VAL A 103 10.26 -12.01 24.22
N GLN A 104 10.16 -10.70 24.47
CA GLN A 104 10.97 -10.06 25.50
C GLN A 104 10.28 -8.81 26.03
N PRO A 105 10.55 -8.47 27.30
CA PRO A 105 9.97 -7.30 27.95
C PRO A 105 10.52 -5.99 27.39
N PRO A 106 9.80 -4.89 27.65
CA PRO A 106 10.21 -3.56 27.17
C PRO A 106 11.44 -3.03 27.89
N ARG A 107 12.08 -2.03 27.30
CA ARG A 107 13.28 -1.43 27.88
C ARG A 107 13.14 -1.33 29.40
N PRO A 108 14.28 -1.42 30.10
CA PRO A 108 14.32 -1.34 31.56
C PRO A 108 14.03 0.08 32.07
N THR A 109 12.76 0.33 32.38
CA THR A 109 12.34 1.64 32.87
C THR A 109 10.90 1.60 33.37
N ASP A 110 10.53 2.61 34.16
CA ASP A 110 9.18 2.69 34.69
C ASP A 110 8.28 3.52 33.78
N PRO A 111 7.33 2.85 33.12
CA PRO A 111 6.39 3.49 32.20
C PRO A 111 5.38 4.38 32.92
N ASN A 112 4.93 3.91 34.09
CA ASN A 112 3.96 4.66 34.88
C ASN A 112 4.65 5.43 36.00
N LEU A 113 5.70 6.18 35.64
CA LEU A 113 6.45 6.96 36.62
C LEU A 113 6.09 8.45 36.51
N ILE A 114 6.07 9.12 37.66
CA ILE A 114 5.74 10.53 37.70
C ILE A 114 6.83 11.33 38.41
N PRO A 115 7.80 11.84 37.63
CA PRO A 115 8.91 12.62 38.16
C PRO A 115 8.48 13.99 38.66
N SER A 116 9.05 14.43 39.77
CA SER A 116 8.71 15.72 40.36
C SER A 116 9.93 16.64 40.38
N ALA A 117 9.72 17.88 40.82
CA ALA A 117 10.80 18.85 40.89
C ALA A 117 10.32 20.14 41.55
N PRO A 118 11.23 20.80 42.31
CA PRO A 118 10.92 22.05 43.00
C PRO A 118 10.73 23.22 42.03
N GLY A 1 -2.76 12.99 -36.58
CA GLY A 1 -2.06 13.71 -35.53
C GLY A 1 -1.73 12.83 -34.34
N SER A 2 -2.37 13.10 -33.21
CA SER A 2 -2.12 12.33 -31.99
C SER A 2 -3.02 11.10 -31.95
N SER A 3 -2.72 10.19 -31.03
CA SER A 3 -3.48 8.96 -30.89
C SER A 3 -4.28 8.96 -29.59
N GLY A 4 -5.51 8.45 -29.64
CA GLY A 4 -6.35 8.41 -28.47
C GLY A 4 -7.62 7.62 -28.70
N SER A 5 -7.89 6.66 -27.83
CA SER A 5 -9.07 5.82 -27.95
C SER A 5 -9.90 5.86 -26.65
N SER A 6 -11.21 5.99 -26.80
CA SER A 6 -12.10 6.04 -25.64
C SER A 6 -12.68 4.65 -25.35
N GLY A 7 -12.75 4.32 -24.05
CA GLY A 7 -13.28 3.03 -23.65
C GLY A 7 -13.14 2.79 -22.16
N PRO A 8 -13.61 1.62 -21.71
CA PRO A 8 -13.55 1.25 -20.29
C PRO A 8 -12.13 0.97 -19.82
N PRO A 9 -11.84 1.32 -18.56
CA PRO A 9 -10.51 1.13 -17.97
C PRO A 9 -10.21 -0.35 -17.73
N VAL A 10 -9.02 -0.77 -18.15
CA VAL A 10 -8.60 -2.16 -17.97
C VAL A 10 -7.14 -2.24 -17.55
N ILE A 11 -6.90 -2.82 -16.37
CA ILE A 11 -5.55 -2.97 -15.84
C ILE A 11 -4.84 -4.15 -16.49
N ARG A 12 -3.90 -3.85 -17.39
CA ARG A 12 -3.14 -4.89 -18.07
C ARG A 12 -2.16 -5.56 -17.12
N GLN A 13 -1.35 -4.75 -16.44
CA GLN A 13 -0.36 -5.27 -15.50
C GLN A 13 -0.66 -4.79 -14.08
N GLY A 14 -1.57 -5.49 -13.41
CA GLY A 14 -1.94 -5.12 -12.05
C GLY A 14 -1.10 -5.83 -11.02
N PRO A 15 -1.25 -5.44 -9.75
CA PRO A 15 -0.51 -6.04 -8.63
C PRO A 15 -0.96 -7.48 -8.35
N VAL A 16 -0.32 -8.12 -7.38
CA VAL A 16 -0.64 -9.48 -7.01
C VAL A 16 -0.45 -9.71 -5.51
N ASN A 17 -0.77 -10.91 -5.06
CA ASN A 17 -0.62 -11.26 -3.65
C ASN A 17 0.84 -11.50 -3.29
N GLN A 18 1.27 -10.96 -2.16
CA GLN A 18 2.65 -11.12 -1.70
C GLN A 18 2.71 -11.25 -0.19
N THR A 19 3.81 -11.82 0.30
CA THR A 19 3.98 -12.01 1.74
C THR A 19 5.21 -11.26 2.24
N VAL A 20 5.01 -10.43 3.26
CA VAL A 20 6.10 -9.65 3.84
C VAL A 20 6.12 -9.78 5.37
N ALA A 21 7.30 -9.64 5.94
CA ALA A 21 7.45 -9.73 7.39
C ALA A 21 7.25 -8.37 8.06
N VAL A 22 6.84 -8.39 9.32
CA VAL A 22 6.61 -7.16 10.07
C VAL A 22 7.74 -6.15 9.84
N ASP A 23 7.39 -4.87 9.87
CA ASP A 23 8.37 -3.81 9.66
C ASP A 23 9.22 -4.09 8.42
N GLY A 24 8.66 -4.84 7.49
CA GLY A 24 9.38 -5.17 6.26
C GLY A 24 9.22 -4.11 5.20
N THR A 25 9.11 -4.55 3.94
CA THR A 25 8.97 -3.62 2.83
C THR A 25 8.24 -4.29 1.66
N PHE A 26 7.05 -3.77 1.33
CA PHE A 26 6.27 -4.32 0.24
C PHE A 26 5.77 -3.21 -0.68
N VAL A 27 5.83 -3.45 -1.99
CA VAL A 27 5.40 -2.47 -2.97
C VAL A 27 4.39 -3.07 -3.94
N LEU A 28 3.54 -2.23 -4.51
CA LEU A 28 2.53 -2.68 -5.47
C LEU A 28 2.43 -1.73 -6.64
N SER A 29 2.28 -2.28 -7.85
CA SER A 29 2.17 -1.48 -9.06
C SER A 29 0.87 -1.77 -9.79
N CYS A 30 0.26 -0.74 -10.36
CA CYS A 30 -0.99 -0.89 -11.10
C CYS A 30 -0.94 -0.12 -12.41
N VAL A 31 -1.06 -0.85 -13.52
CA VAL A 31 -1.04 -0.24 -14.84
C VAL A 31 -2.39 -0.36 -15.53
N ALA A 32 -2.92 0.77 -15.98
CA ALA A 32 -4.22 0.79 -16.67
C ALA A 32 -4.18 1.74 -17.86
N THR A 33 -5.10 1.52 -18.80
CA THR A 33 -5.19 2.35 -19.99
C THR A 33 -6.47 3.17 -20.00
N GLY A 34 -6.57 4.10 -20.95
CA GLY A 34 -7.75 4.95 -21.05
C GLY A 34 -7.42 6.42 -20.98
N SER A 35 -8.09 7.22 -21.80
CA SER A 35 -7.87 8.65 -21.85
C SER A 35 -9.14 9.42 -21.49
N PRO A 36 -8.98 10.47 -20.66
CA PRO A 36 -7.68 10.87 -20.14
C PRO A 36 -7.12 9.88 -19.12
N VAL A 37 -5.80 9.87 -18.96
CA VAL A 37 -5.16 8.97 -18.02
C VAL A 37 -6.00 8.78 -16.77
N PRO A 38 -6.18 7.50 -16.36
CA PRO A 38 -6.97 7.16 -15.18
C PRO A 38 -6.28 7.58 -13.88
N THR A 39 -7.06 7.63 -12.80
CA THR A 39 -6.53 8.02 -11.50
C THR A 39 -6.16 6.80 -10.67
N ILE A 40 -4.88 6.69 -10.33
CA ILE A 40 -4.39 5.56 -9.53
C ILE A 40 -4.61 5.81 -8.05
N LEU A 41 -5.25 4.85 -7.38
CA LEU A 41 -5.52 4.97 -5.95
C LEU A 41 -5.49 3.59 -5.28
N TRP A 42 -5.71 3.57 -3.97
CA TRP A 42 -5.70 2.33 -3.21
C TRP A 42 -6.74 2.38 -2.10
N ARG A 43 -7.23 1.20 -1.70
CA ARG A 43 -8.22 1.11 -0.65
C ARG A 43 -7.98 -0.13 0.22
N LYS A 44 -7.91 0.07 1.52
CA LYS A 44 -7.69 -1.04 2.46
C LYS A 44 -8.97 -1.37 3.23
N ASP A 45 -9.42 -2.61 3.10
CA ASP A 45 -10.64 -3.06 3.78
C ASP A 45 -11.76 -2.04 3.60
N GLY A 46 -11.95 -1.57 2.38
CA GLY A 46 -12.99 -0.61 2.10
C GLY A 46 -12.70 0.75 2.71
N VAL A 47 -11.42 1.13 2.74
CA VAL A 47 -11.02 2.41 3.30
C VAL A 47 -9.97 3.09 2.44
N LEU A 48 -10.11 4.40 2.27
CA LEU A 48 -9.17 5.17 1.46
C LEU A 48 -7.80 5.23 2.12
N VAL A 49 -6.83 4.58 1.50
CA VAL A 49 -5.46 4.55 2.03
C VAL A 49 -4.98 5.96 2.36
N SER A 50 -4.06 6.07 3.32
CA SER A 50 -3.52 7.36 3.73
C SER A 50 -2.17 7.60 3.08
N THR A 51 -2.17 7.74 1.75
CA THR A 51 -0.94 7.98 1.00
C THR A 51 -0.21 9.22 1.53
N GLN A 52 -0.92 10.03 2.31
CA GLN A 52 -0.34 11.24 2.88
C GLN A 52 0.73 10.90 3.91
N ASP A 53 0.59 9.74 4.53
CA ASP A 53 1.55 9.29 5.54
C ASP A 53 2.97 9.26 4.97
N SER A 54 3.95 9.25 5.86
CA SER A 54 5.36 9.21 5.45
C SER A 54 5.76 7.81 5.01
N ARG A 55 5.20 6.80 5.66
CA ARG A 55 5.49 5.41 5.34
C ARG A 55 5.21 5.13 3.87
N ILE A 56 4.03 5.54 3.41
CA ILE A 56 3.63 5.32 2.03
C ILE A 56 3.99 6.52 1.15
N LYS A 57 4.57 6.25 -0.01
CA LYS A 57 4.96 7.30 -0.94
C LYS A 57 4.82 6.83 -2.39
N GLN A 58 4.35 7.74 -3.24
CA GLN A 58 4.18 7.41 -4.66
C GLN A 58 5.46 7.69 -5.44
N LEU A 59 6.19 6.63 -5.75
CA LEU A 59 7.44 6.75 -6.51
C LEU A 59 7.16 7.04 -7.97
N GLU A 60 6.62 6.04 -8.68
CA GLU A 60 6.31 6.19 -10.09
C GLU A 60 4.81 6.24 -10.31
N ASN A 61 4.40 6.32 -11.57
CA ASN A 61 2.99 6.38 -11.93
C ASN A 61 2.30 5.05 -11.62
N GLY A 62 1.53 5.02 -10.54
CA GLY A 62 0.83 3.81 -10.15
C GLY A 62 1.62 2.97 -9.16
N VAL A 63 2.92 3.19 -9.11
CA VAL A 63 3.79 2.45 -8.20
C VAL A 63 3.68 2.99 -6.78
N LEU A 64 3.27 2.14 -5.86
CA LEU A 64 3.13 2.54 -4.46
C LEU A 64 3.90 1.58 -3.55
N GLN A 65 4.88 2.12 -2.82
CA GLN A 65 5.69 1.32 -1.91
C GLN A 65 5.38 1.68 -0.47
N ILE A 66 5.20 0.65 0.36
CA ILE A 66 4.91 0.85 1.78
C ILE A 66 6.01 0.27 2.66
N ARG A 67 6.58 1.11 3.51
CA ARG A 67 7.65 0.67 4.41
C ARG A 67 7.13 0.53 5.84
N TYR A 68 7.81 -0.30 6.62
CA TYR A 68 7.41 -0.53 8.00
C TYR A 68 6.02 -1.16 8.08
N ALA A 69 5.82 -2.22 7.32
CA ALA A 69 4.53 -2.91 7.29
C ALA A 69 4.22 -3.52 8.65
N LYS A 70 3.29 -2.90 9.38
CA LYS A 70 2.91 -3.39 10.70
C LYS A 70 1.84 -4.48 10.58
N LEU A 71 1.56 -5.14 11.69
CA LEU A 71 0.56 -6.20 11.72
C LEU A 71 -0.82 -5.66 11.37
N GLY A 72 -1.12 -4.45 11.85
CA GLY A 72 -2.40 -3.84 11.59
C GLY A 72 -2.61 -3.56 10.11
N ASP A 73 -1.52 -3.34 9.39
CA ASP A 73 -1.59 -3.07 7.96
C ASP A 73 -2.20 -4.24 7.20
N THR A 74 -1.91 -5.45 7.66
CA THR A 74 -2.42 -6.65 7.03
C THR A 74 -3.84 -6.44 6.51
N GLY A 75 -3.96 -6.23 5.20
CA GLY A 75 -5.26 -6.02 4.60
C GLY A 75 -5.28 -6.37 3.12
N ARG A 76 -6.37 -6.01 2.45
CA ARG A 76 -6.51 -6.29 1.03
C ARG A 76 -6.22 -5.04 0.19
N TYR A 77 -5.12 -5.08 -0.56
CA TYR A 77 -4.73 -3.96 -1.40
C TYR A 77 -5.33 -4.09 -2.80
N THR A 78 -6.13 -3.10 -3.18
CA THR A 78 -6.77 -3.12 -4.49
C THR A 78 -6.55 -1.79 -5.22
N CYS A 79 -6.44 -1.85 -6.54
CA CYS A 79 -6.22 -0.66 -7.35
C CYS A 79 -7.55 -0.12 -7.89
N ILE A 80 -7.60 1.18 -8.13
CA ILE A 80 -8.80 1.82 -8.65
C ILE A 80 -8.46 2.81 -9.76
N ALA A 81 -9.17 2.70 -10.88
CA ALA A 81 -8.95 3.59 -12.01
C ALA A 81 -10.25 4.26 -12.44
N SER A 82 -10.42 5.51 -11.99
CA SER A 82 -11.63 6.27 -12.32
C SER A 82 -11.46 6.99 -13.66
N THR A 83 -12.47 6.87 -14.52
CA THR A 83 -12.45 7.50 -15.83
C THR A 83 -13.85 7.95 -16.25
N PRO A 84 -13.90 8.89 -17.22
CA PRO A 84 -15.16 9.44 -17.72
C PRO A 84 -15.94 8.41 -18.54
N SER A 85 -15.42 7.19 -18.60
CA SER A 85 -16.07 6.12 -19.36
C SER A 85 -16.46 4.97 -18.44
N GLY A 86 -15.71 4.81 -17.35
CA GLY A 86 -16.00 3.75 -16.41
C GLY A 86 -14.96 3.66 -15.30
N GLU A 87 -15.03 2.61 -14.50
CA GLU A 87 -14.10 2.40 -13.40
C GLU A 87 -13.81 0.92 -13.19
N ALA A 88 -12.53 0.59 -13.07
CA ALA A 88 -12.12 -0.80 -12.87
C ALA A 88 -11.19 -0.92 -11.66
N THR A 89 -10.93 -2.15 -11.24
CA THR A 89 -10.06 -2.41 -10.11
C THR A 89 -9.32 -3.74 -10.26
N TRP A 90 -8.28 -3.93 -9.46
CA TRP A 90 -7.50 -5.16 -9.50
C TRP A 90 -7.53 -5.88 -8.16
N SER A 91 -7.24 -7.17 -8.18
CA SER A 91 -7.24 -7.98 -6.96
C SER A 91 -5.81 -8.15 -6.43
N ALA A 92 -5.62 -7.84 -5.15
CA ALA A 92 -4.31 -7.98 -4.52
C ALA A 92 -4.42 -7.94 -3.00
N TYR A 93 -3.60 -8.75 -2.34
CA TYR A 93 -3.61 -8.81 -0.88
C TYR A 93 -2.20 -9.03 -0.33
N ILE A 94 -1.88 -8.35 0.76
CA ILE A 94 -0.56 -8.46 1.38
C ILE A 94 -0.68 -8.92 2.83
N GLU A 95 0.13 -9.90 3.20
CA GLU A 95 0.11 -10.44 4.56
C GLU A 95 1.36 -10.01 5.32
N VAL A 96 1.18 -9.65 6.59
CA VAL A 96 2.30 -9.21 7.42
C VAL A 96 2.52 -10.18 8.58
N GLN A 97 3.49 -11.08 8.43
CA GLN A 97 3.80 -12.05 9.46
C GLN A 97 4.84 -11.50 10.43
N GLU A 98 4.74 -11.93 11.69
CA GLU A 98 5.68 -11.48 12.72
C GLU A 98 6.86 -12.44 12.85
N PHE A 99 8.06 -11.89 12.90
CA PHE A 99 9.27 -12.69 13.02
C PHE A 99 9.67 -12.86 14.48
N GLY A 100 8.75 -12.56 15.38
CA GLY A 100 9.02 -12.68 16.81
C GLY A 100 8.25 -13.81 17.45
N VAL A 101 8.05 -14.89 16.71
CA VAL A 101 7.33 -16.05 17.21
C VAL A 101 8.09 -16.73 18.34
N PRO A 102 7.43 -16.91 19.49
CA PRO A 102 8.03 -17.56 20.66
C PRO A 102 8.25 -19.05 20.45
N VAL A 103 9.39 -19.55 20.92
CA VAL A 103 9.72 -20.96 20.79
C VAL A 103 9.62 -21.68 22.13
N GLN A 104 9.21 -22.94 22.08
CA GLN A 104 9.07 -23.75 23.29
C GLN A 104 10.29 -23.59 24.19
N PRO A 105 10.06 -23.10 25.41
CA PRO A 105 11.12 -22.89 26.39
C PRO A 105 11.69 -24.20 26.93
N PRO A 106 12.89 -24.14 27.52
CA PRO A 106 13.56 -25.32 28.08
C PRO A 106 12.86 -25.84 29.34
N ARG A 107 13.47 -26.83 29.98
CA ARG A 107 12.90 -27.43 31.18
C ARG A 107 13.70 -27.00 32.42
N PRO A 108 12.98 -26.73 33.51
CA PRO A 108 13.59 -26.31 34.78
C PRO A 108 14.36 -27.43 35.45
N THR A 109 15.69 -27.39 35.34
CA THR A 109 16.53 -28.42 35.94
C THR A 109 16.85 -28.09 37.40
N ASP A 110 15.97 -28.50 38.30
CA ASP A 110 16.15 -28.26 39.72
C ASP A 110 16.21 -29.57 40.49
N PRO A 111 17.39 -30.22 40.48
CA PRO A 111 17.60 -31.49 41.18
C PRO A 111 17.60 -31.32 42.69
N ASN A 112 18.20 -30.25 43.17
CA ASN A 112 18.26 -29.98 44.60
C ASN A 112 17.40 -28.77 44.97
N LEU A 113 16.24 -28.67 44.32
CA LEU A 113 15.33 -27.56 44.57
C LEU A 113 15.22 -27.29 46.07
N ILE A 114 15.29 -26.01 46.44
CA ILE A 114 15.19 -25.61 47.84
C ILE A 114 13.78 -25.85 48.38
N PRO A 115 13.69 -26.66 49.44
CA PRO A 115 12.41 -26.99 50.08
C PRO A 115 11.81 -25.80 50.81
N SER A 116 10.58 -25.96 51.30
CA SER A 116 9.91 -24.91 52.04
C SER A 116 9.54 -25.36 53.44
N ALA A 117 10.17 -24.73 54.43
CA ALA A 117 9.92 -25.06 55.83
C ALA A 117 9.60 -23.82 56.65
N PRO A 118 8.76 -23.99 57.68
CA PRO A 118 8.35 -22.89 58.56
C PRO A 118 9.50 -22.40 59.44
N GLY A 1 -13.12 17.06 -31.51
CA GLY A 1 -11.68 17.07 -31.31
C GLY A 1 -11.24 16.05 -30.28
N SER A 2 -11.18 14.78 -30.69
CA SER A 2 -10.78 13.70 -29.80
C SER A 2 -9.67 12.86 -30.42
N SER A 3 -8.67 12.52 -29.63
CA SER A 3 -7.54 11.72 -30.10
C SER A 3 -7.86 10.23 -30.00
N GLY A 4 -8.56 9.71 -31.00
CA GLY A 4 -8.91 8.29 -31.00
C GLY A 4 -9.91 7.95 -29.93
N SER A 5 -10.65 6.86 -30.13
CA SER A 5 -11.65 6.42 -29.17
C SER A 5 -11.26 5.10 -28.53
N SER A 6 -11.36 5.04 -27.20
CA SER A 6 -11.00 3.84 -26.46
C SER A 6 -12.12 3.45 -25.49
N GLY A 7 -12.31 2.15 -25.33
CA GLY A 7 -13.34 1.66 -24.42
C GLY A 7 -13.03 1.95 -22.96
N PRO A 8 -13.62 1.15 -22.06
CA PRO A 8 -13.41 1.31 -20.62
C PRO A 8 -12.00 0.90 -20.20
N PRO A 9 -11.61 1.30 -18.97
CA PRO A 9 -10.29 0.99 -18.42
C PRO A 9 -10.15 -0.50 -18.09
N VAL A 10 -9.05 -1.09 -18.54
CA VAL A 10 -8.78 -2.50 -18.30
C VAL A 10 -7.40 -2.70 -17.68
N ILE A 11 -7.36 -3.36 -16.53
CA ILE A 11 -6.11 -3.61 -15.83
C ILE A 11 -5.28 -4.66 -16.57
N ARG A 12 -4.25 -4.20 -17.27
CA ARG A 12 -3.37 -5.09 -18.03
C ARG A 12 -2.49 -5.91 -17.09
N GLN A 13 -1.94 -5.25 -16.06
CA GLN A 13 -1.08 -5.91 -15.10
C GLN A 13 -1.05 -5.14 -13.78
N GLY A 14 -1.55 -5.76 -12.72
CA GLY A 14 -1.56 -5.13 -11.42
C GLY A 14 -0.78 -5.90 -10.38
N PRO A 15 -1.03 -5.59 -9.10
CA PRO A 15 -0.35 -6.26 -7.98
C PRO A 15 -0.78 -7.72 -7.82
N VAL A 16 0.07 -8.50 -7.17
CA VAL A 16 -0.23 -9.92 -6.95
C VAL A 16 -0.02 -10.30 -5.49
N ASN A 17 -0.93 -11.10 -4.95
CA ASN A 17 -0.84 -11.54 -3.57
C ASN A 17 0.57 -11.97 -3.22
N GLN A 18 1.22 -11.21 -2.35
CA GLN A 18 2.59 -11.52 -1.93
C GLN A 18 2.72 -11.48 -0.41
N THR A 19 3.69 -12.23 0.11
CA THR A 19 3.92 -12.28 1.55
C THR A 19 5.12 -11.44 1.95
N VAL A 20 4.96 -10.66 3.01
CA VAL A 20 6.04 -9.80 3.49
C VAL A 20 6.24 -9.97 4.99
N ALA A 21 7.48 -9.82 5.44
CA ALA A 21 7.81 -9.94 6.85
C ALA A 21 7.56 -8.64 7.59
N VAL A 22 7.55 -8.70 8.92
CA VAL A 22 7.32 -7.53 9.75
C VAL A 22 8.39 -6.46 9.50
N ASP A 23 7.98 -5.20 9.55
CA ASP A 23 8.89 -4.09 9.33
C ASP A 23 9.64 -4.25 8.02
N GLY A 24 9.04 -4.98 7.08
CA GLY A 24 9.65 -5.20 5.79
C GLY A 24 9.38 -4.08 4.81
N THR A 25 9.16 -4.44 3.55
CA THR A 25 8.88 -3.45 2.51
C THR A 25 8.05 -4.05 1.39
N PHE A 26 6.77 -3.69 1.34
CA PHE A 26 5.87 -4.19 0.31
C PHE A 26 5.34 -3.06 -0.55
N VAL A 27 5.44 -3.22 -1.86
CA VAL A 27 4.96 -2.21 -2.80
C VAL A 27 3.99 -2.81 -3.81
N LEU A 28 3.02 -2.00 -4.23
CA LEU A 28 2.03 -2.45 -5.20
C LEU A 28 1.98 -1.52 -6.42
N SER A 29 1.95 -2.11 -7.60
CA SER A 29 1.91 -1.33 -8.83
C SER A 29 0.68 -1.70 -9.67
N CYS A 30 -0.04 -0.69 -10.14
CA CYS A 30 -1.23 -0.90 -10.95
C CYS A 30 -1.05 -0.32 -12.35
N VAL A 31 -1.15 -1.17 -13.37
CA VAL A 31 -1.02 -0.73 -14.74
C VAL A 31 -2.34 -0.83 -15.49
N ALA A 32 -2.91 0.33 -15.81
CA ALA A 32 -4.18 0.37 -16.53
C ALA A 32 -4.08 1.25 -17.78
N THR A 33 -4.95 1.00 -18.74
CA THR A 33 -4.95 1.76 -19.99
C THR A 33 -6.17 2.66 -20.08
N GLY A 34 -6.19 3.53 -21.08
CA GLY A 34 -7.31 4.44 -21.26
C GLY A 34 -6.88 5.88 -21.40
N SER A 35 -7.47 6.59 -22.36
CA SER A 35 -7.14 7.99 -22.61
C SER A 35 -8.31 8.89 -22.28
N PRO A 36 -8.08 9.87 -21.38
CA PRO A 36 -6.77 10.06 -20.76
C PRO A 36 -6.44 8.95 -19.77
N VAL A 37 -5.17 8.92 -19.33
CA VAL A 37 -4.72 7.92 -18.38
C VAL A 37 -5.58 7.91 -17.12
N PRO A 38 -5.91 6.70 -16.63
CA PRO A 38 -6.72 6.55 -15.42
C PRO A 38 -5.99 6.97 -14.16
N THR A 39 -6.74 7.24 -13.10
CA THR A 39 -6.16 7.65 -11.84
C THR A 39 -5.89 6.46 -10.93
N ILE A 40 -4.61 6.23 -10.62
CA ILE A 40 -4.23 5.11 -9.76
C ILE A 40 -4.40 5.47 -8.29
N LEU A 41 -5.10 4.62 -7.56
CA LEU A 41 -5.34 4.85 -6.14
C LEU A 41 -5.34 3.52 -5.37
N TRP A 42 -5.57 3.61 -4.06
CA TRP A 42 -5.60 2.42 -3.22
C TRP A 42 -6.62 2.57 -2.10
N ARG A 43 -7.14 1.44 -1.62
CA ARG A 43 -8.12 1.46 -0.54
C ARG A 43 -7.88 0.32 0.44
N LYS A 44 -7.69 0.67 1.71
CA LYS A 44 -7.44 -0.32 2.75
C LYS A 44 -8.71 -0.58 3.57
N ASP A 45 -9.19 -1.81 3.51
CA ASP A 45 -10.40 -2.19 4.24
C ASP A 45 -11.50 -1.16 4.04
N GLY A 46 -11.56 -0.58 2.84
CA GLY A 46 -12.57 0.41 2.55
C GLY A 46 -12.21 1.79 3.06
N VAL A 47 -10.91 2.09 3.06
CA VAL A 47 -10.43 3.39 3.52
C VAL A 47 -9.35 3.95 2.60
N LEU A 48 -9.56 5.18 2.15
CA LEU A 48 -8.61 5.83 1.25
C LEU A 48 -7.22 5.90 1.89
N VAL A 49 -6.27 5.20 1.29
CA VAL A 49 -4.89 5.19 1.79
C VAL A 49 -4.47 6.58 2.24
N SER A 50 -3.73 6.64 3.35
CA SER A 50 -3.26 7.91 3.88
C SER A 50 -1.86 8.23 3.36
N THR A 51 -1.81 8.89 2.21
CA THR A 51 -0.53 9.26 1.61
C THR A 51 0.09 10.46 2.31
N GLN A 52 0.10 10.43 3.63
CA GLN A 52 0.66 11.52 4.43
C GLN A 52 1.86 11.04 5.24
N ASP A 53 1.86 9.76 5.59
CA ASP A 53 2.94 9.18 6.37
C ASP A 53 4.13 8.83 5.47
N SER A 54 5.30 9.38 5.79
CA SER A 54 6.50 9.14 5.01
C SER A 54 6.56 7.69 4.53
N ARG A 55 6.07 6.78 5.37
CA ARG A 55 6.06 5.36 5.04
C ARG A 55 5.38 5.12 3.70
N ILE A 56 4.21 5.74 3.51
CA ILE A 56 3.46 5.59 2.27
C ILE A 56 3.71 6.77 1.33
N LYS A 57 4.31 6.48 0.19
CA LYS A 57 4.60 7.52 -0.79
C LYS A 57 4.60 6.94 -2.21
N GLN A 58 4.10 7.73 -3.16
CA GLN A 58 4.04 7.29 -4.56
C GLN A 58 5.29 7.71 -5.31
N LEU A 59 6.15 6.74 -5.60
CA LEU A 59 7.39 7.01 -6.33
C LEU A 59 7.12 7.21 -7.81
N GLU A 60 6.73 6.14 -8.48
CA GLU A 60 6.43 6.19 -9.91
C GLU A 60 4.93 6.35 -10.16
N ASN A 61 4.56 6.55 -11.41
CA ASN A 61 3.16 6.71 -11.78
C ASN A 61 2.36 5.45 -11.45
N GLY A 62 1.51 5.53 -10.42
CA GLY A 62 0.71 4.39 -10.03
C GLY A 62 1.51 3.35 -9.26
N VAL A 63 2.42 3.83 -8.41
CA VAL A 63 3.25 2.94 -7.61
C VAL A 63 3.32 3.41 -6.16
N LEU A 64 2.60 2.71 -5.29
CA LEU A 64 2.58 3.06 -3.87
C LEU A 64 3.35 2.03 -3.04
N GLN A 65 4.39 2.49 -2.34
CA GLN A 65 5.20 1.61 -1.52
C GLN A 65 5.06 1.97 -0.04
N ILE A 66 4.93 0.95 0.80
CA ILE A 66 4.78 1.15 2.23
C ILE A 66 5.92 0.49 3.00
N ARG A 67 6.70 1.29 3.72
CA ARG A 67 7.82 0.77 4.49
C ARG A 67 7.40 0.51 5.95
N TYR A 68 8.14 -0.36 6.61
CA TYR A 68 7.85 -0.71 8.00
C TYR A 68 6.47 -1.35 8.12
N ALA A 69 6.20 -2.34 7.27
CA ALA A 69 4.93 -3.04 7.28
C ALA A 69 4.71 -3.76 8.61
N LYS A 70 3.85 -3.19 9.45
CA LYS A 70 3.55 -3.77 10.75
C LYS A 70 2.46 -4.85 10.64
N LEU A 71 2.23 -5.57 11.73
CA LEU A 71 1.22 -6.62 11.74
C LEU A 71 -0.18 -6.03 11.60
N GLY A 72 -0.32 -4.77 12.01
CA GLY A 72 -1.62 -4.11 11.92
C GLY A 72 -1.94 -3.64 10.51
N ASP A 73 -0.96 -3.72 9.63
CA ASP A 73 -1.14 -3.30 8.24
C ASP A 73 -1.82 -4.39 7.43
N THR A 74 -1.63 -5.64 7.85
CA THR A 74 -2.22 -6.78 7.15
C THR A 74 -3.66 -6.49 6.75
N GLY A 75 -3.86 -6.05 5.51
CA GLY A 75 -5.19 -5.74 5.03
C GLY A 75 -5.37 -6.11 3.57
N ARG A 76 -6.43 -5.59 2.95
CA ARG A 76 -6.73 -5.88 1.56
C ARG A 76 -6.45 -4.65 0.69
N TYR A 77 -5.38 -4.72 -0.10
CA TYR A 77 -5.00 -3.63 -0.98
C TYR A 77 -5.56 -3.83 -2.38
N THR A 78 -6.37 -2.87 -2.84
CA THR A 78 -6.96 -2.95 -4.16
C THR A 78 -6.67 -1.70 -4.97
N CYS A 79 -6.59 -1.85 -6.29
CA CYS A 79 -6.30 -0.73 -7.18
C CYS A 79 -7.59 -0.14 -7.73
N ILE A 80 -7.55 1.15 -8.06
CA ILE A 80 -8.72 1.83 -8.60
C ILE A 80 -8.33 2.80 -9.72
N ALA A 81 -8.89 2.60 -10.90
CA ALA A 81 -8.60 3.45 -12.04
C ALA A 81 -9.86 4.20 -12.49
N SER A 82 -9.86 5.51 -12.26
CA SER A 82 -11.00 6.34 -12.63
C SER A 82 -10.78 6.98 -14.00
N THR A 83 -11.81 6.95 -14.84
CA THR A 83 -11.73 7.52 -16.17
C THR A 83 -13.06 8.14 -16.59
N PRO A 84 -13.01 9.04 -17.59
CA PRO A 84 -14.21 9.72 -18.10
C PRO A 84 -15.12 8.78 -18.87
N SER A 85 -14.74 7.50 -18.94
CA SER A 85 -15.53 6.50 -19.65
C SER A 85 -16.00 5.41 -18.70
N GLY A 86 -15.24 5.20 -17.62
CA GLY A 86 -15.60 4.18 -16.65
C GLY A 86 -14.57 4.05 -15.54
N GLU A 87 -14.53 2.88 -14.92
CA GLU A 87 -13.58 2.62 -13.84
C GLU A 87 -13.33 1.12 -13.68
N ALA A 88 -12.09 0.78 -13.33
CA ALA A 88 -11.72 -0.63 -13.14
C ALA A 88 -10.96 -0.81 -11.83
N THR A 89 -10.77 -2.07 -11.44
CA THR A 89 -10.06 -2.39 -10.21
C THR A 89 -9.36 -3.74 -10.32
N TRP A 90 -8.46 -4.01 -9.38
CA TRP A 90 -7.71 -5.27 -9.37
C TRP A 90 -7.71 -5.88 -7.97
N SER A 91 -7.76 -7.21 -7.91
CA SER A 91 -7.77 -7.92 -6.64
C SER A 91 -6.34 -8.18 -6.16
N ALA A 92 -6.06 -7.81 -4.92
CA ALA A 92 -4.73 -8.01 -4.34
C ALA A 92 -4.77 -7.90 -2.82
N TYR A 93 -3.96 -8.70 -2.15
CA TYR A 93 -3.91 -8.70 -0.70
C TYR A 93 -2.47 -8.90 -0.20
N ILE A 94 -2.14 -8.24 0.89
CA ILE A 94 -0.80 -8.35 1.47
C ILE A 94 -0.86 -8.89 2.90
N GLU A 95 -0.08 -9.95 3.15
CA GLU A 95 -0.04 -10.57 4.46
C GLU A 95 1.29 -10.31 5.15
N VAL A 96 1.24 -9.86 6.41
CA VAL A 96 2.44 -9.57 7.17
C VAL A 96 2.72 -10.67 8.19
N GLN A 97 3.92 -11.24 8.12
CA GLN A 97 4.31 -12.30 9.04
C GLN A 97 5.49 -11.86 9.91
N GLU A 98 5.53 -12.37 11.14
CA GLU A 98 6.61 -12.03 12.07
C GLU A 98 7.84 -12.90 11.80
N PHE A 99 9.01 -12.27 11.82
CA PHE A 99 10.26 -12.99 11.59
C PHE A 99 11.46 -12.08 11.85
N GLY A 100 12.49 -12.62 12.48
CA GLY A 100 13.68 -11.85 12.78
C GLY A 100 13.36 -10.52 13.41
N VAL A 101 12.29 -10.48 14.22
CA VAL A 101 11.88 -9.25 14.88
C VAL A 101 12.66 -9.05 16.17
N PRO A 102 13.34 -7.89 16.26
CA PRO A 102 14.15 -7.53 17.44
C PRO A 102 13.28 -7.25 18.67
N VAL A 103 13.79 -7.63 19.83
CA VAL A 103 13.06 -7.42 21.08
C VAL A 103 13.10 -5.94 21.50
N GLN A 104 11.93 -5.31 21.49
CA GLN A 104 11.84 -3.90 21.86
C GLN A 104 12.70 -3.60 23.08
N PRO A 105 13.86 -2.98 22.84
CA PRO A 105 14.81 -2.62 23.90
C PRO A 105 14.28 -1.49 24.79
N PRO A 106 14.75 -1.46 26.04
CA PRO A 106 14.34 -0.43 27.00
C PRO A 106 14.90 0.95 26.66
N ARG A 107 14.49 1.95 27.42
CA ARG A 107 14.94 3.32 27.19
C ARG A 107 16.30 3.55 27.83
N PRO A 108 17.18 4.27 27.12
CA PRO A 108 18.53 4.58 27.60
C PRO A 108 18.52 5.58 28.75
N THR A 109 19.16 5.21 29.85
CA THR A 109 19.23 6.07 31.03
C THR A 109 20.13 5.47 32.10
N ASP A 110 21.25 6.14 32.36
CA ASP A 110 22.20 5.67 33.36
C ASP A 110 22.72 6.84 34.21
N PRO A 111 22.72 6.66 35.53
CA PRO A 111 23.19 7.68 36.47
C PRO A 111 24.69 7.89 36.41
N ASN A 112 25.42 6.78 36.28
CA ASN A 112 26.88 6.85 36.20
C ASN A 112 27.36 6.62 34.77
N LEU A 113 26.63 7.18 33.82
CA LEU A 113 26.98 7.05 32.41
C LEU A 113 28.28 7.78 32.10
N ILE A 114 29.14 7.16 31.30
CA ILE A 114 30.40 7.76 30.92
C ILE A 114 30.22 9.21 30.47
N PRO A 115 30.62 10.15 31.34
CA PRO A 115 30.51 11.58 31.05
C PRO A 115 31.48 12.03 29.97
N SER A 116 30.94 12.61 28.90
CA SER A 116 31.76 13.08 27.78
C SER A 116 31.43 14.53 27.45
N ALA A 117 32.38 15.21 26.81
CA ALA A 117 32.19 16.60 26.42
C ALA A 117 33.27 17.05 25.44
N PRO A 118 32.90 17.98 24.54
CA PRO A 118 33.82 18.52 23.54
C PRO A 118 34.91 19.39 24.15
N GLY A 1 -10.28 3.37 -40.02
CA GLY A 1 -10.30 3.48 -38.58
C GLY A 1 -9.69 4.79 -38.09
N SER A 2 -10.37 5.44 -37.14
CA SER A 2 -9.90 6.70 -36.60
C SER A 2 -8.78 6.47 -35.58
N SER A 3 -8.02 7.53 -35.30
CA SER A 3 -6.91 7.45 -34.36
C SER A 3 -7.42 7.63 -32.93
N GLY A 4 -7.73 6.52 -32.27
CA GLY A 4 -8.22 6.59 -30.90
C GLY A 4 -9.48 5.75 -30.69
N SER A 5 -9.41 4.82 -29.74
CA SER A 5 -10.54 3.95 -29.45
C SER A 5 -11.03 4.16 -28.02
N SER A 6 -12.16 4.85 -27.89
CA SER A 6 -12.75 5.12 -26.58
C SER A 6 -13.23 3.84 -25.91
N GLY A 7 -12.95 3.71 -24.61
CA GLY A 7 -13.36 2.53 -23.89
C GLY A 7 -13.02 2.60 -22.42
N PRO A 8 -13.54 1.65 -21.63
CA PRO A 8 -13.31 1.60 -20.18
C PRO A 8 -11.88 1.21 -19.85
N PRO A 9 -11.40 1.62 -18.66
CA PRO A 9 -10.05 1.33 -18.20
C PRO A 9 -9.86 -0.15 -17.87
N VAL A 10 -8.93 -0.80 -18.58
CA VAL A 10 -8.66 -2.21 -18.36
C VAL A 10 -7.29 -2.41 -17.69
N ILE A 11 -7.30 -3.03 -16.52
CA ILE A 11 -6.05 -3.28 -15.80
C ILE A 11 -5.30 -4.48 -16.38
N ARG A 12 -4.30 -4.19 -17.19
CA ARG A 12 -3.50 -5.24 -17.81
C ARG A 12 -2.55 -5.87 -16.80
N GLN A 13 -1.80 -5.03 -16.10
CA GLN A 13 -0.85 -5.49 -15.10
C GLN A 13 -1.05 -4.78 -13.77
N GLY A 14 -1.64 -5.47 -12.81
CA GLY A 14 -1.87 -4.88 -11.51
C GLY A 14 -1.11 -5.59 -10.40
N PRO A 15 -1.52 -5.33 -9.14
CA PRO A 15 -0.89 -5.94 -7.97
C PRO A 15 -1.18 -7.43 -7.86
N VAL A 16 -0.37 -8.14 -7.07
CA VAL A 16 -0.55 -9.57 -6.88
C VAL A 16 -0.24 -9.97 -5.43
N ASN A 17 -1.04 -10.88 -4.90
CA ASN A 17 -0.86 -11.36 -3.54
C ASN A 17 0.63 -11.56 -3.22
N GLN A 18 1.10 -10.91 -2.18
CA GLN A 18 2.50 -11.03 -1.78
C GLN A 18 2.62 -11.28 -0.27
N THR A 19 3.80 -11.74 0.15
CA THR A 19 4.04 -12.03 1.56
C THR A 19 5.26 -11.28 2.07
N VAL A 20 5.09 -10.53 3.16
CA VAL A 20 6.18 -9.77 3.75
C VAL A 20 6.15 -9.88 5.26
N ALA A 21 7.32 -9.67 5.89
CA ALA A 21 7.44 -9.74 7.34
C ALA A 21 7.23 -8.37 7.97
N VAL A 22 6.85 -8.36 9.24
CA VAL A 22 6.62 -7.11 9.96
C VAL A 22 7.74 -6.10 9.69
N ASP A 23 7.40 -4.82 9.81
CA ASP A 23 8.38 -3.76 9.58
C ASP A 23 9.28 -4.10 8.40
N GLY A 24 8.73 -4.81 7.42
CA GLY A 24 9.49 -5.18 6.24
C GLY A 24 9.42 -4.14 5.14
N THR A 25 9.16 -4.59 3.91
CA THR A 25 9.07 -3.69 2.78
C THR A 25 8.28 -4.32 1.64
N PHE A 26 7.17 -3.69 1.26
CA PHE A 26 6.33 -4.19 0.19
C PHE A 26 5.84 -3.05 -0.69
N VAL A 27 5.77 -3.29 -2.00
CA VAL A 27 5.32 -2.30 -2.95
C VAL A 27 4.32 -2.89 -3.94
N LEU A 28 3.32 -2.10 -4.30
CA LEU A 28 2.29 -2.54 -5.24
C LEU A 28 2.21 -1.60 -6.44
N SER A 29 2.14 -2.18 -7.64
CA SER A 29 2.06 -1.41 -8.86
C SER A 29 0.75 -1.66 -9.59
N CYS A 30 0.34 -0.71 -10.42
CA CYS A 30 -0.90 -0.84 -11.18
C CYS A 30 -0.80 -0.12 -12.52
N VAL A 31 -1.10 -0.83 -13.60
CA VAL A 31 -1.04 -0.25 -14.93
C VAL A 31 -2.36 -0.46 -15.68
N ALA A 32 -3.03 0.64 -16.00
CA ALA A 32 -4.30 0.58 -16.72
C ALA A 32 -4.28 1.48 -17.94
N THR A 33 -5.17 1.20 -18.90
CA THR A 33 -5.25 1.99 -20.12
C THR A 33 -6.38 3.01 -20.03
N GLY A 34 -6.49 3.85 -21.06
CA GLY A 34 -7.52 4.87 -21.08
C GLY A 34 -6.96 6.27 -21.20
N SER A 35 -7.56 7.07 -22.09
CA SER A 35 -7.11 8.44 -22.32
C SER A 35 -8.18 9.44 -21.89
N PRO A 36 -7.79 10.40 -21.05
CA PRO A 36 -6.41 10.52 -20.56
C PRO A 36 -6.05 9.40 -19.59
N VAL A 37 -4.77 9.30 -19.26
CA VAL A 37 -4.30 8.27 -18.33
C VAL A 37 -5.20 8.17 -17.11
N PRO A 38 -5.57 6.93 -16.74
CA PRO A 38 -6.43 6.68 -15.59
C PRO A 38 -5.73 6.96 -14.26
N THR A 39 -6.51 7.44 -13.29
CA THR A 39 -5.97 7.77 -11.97
C THR A 39 -5.92 6.54 -11.08
N ILE A 40 -4.72 6.14 -10.69
CA ILE A 40 -4.53 4.98 -9.83
C ILE A 40 -4.65 5.35 -8.35
N LEU A 41 -5.37 4.54 -7.59
CA LEU A 41 -5.55 4.79 -6.17
C LEU A 41 -5.28 3.52 -5.35
N TRP A 42 -5.49 3.61 -4.05
CA TRP A 42 -5.28 2.47 -3.17
C TRP A 42 -6.29 2.46 -2.03
N ARG A 43 -6.72 1.27 -1.63
CA ARG A 43 -7.70 1.13 -0.55
C ARG A 43 -7.39 -0.10 0.30
N LYS A 44 -7.64 0.01 1.60
CA LYS A 44 -7.39 -1.09 2.52
C LYS A 44 -8.63 -1.39 3.36
N ASP A 45 -9.18 -2.59 3.21
CA ASP A 45 -10.36 -3.00 3.94
C ASP A 45 -11.48 -1.96 3.80
N GLY A 46 -11.60 -1.39 2.60
CA GLY A 46 -12.63 -0.40 2.36
C GLY A 46 -12.27 0.96 2.95
N VAL A 47 -10.98 1.31 2.87
CA VAL A 47 -10.51 2.60 3.39
C VAL A 47 -9.49 3.23 2.45
N LEU A 48 -9.65 4.53 2.20
CA LEU A 48 -8.74 5.25 1.32
C LEU A 48 -7.36 5.39 1.97
N VAL A 49 -6.35 4.82 1.33
CA VAL A 49 -4.98 4.90 1.84
C VAL A 49 -4.64 6.31 2.30
N SER A 50 -4.00 6.41 3.46
CA SER A 50 -3.62 7.70 4.01
C SER A 50 -2.18 8.05 3.64
N THR A 51 -2.04 8.88 2.61
CA THR A 51 -0.71 9.29 2.15
C THR A 51 -0.18 10.46 2.98
N GLN A 52 -0.37 10.37 4.29
CA GLN A 52 0.09 11.42 5.20
C GLN A 52 1.28 10.94 6.02
N ASP A 53 1.36 9.63 6.24
CA ASP A 53 2.44 9.04 7.01
C ASP A 53 3.63 8.73 6.11
N SER A 54 4.77 9.35 6.42
CA SER A 54 5.99 9.14 5.64
C SER A 54 6.08 7.69 5.15
N ARG A 55 5.75 6.75 6.03
CA ARG A 55 5.79 5.34 5.69
C ARG A 55 5.34 5.11 4.25
N ILE A 56 4.12 5.54 3.94
CA ILE A 56 3.56 5.38 2.60
C ILE A 56 3.88 6.60 1.73
N LYS A 57 4.47 6.35 0.57
CA LYS A 57 4.82 7.42 -0.36
C LYS A 57 4.65 6.96 -1.81
N GLN A 58 3.92 7.76 -2.58
CA GLN A 58 3.69 7.42 -3.99
C GLN A 58 4.87 7.87 -4.86
N LEU A 59 5.75 6.93 -5.18
CA LEU A 59 6.92 7.22 -5.99
C LEU A 59 6.50 7.71 -7.38
N GLU A 60 5.80 6.87 -8.11
CA GLU A 60 5.33 7.22 -9.45
C GLU A 60 3.83 7.00 -9.59
N ASN A 61 3.30 7.30 -10.78
CA ASN A 61 1.88 7.13 -11.04
C ASN A 61 1.45 5.67 -10.86
N GLY A 62 0.72 5.40 -9.78
CA GLY A 62 0.26 4.05 -9.51
C GLY A 62 1.21 3.30 -8.59
N VAL A 63 2.49 3.61 -8.68
CA VAL A 63 3.49 2.95 -7.86
C VAL A 63 3.45 3.47 -6.42
N LEU A 64 3.16 2.57 -5.49
CA LEU A 64 3.08 2.93 -4.08
C LEU A 64 3.90 1.97 -3.22
N GLN A 65 4.94 2.48 -2.58
CA GLN A 65 5.79 1.67 -1.73
C GLN A 65 5.51 1.94 -0.25
N ILE A 66 5.30 0.87 0.50
CA ILE A 66 5.01 1.00 1.93
C ILE A 66 6.11 0.32 2.76
N ARG A 67 6.89 1.13 3.45
CA ARG A 67 7.98 0.62 4.29
C ARG A 67 7.50 0.43 5.73
N TYR A 68 8.21 -0.41 6.47
CA TYR A 68 7.87 -0.68 7.86
C TYR A 68 6.49 -1.33 7.97
N ALA A 69 6.21 -2.27 7.07
CA ALA A 69 4.94 -2.97 7.06
C ALA A 69 4.63 -3.57 8.42
N LYS A 70 3.73 -2.92 9.17
CA LYS A 70 3.35 -3.39 10.49
C LYS A 70 2.36 -4.54 10.39
N LEU A 71 2.08 -5.17 11.53
CA LEU A 71 1.14 -6.30 11.57
C LEU A 71 -0.25 -5.86 11.11
N GLY A 72 -0.78 -4.83 11.75
CA GLY A 72 -2.10 -4.34 11.39
C GLY A 72 -2.22 -4.07 9.91
N ASP A 73 -1.17 -3.53 9.30
CA ASP A 73 -1.18 -3.23 7.88
C ASP A 73 -1.91 -4.31 7.09
N THR A 74 -1.69 -5.57 7.46
CA THR A 74 -2.34 -6.69 6.79
C THR A 74 -3.73 -6.31 6.33
N GLY A 75 -3.91 -6.21 5.01
CA GLY A 75 -5.21 -5.87 4.46
C GLY A 75 -5.33 -6.21 2.99
N ARG A 76 -6.48 -5.91 2.41
CA ARG A 76 -6.72 -6.20 0.99
C ARG A 76 -6.47 -4.95 0.15
N TYR A 77 -5.32 -4.92 -0.52
CA TYR A 77 -4.96 -3.79 -1.36
C TYR A 77 -5.63 -3.90 -2.74
N THR A 78 -6.57 -3.00 -3.00
CA THR A 78 -7.28 -3.01 -4.28
C THR A 78 -6.92 -1.78 -5.11
N CYS A 79 -6.80 -1.97 -6.42
CA CYS A 79 -6.45 -0.88 -7.33
C CYS A 79 -7.71 -0.25 -7.92
N ILE A 80 -7.61 1.03 -8.26
CA ILE A 80 -8.74 1.75 -8.84
C ILE A 80 -8.30 2.63 -10.01
N ALA A 81 -9.08 2.61 -11.09
CA ALA A 81 -8.77 3.40 -12.26
C ALA A 81 -9.97 4.22 -12.71
N SER A 82 -9.96 5.51 -12.40
CA SER A 82 -11.05 6.41 -12.76
C SER A 82 -10.77 7.08 -14.11
N THR A 83 -11.75 7.00 -15.02
CA THR A 83 -11.61 7.60 -16.33
C THR A 83 -12.95 8.12 -16.84
N PRO A 84 -12.90 9.03 -17.82
CA PRO A 84 -14.10 9.63 -18.41
C PRO A 84 -14.90 8.63 -19.25
N SER A 85 -14.42 7.39 -19.28
CA SER A 85 -15.09 6.34 -20.04
C SER A 85 -15.64 5.26 -19.12
N GLY A 86 -15.02 5.10 -17.96
CA GLY A 86 -15.46 4.11 -17.00
C GLY A 86 -14.50 3.96 -15.83
N GLU A 87 -14.61 2.84 -15.13
CA GLU A 87 -13.75 2.58 -13.97
C GLU A 87 -13.68 1.09 -13.66
N ALA A 88 -12.52 0.64 -13.21
CA ALA A 88 -12.32 -0.76 -12.87
C ALA A 88 -11.46 -0.91 -11.62
N THR A 89 -11.37 -2.14 -11.12
CA THR A 89 -10.59 -2.43 -9.93
C THR A 89 -9.88 -3.77 -10.04
N TRP A 90 -8.86 -3.96 -9.21
CA TRP A 90 -8.09 -5.20 -9.22
C TRP A 90 -8.15 -5.88 -7.86
N SER A 91 -7.85 -7.18 -7.84
CA SER A 91 -7.86 -7.95 -6.59
C SER A 91 -6.45 -8.24 -6.11
N ALA A 92 -6.19 -7.92 -4.85
CA ALA A 92 -4.87 -8.15 -4.26
C ALA A 92 -4.92 -8.05 -2.74
N TYR A 93 -4.14 -8.89 -2.07
CA TYR A 93 -4.10 -8.90 -0.62
C TYR A 93 -2.68 -9.14 -0.12
N ILE A 94 -2.24 -8.31 0.82
CA ILE A 94 -0.91 -8.43 1.39
C ILE A 94 -0.96 -8.96 2.82
N GLU A 95 -0.03 -9.85 3.14
CA GLU A 95 0.03 -10.44 4.48
C GLU A 95 1.31 -10.03 5.20
N VAL A 96 1.19 -9.73 6.49
CA VAL A 96 2.34 -9.34 7.29
C VAL A 96 2.59 -10.32 8.42
N GLN A 97 3.65 -11.10 8.29
CA GLN A 97 4.02 -12.09 9.30
C GLN A 97 5.13 -11.57 10.21
N GLU A 98 5.04 -11.89 11.49
CA GLU A 98 6.04 -11.46 12.46
C GLU A 98 7.32 -12.26 12.32
N PHE A 99 8.46 -11.57 12.43
CA PHE A 99 9.77 -12.22 12.31
C PHE A 99 9.93 -13.31 13.36
N GLY A 100 11.04 -14.04 13.28
CA GLY A 100 11.30 -15.11 14.23
C GLY A 100 11.93 -14.59 15.51
N VAL A 101 11.38 -13.52 16.06
CA VAL A 101 11.90 -12.93 17.29
C VAL A 101 11.56 -13.80 18.50
N PRO A 102 12.54 -13.97 19.39
CA PRO A 102 12.37 -14.78 20.60
C PRO A 102 11.43 -14.13 21.61
N VAL A 103 10.73 -14.95 22.38
CA VAL A 103 9.79 -14.45 23.38
C VAL A 103 10.48 -13.53 24.37
N GLN A 104 10.06 -12.28 24.41
CA GLN A 104 10.64 -11.29 25.31
C GLN A 104 9.58 -10.72 26.26
N PRO A 105 9.99 -10.41 27.50
CA PRO A 105 9.09 -9.85 28.51
C PRO A 105 8.67 -8.43 28.18
N PRO A 106 7.49 -8.03 28.69
CA PRO A 106 6.95 -6.69 28.47
C PRO A 106 7.73 -5.62 29.21
N ARG A 107 7.43 -4.36 28.92
CA ARG A 107 8.10 -3.23 29.56
C ARG A 107 8.28 -3.49 31.06
N PRO A 108 9.41 -3.03 31.61
CA PRO A 108 9.73 -3.20 33.03
C PRO A 108 8.84 -2.35 33.92
N THR A 109 8.61 -2.81 35.15
CA THR A 109 7.78 -2.09 36.10
C THR A 109 8.13 -2.47 37.53
N ASP A 110 8.24 -1.46 38.39
CA ASP A 110 8.57 -1.70 39.80
C ASP A 110 7.32 -1.63 40.66
N PRO A 111 6.92 -2.79 41.21
CA PRO A 111 5.73 -2.89 42.07
C PRO A 111 5.92 -2.20 43.41
N ASN A 112 7.03 -2.53 44.08
CA ASN A 112 7.33 -1.94 45.39
C ASN A 112 8.05 -0.59 45.22
N LEU A 113 7.58 0.21 44.28
CA LEU A 113 8.17 1.51 44.02
C LEU A 113 7.39 2.61 44.75
N ILE A 114 8.12 3.53 45.38
CA ILE A 114 7.50 4.63 46.10
C ILE A 114 6.68 4.12 47.28
N PRO A 115 7.32 3.33 48.16
CA PRO A 115 6.65 2.77 49.34
C PRO A 115 6.32 3.82 50.37
N SER A 116 6.63 5.08 50.06
CA SER A 116 6.36 6.18 50.97
C SER A 116 6.94 5.89 52.35
N ALA A 117 8.20 5.46 52.38
CA ALA A 117 8.87 5.15 53.64
C ALA A 117 8.84 6.35 54.58
N PRO A 118 8.12 6.19 55.71
CA PRO A 118 7.99 7.24 56.72
C PRO A 118 9.29 7.49 57.47
N GLY A 1 -11.04 21.83 -26.97
CA GLY A 1 -11.19 20.64 -27.81
C GLY A 1 -10.05 19.66 -27.63
N SER A 2 -10.35 18.52 -27.01
CA SER A 2 -9.34 17.49 -26.77
C SER A 2 -9.78 16.16 -27.38
N SER A 3 -8.81 15.27 -27.59
CA SER A 3 -9.09 13.96 -28.16
C SER A 3 -8.09 12.92 -27.67
N GLY A 4 -8.56 12.00 -26.84
CA GLY A 4 -7.70 10.97 -26.29
C GLY A 4 -7.38 9.89 -27.31
N SER A 5 -6.23 9.24 -27.15
CA SER A 5 -5.82 8.19 -28.06
C SER A 5 -6.33 6.83 -27.60
N SER A 6 -6.14 6.54 -26.31
CA SER A 6 -6.58 5.28 -25.74
C SER A 6 -8.08 5.28 -25.49
N GLY A 7 -8.63 4.12 -25.15
CA GLY A 7 -10.06 4.02 -24.90
C GLY A 7 -10.36 3.81 -23.42
N PRO A 8 -11.19 2.80 -23.13
CA PRO A 8 -11.58 2.48 -21.75
C PRO A 8 -10.42 1.91 -20.94
N PRO A 9 -10.53 2.01 -19.60
CA PRO A 9 -9.49 1.51 -18.68
C PRO A 9 -9.44 -0.01 -18.65
N VAL A 10 -8.23 -0.55 -18.78
CA VAL A 10 -8.04 -2.00 -18.77
C VAL A 10 -6.77 -2.38 -18.00
N ILE A 11 -6.96 -3.00 -16.84
CA ILE A 11 -5.83 -3.40 -16.01
C ILE A 11 -5.06 -4.55 -16.66
N ARG A 12 -3.87 -4.24 -17.18
CA ARG A 12 -3.04 -5.24 -17.82
C ARG A 12 -2.61 -6.32 -16.83
N GLN A 13 -1.90 -5.91 -15.78
CA GLN A 13 -1.44 -6.84 -14.77
C GLN A 13 -1.86 -6.40 -13.37
N GLY A 14 -2.11 -5.09 -13.23
CA GLY A 14 -2.52 -4.55 -11.95
C GLY A 14 -1.65 -5.05 -10.81
N PRO A 15 -2.07 -4.74 -9.57
CA PRO A 15 -1.33 -5.15 -8.37
C PRO A 15 -1.39 -6.65 -8.13
N VAL A 16 -0.34 -7.19 -7.51
CA VAL A 16 -0.27 -8.62 -7.22
C VAL A 16 -0.21 -8.88 -5.72
N ASN A 17 -0.40 -10.13 -5.33
CA ASN A 17 -0.36 -10.51 -3.93
C ASN A 17 1.00 -11.10 -3.55
N GLN A 18 1.63 -10.51 -2.54
CA GLN A 18 2.94 -10.98 -2.09
C GLN A 18 3.03 -10.95 -0.58
N THR A 19 3.69 -11.96 -0.01
CA THR A 19 3.85 -12.04 1.44
C THR A 19 5.09 -11.29 1.91
N VAL A 20 4.98 -10.61 3.04
CA VAL A 20 6.10 -9.85 3.59
C VAL A 20 6.15 -9.99 5.11
N ALA A 21 7.34 -9.78 5.67
CA ALA A 21 7.53 -9.87 7.11
C ALA A 21 7.36 -8.51 7.78
N VAL A 22 7.04 -8.52 9.06
CA VAL A 22 6.85 -7.28 9.81
C VAL A 22 7.98 -6.29 9.53
N ASP A 23 7.67 -5.00 9.65
CA ASP A 23 8.66 -3.95 9.40
C ASP A 23 9.47 -4.25 8.14
N GLY A 24 8.86 -4.99 7.22
CA GLY A 24 9.54 -5.33 5.98
C GLY A 24 9.37 -4.27 4.92
N THR A 25 9.10 -4.71 3.69
CA THR A 25 8.91 -3.78 2.58
C THR A 25 8.04 -4.40 1.49
N PHE A 26 6.95 -3.73 1.16
CA PHE A 26 6.03 -4.22 0.13
C PHE A 26 5.53 -3.07 -0.73
N VAL A 27 5.48 -3.30 -2.04
CA VAL A 27 5.02 -2.27 -2.97
C VAL A 27 4.01 -2.86 -3.96
N LEU A 28 3.01 -2.05 -4.32
CA LEU A 28 1.98 -2.49 -5.25
C LEU A 28 1.96 -1.61 -6.50
N SER A 29 1.95 -2.25 -7.66
CA SER A 29 1.93 -1.51 -8.93
C SER A 29 0.69 -1.85 -9.73
N CYS A 30 -0.03 -0.82 -10.16
CA CYS A 30 -1.25 -0.99 -10.94
C CYS A 30 -1.05 -0.51 -12.38
N VAL A 31 -1.19 -1.43 -13.33
CA VAL A 31 -1.02 -1.10 -14.74
C VAL A 31 -2.37 -1.05 -15.45
N ALA A 32 -2.80 0.17 -15.79
CA ALA A 32 -4.07 0.36 -16.48
C ALA A 32 -3.93 1.36 -17.63
N THR A 33 -4.61 1.07 -18.73
CA THR A 33 -4.56 1.94 -19.91
C THR A 33 -5.70 2.96 -19.87
N GLY A 34 -5.69 3.87 -20.85
CA GLY A 34 -6.72 4.89 -20.92
C GLY A 34 -6.15 6.28 -21.10
N SER A 35 -6.94 7.17 -21.69
CA SER A 35 -6.50 8.54 -21.93
C SER A 35 -7.61 9.54 -21.60
N PRO A 36 -7.30 10.49 -20.70
CA PRO A 36 -5.98 10.59 -20.08
C PRO A 36 -5.71 9.46 -19.11
N VAL A 37 -4.43 9.25 -18.78
CA VAL A 37 -4.05 8.19 -17.85
C VAL A 37 -5.04 8.08 -16.70
N PRO A 38 -5.41 6.83 -16.36
CA PRO A 38 -6.35 6.56 -15.27
C PRO A 38 -5.77 6.88 -13.90
N THR A 39 -6.63 7.29 -12.98
CA THR A 39 -6.20 7.63 -11.63
C THR A 39 -6.14 6.40 -10.74
N ILE A 40 -4.92 6.01 -10.35
CA ILE A 40 -4.73 4.84 -9.51
C ILE A 40 -4.81 5.21 -8.04
N LEU A 41 -5.74 4.58 -7.32
CA LEU A 41 -5.92 4.84 -5.90
C LEU A 41 -5.60 3.61 -5.07
N TRP A 42 -5.70 3.74 -3.75
CA TRP A 42 -5.44 2.63 -2.85
C TRP A 42 -6.36 2.66 -1.64
N ARG A 43 -6.97 1.53 -1.34
CA ARG A 43 -7.89 1.43 -0.20
C ARG A 43 -7.50 0.27 0.70
N LYS A 44 -7.58 0.50 2.01
CA LYS A 44 -7.24 -0.52 2.99
C LYS A 44 -8.49 -1.04 3.70
N ASP A 45 -9.02 -2.14 3.21
CA ASP A 45 -10.22 -2.74 3.78
C ASP A 45 -11.36 -1.72 3.86
N GLY A 46 -11.42 -0.84 2.87
CA GLY A 46 -12.46 0.17 2.84
C GLY A 46 -11.95 1.54 3.27
N VAL A 47 -10.93 1.55 4.12
CA VAL A 47 -10.35 2.79 4.61
C VAL A 47 -9.40 3.40 3.57
N LEU A 48 -9.79 4.54 3.02
CA LEU A 48 -8.98 5.22 2.02
C LEU A 48 -7.54 5.35 2.49
N VAL A 49 -6.63 4.71 1.76
CA VAL A 49 -5.21 4.76 2.10
C VAL A 49 -4.82 6.14 2.61
N SER A 50 -3.86 6.17 3.53
CA SER A 50 -3.39 7.42 4.10
C SER A 50 -2.03 7.81 3.52
N THR A 51 -2.06 8.55 2.41
CA THR A 51 -0.83 8.98 1.76
C THR A 51 -0.22 10.19 2.47
N GLN A 52 -0.22 10.15 3.79
CA GLN A 52 0.34 11.25 4.59
C GLN A 52 1.50 10.77 5.45
N ASP A 53 1.45 9.50 5.86
CA ASP A 53 2.49 8.91 6.69
C ASP A 53 3.71 8.56 5.84
N SER A 54 4.90 8.87 6.36
CA SER A 54 6.14 8.59 5.66
C SER A 54 6.12 7.18 5.08
N ARG A 55 5.61 6.22 5.85
CA ARG A 55 5.54 4.84 5.43
C ARG A 55 5.07 4.74 3.98
N ILE A 56 3.91 5.34 3.71
CA ILE A 56 3.34 5.32 2.36
C ILE A 56 3.94 6.42 1.49
N LYS A 57 4.41 6.05 0.32
CA LYS A 57 5.00 7.01 -0.61
C LYS A 57 4.70 6.63 -2.06
N GLN A 58 4.28 7.62 -2.84
CA GLN A 58 3.96 7.39 -4.25
C GLN A 58 5.15 7.74 -5.15
N LEU A 59 5.85 6.70 -5.59
CA LEU A 59 7.01 6.89 -6.45
C LEU A 59 6.59 7.32 -7.85
N GLU A 60 5.70 6.54 -8.46
CA GLU A 60 5.21 6.84 -9.80
C GLU A 60 3.70 6.61 -9.89
N ASN A 61 3.12 6.95 -11.04
CA ASN A 61 1.69 6.78 -11.26
C ASN A 61 1.28 5.34 -11.03
N GLY A 62 0.56 5.10 -9.95
CA GLY A 62 0.11 3.75 -9.63
C GLY A 62 1.10 2.99 -8.79
N VAL A 63 2.36 3.43 -8.80
CA VAL A 63 3.42 2.79 -8.03
C VAL A 63 3.48 3.35 -6.61
N LEU A 64 3.00 2.56 -5.65
CA LEU A 64 3.01 2.98 -4.26
C LEU A 64 3.75 1.97 -3.39
N GLN A 65 4.72 2.45 -2.62
CA GLN A 65 5.50 1.59 -1.75
C GLN A 65 5.29 1.96 -0.28
N ILE A 66 5.13 0.95 0.56
CA ILE A 66 4.92 1.16 1.98
C ILE A 66 5.97 0.44 2.82
N ARG A 67 6.83 1.21 3.47
CA ARG A 67 7.88 0.65 4.30
C ARG A 67 7.41 0.47 5.74
N TYR A 68 8.15 -0.33 6.51
CA TYR A 68 7.80 -0.58 7.90
C TYR A 68 6.45 -1.26 8.02
N ALA A 69 6.20 -2.22 7.12
CA ALA A 69 4.95 -2.96 7.11
C ALA A 69 4.68 -3.59 8.47
N LYS A 70 3.75 -3.00 9.23
CA LYS A 70 3.40 -3.50 10.54
C LYS A 70 2.37 -4.62 10.44
N LEU A 71 2.14 -5.31 11.55
CA LEU A 71 1.18 -6.41 11.58
C LEU A 71 -0.22 -5.92 11.22
N GLY A 72 -0.62 -4.80 11.81
CA GLY A 72 -1.94 -4.25 11.53
C GLY A 72 -2.15 -3.99 10.05
N ASP A 73 -1.06 -3.72 9.34
CA ASP A 73 -1.14 -3.45 7.90
C ASP A 73 -1.87 -4.57 7.18
N THR A 74 -1.63 -5.81 7.61
CA THR A 74 -2.26 -6.97 7.00
C THR A 74 -3.72 -6.67 6.64
N GLY A 75 -3.96 -6.39 5.37
CA GLY A 75 -5.30 -6.08 4.91
C GLY A 75 -5.52 -6.46 3.46
N ARG A 76 -6.41 -5.73 2.78
CA ARG A 76 -6.71 -5.99 1.38
C ARG A 76 -6.52 -4.73 0.55
N TYR A 77 -5.40 -4.66 -0.18
CA TYR A 77 -5.10 -3.51 -1.01
C TYR A 77 -5.73 -3.66 -2.39
N THR A 78 -6.68 -2.78 -2.70
CA THR A 78 -7.36 -2.81 -3.98
C THR A 78 -7.02 -1.58 -4.82
N CYS A 79 -6.89 -1.77 -6.12
CA CYS A 79 -6.56 -0.68 -7.04
C CYS A 79 -7.82 -0.13 -7.71
N ILE A 80 -7.82 1.17 -7.98
CA ILE A 80 -8.97 1.80 -8.62
C ILE A 80 -8.52 2.67 -9.79
N ALA A 81 -9.09 2.43 -10.97
CA ALA A 81 -8.76 3.20 -12.15
C ALA A 81 -9.96 3.98 -12.67
N SER A 82 -10.03 5.26 -12.34
CA SER A 82 -11.14 6.10 -12.75
C SER A 82 -10.79 6.87 -14.03
N THR A 83 -11.68 6.82 -15.01
CA THR A 83 -11.46 7.50 -16.27
C THR A 83 -12.78 8.03 -16.85
N PRO A 84 -12.66 9.00 -17.77
CA PRO A 84 -13.83 9.61 -18.41
C PRO A 84 -14.54 8.64 -19.36
N SER A 85 -14.07 7.40 -19.41
CA SER A 85 -14.65 6.39 -20.27
C SER A 85 -15.23 5.23 -19.45
N GLY A 86 -14.63 5.01 -18.28
CA GLY A 86 -15.09 3.94 -17.42
C GLY A 86 -14.28 3.82 -16.14
N GLU A 87 -14.48 2.74 -15.40
CA GLU A 87 -13.76 2.51 -14.16
C GLU A 87 -13.61 1.02 -13.88
N ALA A 88 -12.41 0.62 -13.47
CA ALA A 88 -12.14 -0.78 -13.16
C ALA A 88 -11.29 -0.91 -11.90
N THR A 89 -11.18 -2.13 -11.39
CA THR A 89 -10.40 -2.40 -10.18
C THR A 89 -9.71 -3.75 -10.27
N TRP A 90 -8.80 -3.99 -9.33
CA TRP A 90 -8.06 -5.25 -9.29
C TRP A 90 -8.08 -5.85 -7.88
N SER A 91 -7.81 -7.15 -7.80
CA SER A 91 -7.80 -7.84 -6.52
C SER A 91 -6.37 -8.08 -6.04
N ALA A 92 -6.09 -7.71 -4.79
CA ALA A 92 -4.77 -7.88 -4.22
C ALA A 92 -4.82 -7.81 -2.69
N TYR A 93 -4.01 -8.64 -2.04
CA TYR A 93 -3.96 -8.66 -0.59
C TYR A 93 -2.53 -8.88 -0.09
N ILE A 94 -2.13 -8.10 0.90
CA ILE A 94 -0.79 -8.21 1.47
C ILE A 94 -0.84 -8.80 2.88
N GLU A 95 0.06 -9.74 3.14
CA GLU A 95 0.12 -10.38 4.45
C GLU A 95 1.41 -10.02 5.18
N VAL A 96 1.30 -9.76 6.47
CA VAL A 96 2.46 -9.39 7.28
C VAL A 96 2.68 -10.40 8.40
N GLN A 97 3.82 -11.09 8.35
CA GLN A 97 4.15 -12.09 9.36
C GLN A 97 5.33 -11.62 10.21
N GLU A 98 5.22 -11.83 11.53
CA GLU A 98 6.26 -11.42 12.46
C GLU A 98 7.32 -12.51 12.59
N PHE A 99 8.59 -12.13 12.37
CA PHE A 99 9.69 -13.08 12.47
C PHE A 99 10.89 -12.44 13.16
N GLY A 100 11.46 -13.14 14.13
CA GLY A 100 12.62 -12.63 14.85
C GLY A 100 12.24 -11.59 15.89
N VAL A 101 10.98 -11.62 16.32
CA VAL A 101 10.50 -10.68 17.32
C VAL A 101 9.66 -11.38 18.38
N PRO A 102 10.04 -11.18 19.66
CA PRO A 102 9.34 -11.79 20.79
C PRO A 102 7.96 -11.19 21.01
N VAL A 103 7.21 -11.76 21.95
CA VAL A 103 5.88 -11.27 22.26
C VAL A 103 5.90 -10.28 23.41
N GLN A 104 6.22 -9.03 23.10
CA GLN A 104 6.27 -7.98 24.11
C GLN A 104 5.60 -6.70 23.61
N PRO A 105 4.94 -5.98 24.54
CA PRO A 105 4.24 -4.74 24.22
C PRO A 105 5.20 -3.61 23.88
N PRO A 106 4.65 -2.49 23.35
CA PRO A 106 5.44 -1.32 22.98
C PRO A 106 6.01 -0.58 24.19
N ARG A 107 6.85 0.41 23.93
CA ARG A 107 7.45 1.19 25.00
C ARG A 107 6.39 1.89 25.84
N PRO A 108 6.68 2.08 27.13
CA PRO A 108 5.77 2.74 28.07
C PRO A 108 5.61 4.23 27.77
N THR A 109 4.44 4.78 28.11
CA THR A 109 4.17 6.18 27.88
C THR A 109 3.22 6.74 28.94
N ASP A 110 3.64 7.80 29.62
CA ASP A 110 2.83 8.42 30.65
C ASP A 110 2.29 9.77 30.19
N PRO A 111 1.22 9.74 29.38
CA PRO A 111 0.60 10.96 28.85
C PRO A 111 -0.11 11.76 29.93
N ASN A 112 -0.66 11.06 30.92
CA ASN A 112 -1.38 11.71 32.01
C ASN A 112 -0.56 12.86 32.59
N LEU A 113 0.73 12.60 32.83
CA LEU A 113 1.61 13.62 33.39
C LEU A 113 1.34 14.98 32.75
N ILE A 114 1.22 16.00 33.59
CA ILE A 114 0.96 17.35 33.12
C ILE A 114 2.22 17.98 32.53
N PRO A 115 2.11 18.48 31.29
CA PRO A 115 3.23 19.11 30.58
C PRO A 115 3.61 20.46 31.19
N SER A 116 4.91 20.76 31.18
CA SER A 116 5.40 22.01 31.75
C SER A 116 5.33 23.13 30.71
N ALA A 117 4.81 24.27 31.13
CA ALA A 117 4.67 25.42 30.24
C ALA A 117 4.68 26.73 31.03
N PRO A 118 5.23 27.79 30.42
CA PRO A 118 5.32 29.12 31.05
C PRO A 118 3.95 29.78 31.18
N GLY A 1 -23.57 12.81 -37.70
CA GLY A 1 -22.52 13.80 -37.52
C GLY A 1 -21.17 13.16 -37.30
N SER A 2 -20.98 12.55 -36.13
CA SER A 2 -19.71 11.91 -35.80
C SER A 2 -19.96 10.57 -35.10
N SER A 3 -18.87 9.81 -34.89
CA SER A 3 -18.97 8.52 -34.24
C SER A 3 -17.59 7.92 -34.01
N GLY A 4 -17.29 7.58 -32.76
CA GLY A 4 -16.00 7.00 -32.43
C GLY A 4 -16.12 5.65 -31.75
N SER A 5 -15.11 5.28 -30.98
CA SER A 5 -15.10 4.00 -30.28
C SER A 5 -14.12 4.03 -29.12
N SER A 6 -14.65 3.99 -27.90
CA SER A 6 -13.83 4.01 -26.70
C SER A 6 -14.35 3.02 -25.67
N GLY A 7 -13.45 2.52 -24.82
CA GLY A 7 -13.83 1.57 -23.80
C GLY A 7 -13.29 1.94 -22.43
N PRO A 8 -13.70 1.17 -21.40
CA PRO A 8 -13.25 1.41 -20.02
C PRO A 8 -11.78 1.07 -19.82
N PRO A 9 -11.23 1.46 -18.66
CA PRO A 9 -9.83 1.21 -18.31
C PRO A 9 -9.56 -0.27 -18.05
N VAL A 10 -8.49 -0.78 -18.65
CA VAL A 10 -8.11 -2.19 -18.47
C VAL A 10 -6.76 -2.31 -17.80
N ILE A 11 -6.74 -2.96 -16.64
CA ILE A 11 -5.50 -3.14 -15.89
C ILE A 11 -4.67 -4.29 -16.47
N ARG A 12 -3.65 -3.94 -17.24
CA ARG A 12 -2.78 -4.93 -17.87
C ARG A 12 -1.97 -5.68 -16.81
N GLN A 13 -1.27 -4.92 -15.98
CA GLN A 13 -0.44 -5.51 -14.92
C GLN A 13 -0.91 -5.05 -13.55
N GLY A 14 -1.55 -5.96 -12.82
CA GLY A 14 -2.04 -5.63 -11.49
C GLY A 14 -1.24 -6.30 -10.40
N PRO A 15 -1.34 -5.76 -9.17
CA PRO A 15 -0.62 -6.30 -8.01
C PRO A 15 -1.18 -7.64 -7.57
N VAL A 16 -0.28 -8.59 -7.28
CA VAL A 16 -0.69 -9.92 -6.84
C VAL A 16 -0.45 -10.10 -5.34
N ASN A 17 -0.98 -11.18 -4.79
CA ASN A 17 -0.83 -11.47 -3.37
C ASN A 17 0.62 -11.79 -3.03
N GLN A 18 1.19 -11.04 -2.08
CA GLN A 18 2.58 -11.25 -1.67
C GLN A 18 2.69 -11.20 -0.16
N THR A 19 3.54 -12.07 0.39
CA THR A 19 3.75 -12.13 1.83
C THR A 19 5.02 -11.41 2.23
N VAL A 20 4.90 -10.45 3.15
CA VAL A 20 6.05 -9.69 3.61
C VAL A 20 6.16 -9.74 5.13
N ALA A 21 7.39 -9.82 5.63
CA ALA A 21 7.64 -9.87 7.06
C ALA A 21 7.38 -8.52 7.72
N VAL A 22 7.25 -8.52 9.04
CA VAL A 22 7.00 -7.29 9.78
C VAL A 22 8.11 -6.27 9.55
N ASP A 23 7.75 -5.00 9.60
CA ASP A 23 8.72 -3.92 9.40
C ASP A 23 9.54 -4.16 8.13
N GLY A 24 8.96 -4.87 7.18
CA GLY A 24 9.64 -5.16 5.94
C GLY A 24 9.41 -4.09 4.88
N THR A 25 9.16 -4.52 3.65
CA THR A 25 8.92 -3.58 2.55
C THR A 25 8.18 -4.26 1.40
N PHE A 26 6.98 -3.78 1.10
CA PHE A 26 6.17 -4.33 0.03
C PHE A 26 5.76 -3.25 -0.96
N VAL A 27 5.87 -3.56 -2.25
CA VAL A 27 5.51 -2.62 -3.31
C VAL A 27 4.46 -3.21 -4.24
N LEU A 28 3.39 -2.47 -4.46
CA LEU A 28 2.31 -2.92 -5.34
C LEU A 28 2.21 -2.02 -6.58
N SER A 29 2.46 -2.61 -7.75
CA SER A 29 2.39 -1.87 -9.00
C SER A 29 1.03 -2.04 -9.66
N CYS A 30 0.51 -0.96 -10.22
CA CYS A 30 -0.79 -0.99 -10.90
C CYS A 30 -0.75 -0.17 -12.19
N VAL A 31 -1.05 -0.83 -13.30
CA VAL A 31 -1.05 -0.17 -14.60
C VAL A 31 -2.40 -0.34 -15.30
N ALA A 32 -2.97 0.77 -15.75
CA ALA A 32 -4.27 0.75 -16.42
C ALA A 32 -4.29 1.74 -17.58
N THR A 33 -4.83 1.31 -18.72
CA THR A 33 -4.90 2.16 -19.90
C THR A 33 -6.16 3.04 -19.86
N GLY A 34 -6.22 4.01 -20.77
CA GLY A 34 -7.36 4.90 -20.82
C GLY A 34 -6.96 6.34 -21.06
N SER A 35 -7.69 7.02 -21.94
CA SER A 35 -7.40 8.41 -22.25
C SER A 35 -8.57 9.31 -21.88
N PRO A 36 -8.31 10.31 -21.01
CA PRO A 36 -6.97 10.53 -20.46
C PRO A 36 -6.56 9.44 -19.48
N VAL A 37 -5.34 9.55 -18.95
CA VAL A 37 -4.83 8.58 -18.00
C VAL A 37 -5.74 8.47 -16.77
N PRO A 38 -6.01 7.23 -16.34
CA PRO A 38 -6.87 6.96 -15.18
C PRO A 38 -6.22 7.38 -13.87
N THR A 39 -7.02 7.46 -12.82
CA THR A 39 -6.52 7.85 -11.51
C THR A 39 -6.16 6.63 -10.67
N ILE A 40 -4.90 6.54 -10.27
CA ILE A 40 -4.43 5.42 -9.46
C ILE A 40 -4.69 5.66 -7.98
N LEU A 41 -5.32 4.70 -7.33
CA LEU A 41 -5.63 4.80 -5.91
C LEU A 41 -5.57 3.43 -5.24
N TRP A 42 -5.79 3.42 -3.93
CA TRP A 42 -5.77 2.17 -3.16
C TRP A 42 -6.80 2.20 -2.05
N ARG A 43 -7.11 1.03 -1.50
CA ARG A 43 -8.08 0.91 -0.42
C ARG A 43 -7.70 -0.19 0.56
N LYS A 44 -7.81 0.09 1.84
CA LYS A 44 -7.47 -0.88 2.88
C LYS A 44 -8.70 -1.25 3.70
N ASP A 45 -9.31 -2.39 3.37
CA ASP A 45 -10.49 -2.85 4.08
C ASP A 45 -11.57 -1.77 4.10
N GLY A 46 -11.66 -1.01 3.01
CA GLY A 46 -12.65 0.06 2.94
C GLY A 46 -12.08 1.41 3.31
N VAL A 47 -10.86 1.41 3.82
CA VAL A 47 -10.20 2.66 4.21
C VAL A 47 -9.11 3.04 3.21
N LEU A 48 -9.38 4.05 2.41
CA LEU A 48 -8.43 4.53 1.41
C LEU A 48 -7.04 4.73 2.03
N VAL A 49 -6.02 4.72 1.19
CA VAL A 49 -4.65 4.90 1.66
C VAL A 49 -4.33 6.39 1.85
N SER A 50 -3.67 6.70 2.96
CA SER A 50 -3.29 8.08 3.26
C SER A 50 -1.87 8.38 2.81
N THR A 51 -1.75 9.20 1.77
CA THR A 51 -0.44 9.57 1.24
C THR A 51 0.13 10.77 1.98
N GLN A 52 0.03 10.76 3.29
CA GLN A 52 0.54 11.85 4.12
C GLN A 52 1.78 11.42 4.89
N ASP A 53 1.73 10.22 5.47
CA ASP A 53 2.86 9.69 6.23
C ASP A 53 3.95 9.18 5.30
N SER A 54 5.17 9.64 5.52
CA SER A 54 6.30 9.24 4.70
C SER A 54 6.18 7.77 4.29
N ARG A 55 5.87 6.92 5.27
CA ARG A 55 5.73 5.49 5.01
C ARG A 55 5.12 5.25 3.64
N ILE A 56 3.94 5.82 3.40
CA ILE A 56 3.26 5.66 2.13
C ILE A 56 3.60 6.80 1.17
N LYS A 57 4.37 6.49 0.14
CA LYS A 57 4.77 7.48 -0.85
C LYS A 57 4.89 6.85 -2.23
N GLN A 58 4.31 7.52 -3.23
CA GLN A 58 4.36 7.03 -4.60
C GLN A 58 5.76 7.14 -5.17
N LEU A 59 6.16 6.15 -5.97
CA LEU A 59 7.48 6.14 -6.58
C LEU A 59 7.38 6.27 -8.10
N GLU A 60 6.80 5.26 -8.74
CA GLU A 60 6.64 5.25 -10.18
C GLU A 60 5.22 5.65 -10.58
N ASN A 61 4.94 5.64 -11.88
CA ASN A 61 3.62 6.01 -12.38
C ASN A 61 2.61 4.90 -12.08
N GLY A 62 1.86 5.09 -11.00
CA GLY A 62 0.85 4.10 -10.63
C GLY A 62 1.41 3.02 -9.72
N VAL A 63 2.51 3.34 -9.03
CA VAL A 63 3.15 2.39 -8.12
C VAL A 63 3.28 2.97 -6.72
N LEU A 64 2.69 2.28 -5.75
CA LEU A 64 2.75 2.73 -4.36
C LEU A 64 3.74 1.90 -3.56
N GLN A 65 4.33 2.51 -2.54
CA GLN A 65 5.30 1.82 -1.69
C GLN A 65 5.06 2.16 -0.22
N ILE A 66 5.01 1.12 0.61
CA ILE A 66 4.79 1.31 2.05
C ILE A 66 5.85 0.57 2.86
N ARG A 67 6.73 1.33 3.50
CA ARG A 67 7.80 0.76 4.31
C ARG A 67 7.33 0.55 5.75
N TYR A 68 8.03 -0.32 6.47
CA TYR A 68 7.68 -0.61 7.86
C TYR A 68 6.30 -1.23 7.96
N ALA A 69 6.07 -2.29 7.17
CA ALA A 69 4.79 -2.98 7.16
C ALA A 69 4.56 -3.70 8.49
N LYS A 70 3.65 -3.18 9.29
CA LYS A 70 3.33 -3.79 10.58
C LYS A 70 2.07 -4.64 10.48
N LEU A 71 1.82 -5.44 11.52
CA LEU A 71 0.66 -6.31 11.56
C LEU A 71 -0.59 -5.56 11.11
N GLY A 72 -0.78 -4.36 11.67
CA GLY A 72 -1.93 -3.56 11.31
C GLY A 72 -2.09 -3.38 9.82
N ASP A 73 -0.96 -3.28 9.13
CA ASP A 73 -0.97 -3.10 7.67
C ASP A 73 -1.78 -4.20 6.99
N THR A 74 -1.59 -5.43 7.45
CA THR A 74 -2.31 -6.57 6.88
C THR A 74 -3.74 -6.18 6.51
N GLY A 75 -3.99 -6.06 5.21
CA GLY A 75 -5.31 -5.70 4.73
C GLY A 75 -5.52 -6.01 3.26
N ARG A 76 -6.68 -5.65 2.73
CA ARG A 76 -7.00 -5.90 1.34
C ARG A 76 -6.59 -4.72 0.46
N TYR A 77 -5.52 -4.91 -0.31
CA TYR A 77 -5.02 -3.86 -1.19
C TYR A 77 -5.64 -3.97 -2.58
N THR A 78 -6.48 -3.01 -2.93
CA THR A 78 -7.14 -3.00 -4.23
C THR A 78 -6.83 -1.71 -4.98
N CYS A 79 -6.66 -1.82 -6.30
CA CYS A 79 -6.37 -0.67 -7.14
C CYS A 79 -7.65 -0.10 -7.75
N ILE A 80 -7.63 1.19 -8.05
CA ILE A 80 -8.79 1.85 -8.64
C ILE A 80 -8.37 2.80 -9.76
N ALA A 81 -9.11 2.78 -10.86
CA ALA A 81 -8.82 3.63 -12.01
C ALA A 81 -10.06 4.39 -12.45
N SER A 82 -10.14 5.67 -12.08
CA SER A 82 -11.28 6.49 -12.44
C SER A 82 -11.07 7.14 -13.81
N THR A 83 -12.10 7.06 -14.65
CA THR A 83 -12.03 7.62 -15.99
C THR A 83 -13.39 8.18 -16.42
N PRO A 84 -13.37 9.07 -17.43
CA PRO A 84 -14.59 9.70 -17.95
C PRO A 84 -15.48 8.70 -18.70
N SER A 85 -15.07 7.44 -18.72
CA SER A 85 -15.82 6.40 -19.40
C SER A 85 -16.30 5.33 -18.41
N GLY A 86 -15.45 5.03 -17.43
CA GLY A 86 -15.81 4.04 -16.43
C GLY A 86 -14.77 3.92 -15.34
N GLU A 87 -14.70 2.76 -14.70
CA GLU A 87 -13.75 2.53 -13.62
C GLU A 87 -13.53 1.04 -13.39
N ALA A 88 -12.28 0.64 -13.21
CA ALA A 88 -11.94 -0.75 -12.98
C ALA A 88 -11.09 -0.91 -11.73
N THR A 89 -10.87 -2.16 -11.32
CA THR A 89 -10.07 -2.45 -10.14
C THR A 89 -9.39 -3.80 -10.25
N TRP A 90 -8.33 -4.00 -9.47
CA TRP A 90 -7.59 -5.25 -9.48
C TRP A 90 -7.60 -5.91 -8.12
N SER A 91 -7.38 -7.22 -8.10
CA SER A 91 -7.37 -7.98 -6.85
C SER A 91 -5.95 -8.17 -6.34
N ALA A 92 -5.74 -7.85 -5.06
CA ALA A 92 -4.43 -7.99 -4.44
C ALA A 92 -4.52 -7.91 -2.92
N TYR A 93 -3.66 -8.66 -2.24
CA TYR A 93 -3.65 -8.67 -0.78
C TYR A 93 -2.22 -8.81 -0.25
N ILE A 94 -1.95 -8.14 0.86
CA ILE A 94 -0.62 -8.19 1.48
C ILE A 94 -0.72 -8.62 2.94
N GLU A 95 -0.11 -9.77 3.24
CA GLU A 95 -0.12 -10.31 4.60
C GLU A 95 1.19 -10.01 5.31
N VAL A 96 1.09 -9.53 6.54
CA VAL A 96 2.27 -9.20 7.33
C VAL A 96 2.50 -10.22 8.43
N GLN A 97 3.59 -10.96 8.34
CA GLN A 97 3.92 -11.98 9.33
C GLN A 97 5.06 -11.52 10.23
N GLU A 98 4.94 -11.79 11.53
CA GLU A 98 5.96 -11.40 12.49
C GLU A 98 7.02 -12.48 12.64
N PHE A 99 8.26 -12.07 12.82
CA PHE A 99 9.37 -13.01 12.97
C PHE A 99 10.27 -12.61 14.14
N GLY A 100 11.05 -13.56 14.63
CA GLY A 100 11.94 -13.29 15.75
C GLY A 100 11.22 -12.73 16.95
N VAL A 101 10.08 -13.33 17.28
CA VAL A 101 9.28 -12.88 18.42
C VAL A 101 10.09 -12.98 19.71
N PRO A 102 10.21 -11.85 20.41
CA PRO A 102 10.95 -11.77 21.68
C PRO A 102 10.24 -12.51 22.81
N VAL A 103 10.91 -12.63 23.95
CA VAL A 103 10.34 -13.31 25.11
C VAL A 103 10.30 -12.38 26.32
N GLN A 104 9.17 -11.71 26.51
CA GLN A 104 9.00 -10.79 27.63
C GLN A 104 7.93 -11.29 28.59
N PRO A 105 8.14 -11.06 29.89
CA PRO A 105 7.20 -11.49 30.93
C PRO A 105 5.90 -10.68 30.91
N PRO A 106 4.85 -11.24 31.53
CA PRO A 106 3.54 -10.58 31.60
C PRO A 106 3.55 -9.35 32.48
N ARG A 107 2.38 -8.72 32.63
CA ARG A 107 2.26 -7.52 33.45
C ARG A 107 1.59 -7.84 34.78
N PRO A 108 2.09 -7.22 35.86
CA PRO A 108 1.56 -7.43 37.21
C PRO A 108 0.17 -6.82 37.38
N THR A 109 -0.83 -7.67 37.56
CA THR A 109 -2.20 -7.22 37.74
C THR A 109 -3.01 -8.22 38.55
N ASP A 110 -3.40 -7.82 39.76
CA ASP A 110 -4.18 -8.68 40.64
C ASP A 110 -5.42 -7.96 41.14
N PRO A 111 -6.56 -8.16 40.45
CA PRO A 111 -7.83 -7.53 40.81
C PRO A 111 -8.41 -8.09 42.10
N ASN A 112 -8.21 -9.40 42.31
CA ASN A 112 -8.71 -10.06 43.51
C ASN A 112 -8.28 -9.31 44.77
N LEU A 113 -7.10 -8.71 44.73
CA LEU A 113 -6.57 -7.96 45.86
C LEU A 113 -6.77 -6.47 45.66
N ILE A 114 -7.10 -5.77 46.74
CA ILE A 114 -7.33 -4.33 46.70
C ILE A 114 -6.04 -3.57 46.97
N PRO A 115 -5.65 -2.69 46.03
CA PRO A 115 -4.43 -1.88 46.15
C PRO A 115 -4.55 -0.82 47.22
N SER A 116 -3.63 0.14 47.21
CA SER A 116 -3.63 1.22 48.19
C SER A 116 -4.76 2.21 47.91
N ALA A 117 -5.96 1.89 48.39
CA ALA A 117 -7.11 2.76 48.19
C ALA A 117 -7.96 2.85 49.45
N PRO A 118 -8.57 4.02 49.67
CA PRO A 118 -9.42 4.26 50.84
C PRO A 118 -10.72 3.47 50.80
N GLY A 1 -17.93 12.56 -34.89
CA GLY A 1 -16.91 11.54 -34.79
C GLY A 1 -17.35 10.22 -35.40
N SER A 2 -17.28 10.12 -36.72
CA SER A 2 -17.67 8.90 -37.41
C SER A 2 -16.85 7.71 -36.94
N SER A 3 -15.52 7.84 -37.04
CA SER A 3 -14.62 6.77 -36.64
C SER A 3 -13.89 7.13 -35.35
N GLY A 4 -13.85 6.20 -34.41
CA GLY A 4 -13.18 6.44 -33.15
C GLY A 4 -13.65 5.50 -32.05
N SER A 5 -13.41 4.21 -32.23
CA SER A 5 -13.82 3.21 -31.25
C SER A 5 -13.02 3.36 -29.96
N SER A 6 -13.62 4.01 -28.97
CA SER A 6 -12.97 4.21 -27.68
C SER A 6 -13.43 3.19 -26.66
N GLY A 7 -12.49 2.63 -25.91
CA GLY A 7 -12.84 1.64 -24.90
C GLY A 7 -12.36 2.04 -23.52
N PRO A 8 -12.97 1.45 -22.49
CA PRO A 8 -12.63 1.73 -21.09
C PRO A 8 -11.26 1.17 -20.72
N PRO A 9 -10.77 1.57 -19.52
CA PRO A 9 -9.47 1.12 -19.02
C PRO A 9 -9.46 -0.36 -18.65
N VAL A 10 -8.48 -1.10 -19.19
CA VAL A 10 -8.36 -2.53 -18.91
C VAL A 10 -7.11 -2.83 -18.10
N ILE A 11 -7.30 -3.33 -16.89
CA ILE A 11 -6.18 -3.67 -16.02
C ILE A 11 -5.40 -4.87 -16.56
N ARG A 12 -4.26 -4.59 -17.18
CA ARG A 12 -3.42 -5.64 -17.74
C ARG A 12 -2.73 -6.44 -16.64
N GLN A 13 -2.00 -5.73 -15.78
CA GLN A 13 -1.29 -6.37 -14.69
C GLN A 13 -1.38 -5.53 -13.42
N GLY A 14 -2.08 -6.04 -12.40
CA GLY A 14 -2.22 -5.32 -11.16
C GLY A 14 -1.40 -5.94 -10.04
N PRO A 15 -1.73 -5.56 -8.79
CA PRO A 15 -1.02 -6.06 -7.60
C PRO A 15 -1.31 -7.54 -7.35
N VAL A 16 -0.29 -8.26 -6.90
CA VAL A 16 -0.44 -9.69 -6.60
C VAL A 16 -0.29 -9.96 -5.11
N ASN A 17 -1.09 -10.89 -4.60
CA ASN A 17 -1.04 -11.25 -3.19
C ASN A 17 0.31 -11.86 -2.83
N GLN A 18 1.06 -11.14 -1.99
CA GLN A 18 2.37 -11.60 -1.56
C GLN A 18 2.55 -11.42 -0.05
N THR A 19 3.41 -12.24 0.54
CA THR A 19 3.67 -12.17 1.97
C THR A 19 4.94 -11.37 2.27
N VAL A 20 4.92 -10.62 3.36
CA VAL A 20 6.07 -9.80 3.75
C VAL A 20 6.27 -9.81 5.26
N ALA A 21 7.52 -9.93 5.69
CA ALA A 21 7.83 -9.95 7.11
C ALA A 21 7.63 -8.58 7.74
N VAL A 22 7.33 -8.57 9.03
CA VAL A 22 7.10 -7.32 9.76
C VAL A 22 8.14 -6.28 9.37
N ASP A 23 7.76 -5.01 9.48
CA ASP A 23 8.66 -3.90 9.14
C ASP A 23 9.43 -4.20 7.85
N GLY A 24 8.83 -5.03 7.00
CA GLY A 24 9.47 -5.37 5.74
C GLY A 24 9.35 -4.28 4.71
N THR A 25 9.05 -4.68 3.47
CA THR A 25 8.91 -3.72 2.38
C THR A 25 8.20 -4.35 1.19
N PHE A 26 7.11 -3.74 0.75
CA PHE A 26 6.33 -4.24 -0.38
C PHE A 26 5.87 -3.09 -1.26
N VAL A 27 5.96 -3.29 -2.57
CA VAL A 27 5.54 -2.28 -3.54
C VAL A 27 4.39 -2.78 -4.40
N LEU A 28 3.27 -2.07 -4.36
CA LEU A 28 2.09 -2.43 -5.15
C LEU A 28 1.90 -1.48 -6.31
N SER A 29 1.85 -2.04 -7.52
CA SER A 29 1.68 -1.24 -8.73
C SER A 29 0.53 -1.79 -9.57
N CYS A 30 -0.38 -0.90 -9.97
CA CYS A 30 -1.53 -1.29 -10.78
C CYS A 30 -1.42 -0.71 -12.18
N VAL A 31 -1.34 -1.59 -13.18
CA VAL A 31 -1.23 -1.16 -14.57
C VAL A 31 -2.60 -1.15 -15.25
N ALA A 32 -3.01 0.01 -15.72
CA ALA A 32 -4.29 0.15 -16.40
C ALA A 32 -4.22 1.18 -17.53
N THR A 33 -4.70 0.78 -18.71
CA THR A 33 -4.68 1.65 -19.87
C THR A 33 -5.80 2.68 -19.80
N GLY A 34 -5.70 3.70 -20.65
CA GLY A 34 -6.73 4.73 -20.68
C GLY A 34 -6.17 6.10 -21.03
N SER A 35 -6.97 6.91 -21.69
CA SER A 35 -6.54 8.26 -22.10
C SER A 35 -7.62 9.29 -21.79
N PRO A 36 -7.25 10.31 -21.00
CA PRO A 36 -5.89 10.44 -20.47
C PRO A 36 -5.58 9.39 -19.42
N VAL A 37 -4.31 9.33 -19.02
CA VAL A 37 -3.87 8.36 -18.01
C VAL A 37 -4.84 8.33 -16.83
N PRO A 38 -5.31 7.13 -16.48
CA PRO A 38 -6.25 6.94 -15.36
C PRO A 38 -5.59 7.18 -14.01
N THR A 39 -6.39 7.54 -13.02
CA THR A 39 -5.89 7.81 -11.68
C THR A 39 -5.86 6.54 -10.84
N ILE A 40 -4.69 6.18 -10.34
CA ILE A 40 -4.54 4.99 -9.52
C ILE A 40 -4.72 5.30 -8.05
N LEU A 41 -5.57 4.52 -7.37
CA LEU A 41 -5.85 4.72 -5.96
C LEU A 41 -5.54 3.44 -5.17
N TRP A 42 -5.70 3.52 -3.86
CA TRP A 42 -5.46 2.37 -2.98
C TRP A 42 -6.45 2.34 -1.83
N ARG A 43 -6.95 1.15 -1.51
CA ARG A 43 -7.91 0.99 -0.42
C ARG A 43 -7.59 -0.26 0.40
N LYS A 44 -7.44 -0.08 1.70
CA LYS A 44 -7.14 -1.17 2.60
C LYS A 44 -8.31 -1.45 3.54
N ASP A 45 -8.75 -2.70 3.56
CA ASP A 45 -9.87 -3.09 4.42
C ASP A 45 -11.03 -2.11 4.30
N GLY A 46 -11.38 -1.77 3.07
CA GLY A 46 -12.47 -0.84 2.84
C GLY A 46 -12.18 0.54 3.40
N VAL A 47 -10.91 0.96 3.33
CA VAL A 47 -10.51 2.26 3.84
C VAL A 47 -9.52 2.93 2.91
N LEU A 48 -9.67 4.24 2.73
CA LEU A 48 -8.79 5.01 1.86
C LEU A 48 -7.34 4.94 2.36
N VAL A 49 -6.48 4.27 1.60
CA VAL A 49 -5.08 4.15 1.96
C VAL A 49 -4.58 5.41 2.65
N SER A 50 -3.72 5.22 3.65
CA SER A 50 -3.16 6.35 4.40
C SER A 50 -1.93 6.90 3.71
N THR A 51 -2.10 8.01 3.01
CA THR A 51 -0.99 8.64 2.30
C THR A 51 -0.51 9.89 3.03
N GLN A 52 -0.49 9.82 4.36
CA GLN A 52 -0.05 10.96 5.16
C GLN A 52 1.26 10.64 5.87
N ASP A 53 1.40 9.40 6.34
CA ASP A 53 2.60 8.97 7.04
C ASP A 53 3.75 8.78 6.05
N SER A 54 4.97 9.06 6.51
CA SER A 54 6.15 8.93 5.68
C SER A 54 6.26 7.51 5.12
N ARG A 55 5.93 6.52 5.95
CA ARG A 55 5.99 5.13 5.54
C ARG A 55 5.33 4.93 4.18
N ILE A 56 4.14 5.51 4.01
CA ILE A 56 3.41 5.40 2.76
C ILE A 56 3.54 6.67 1.92
N LYS A 57 4.27 6.57 0.82
CA LYS A 57 4.47 7.72 -0.07
C LYS A 57 4.47 7.27 -1.53
N GLN A 58 3.69 7.97 -2.34
CA GLN A 58 3.61 7.65 -3.76
C GLN A 58 4.92 7.96 -4.47
N LEU A 59 5.29 7.12 -5.43
CA LEU A 59 6.52 7.30 -6.18
C LEU A 59 6.23 7.58 -7.65
N GLU A 60 5.63 6.62 -8.33
CA GLU A 60 5.29 6.76 -9.75
C GLU A 60 3.80 7.03 -9.92
N ASN A 61 3.36 7.09 -11.17
CA ASN A 61 1.95 7.34 -11.48
C ASN A 61 1.05 6.36 -10.73
N GLY A 62 1.19 5.08 -11.06
CA GLY A 62 0.38 4.07 -10.41
C GLY A 62 1.20 3.12 -9.56
N VAL A 63 2.04 3.69 -8.70
CA VAL A 63 2.89 2.88 -7.83
C VAL A 63 2.88 3.41 -6.40
N LEU A 64 2.80 2.51 -5.43
CA LEU A 64 2.78 2.90 -4.02
C LEU A 64 3.74 2.04 -3.21
N GLN A 65 4.65 2.69 -2.50
CA GLN A 65 5.63 1.99 -1.69
C GLN A 65 5.33 2.16 -0.20
N ILE A 66 5.29 1.04 0.53
CA ILE A 66 5.00 1.08 1.96
C ILE A 66 6.11 0.41 2.76
N ARG A 67 7.00 1.22 3.31
CA ARG A 67 8.12 0.70 4.10
C ARG A 67 7.70 0.45 5.55
N TYR A 68 8.41 -0.45 6.22
CA TYR A 68 8.10 -0.78 7.60
C TYR A 68 6.71 -1.39 7.72
N ALA A 69 6.43 -2.40 6.90
CA ALA A 69 5.14 -3.07 6.91
C ALA A 69 4.87 -3.70 8.27
N LYS A 70 4.09 -3.00 9.10
CA LYS A 70 3.75 -3.48 10.43
C LYS A 70 2.72 -4.60 10.35
N LEU A 71 2.34 -5.14 11.51
CA LEU A 71 1.36 -6.20 11.57
C LEU A 71 -0.04 -5.69 11.26
N GLY A 72 -0.37 -4.51 11.79
CA GLY A 72 -1.68 -3.93 11.56
C GLY A 72 -1.91 -3.63 10.09
N ASP A 73 -0.84 -3.39 9.35
CA ASP A 73 -0.94 -3.09 7.93
C ASP A 73 -1.68 -4.20 7.20
N THR A 74 -1.49 -5.44 7.65
CA THR A 74 -2.15 -6.59 7.03
C THR A 74 -3.56 -6.24 6.58
N GLY A 75 -3.74 -6.16 5.26
CA GLY A 75 -5.05 -5.84 4.72
C GLY A 75 -5.16 -6.18 3.24
N ARG A 76 -6.33 -5.90 2.66
CA ARG A 76 -6.56 -6.18 1.25
C ARG A 76 -6.42 -4.91 0.41
N TYR A 77 -5.29 -4.80 -0.29
CA TYR A 77 -5.04 -3.64 -1.13
C TYR A 77 -5.74 -3.76 -2.48
N THR A 78 -6.37 -2.67 -2.91
CA THR A 78 -7.09 -2.66 -4.18
C THR A 78 -6.81 -1.37 -4.95
N CYS A 79 -6.58 -1.51 -6.25
CA CYS A 79 -6.30 -0.36 -7.11
C CYS A 79 -7.57 0.08 -7.84
N ILE A 80 -7.68 1.39 -8.07
CA ILE A 80 -8.83 1.95 -8.77
C ILE A 80 -8.40 2.91 -9.87
N ALA A 81 -8.88 2.67 -11.08
CA ALA A 81 -8.54 3.53 -12.21
C ALA A 81 -9.77 4.28 -12.71
N SER A 82 -9.86 5.56 -12.34
CA SER A 82 -10.98 6.39 -12.75
C SER A 82 -10.66 7.16 -14.03
N THR A 83 -11.58 7.10 -14.98
CA THR A 83 -11.40 7.79 -16.26
C THR A 83 -12.72 8.31 -16.80
N PRO A 84 -12.65 9.27 -17.73
CA PRO A 84 -13.84 9.87 -18.34
C PRO A 84 -14.56 8.91 -19.27
N SER A 85 -14.06 7.68 -19.35
CA SER A 85 -14.66 6.66 -20.19
C SER A 85 -15.24 5.52 -19.36
N GLY A 86 -14.54 5.19 -18.27
CA GLY A 86 -14.99 4.12 -17.40
C GLY A 86 -14.14 3.99 -16.15
N GLU A 87 -14.33 2.89 -15.42
CA GLU A 87 -13.57 2.66 -14.19
C GLU A 87 -13.49 1.17 -13.88
N ALA A 88 -12.30 0.71 -13.51
CA ALA A 88 -12.09 -0.70 -13.19
C ALA A 88 -11.29 -0.85 -11.90
N THR A 89 -11.20 -2.07 -11.40
CA THR A 89 -10.48 -2.35 -10.17
C THR A 89 -9.77 -3.70 -10.25
N TRP A 90 -8.81 -3.91 -9.36
CA TRP A 90 -8.05 -5.16 -9.32
C TRP A 90 -8.09 -5.77 -7.93
N SER A 91 -7.83 -7.08 -7.85
CA SER A 91 -7.83 -7.79 -6.58
C SER A 91 -6.41 -8.02 -6.08
N ALA A 92 -6.19 -7.75 -4.79
CA ALA A 92 -4.87 -7.94 -4.19
C ALA A 92 -4.96 -7.94 -2.67
N TYR A 93 -4.10 -8.73 -2.03
CA TYR A 93 -4.08 -8.83 -0.58
C TYR A 93 -2.66 -9.01 -0.06
N ILE A 94 -2.27 -8.17 0.88
CA ILE A 94 -0.93 -8.24 1.46
C ILE A 94 -0.99 -8.74 2.90
N GLU A 95 -0.12 -9.71 3.22
CA GLU A 95 -0.08 -10.27 4.56
C GLU A 95 1.25 -9.93 5.25
N VAL A 96 1.18 -9.71 6.56
CA VAL A 96 2.37 -9.36 7.33
C VAL A 96 2.59 -10.36 8.47
N GLN A 97 3.75 -10.99 8.48
CA GLN A 97 4.08 -11.96 9.52
C GLN A 97 5.21 -11.45 10.42
N GLU A 98 5.16 -11.82 11.69
CA GLU A 98 6.17 -11.40 12.65
C GLU A 98 7.33 -12.40 12.70
N PHE A 99 8.54 -11.88 12.90
CA PHE A 99 9.73 -12.72 12.96
C PHE A 99 9.84 -13.38 14.34
N GLY A 100 10.83 -14.25 14.48
CA GLY A 100 11.05 -14.94 15.74
C GLY A 100 11.68 -14.05 16.79
N VAL A 101 11.12 -12.85 16.96
CA VAL A 101 11.64 -11.89 17.93
C VAL A 101 11.96 -12.59 19.26
N PRO A 102 13.10 -12.20 19.86
CA PRO A 102 13.55 -12.77 21.14
C PRO A 102 12.67 -12.34 22.30
N VAL A 103 12.14 -13.32 23.03
CA VAL A 103 11.29 -13.04 24.18
C VAL A 103 12.08 -13.06 25.47
N GLN A 104 12.85 -11.99 25.71
CA GLN A 104 13.65 -11.89 26.91
C GLN A 104 13.10 -10.81 27.85
N PRO A 105 11.93 -11.09 28.43
CA PRO A 105 11.27 -10.16 29.36
C PRO A 105 12.01 -10.04 30.69
N PRO A 106 12.62 -8.86 30.91
CA PRO A 106 13.38 -8.58 32.13
C PRO A 106 12.47 -8.46 33.35
N ARG A 107 13.06 -8.08 34.49
CA ARG A 107 12.31 -7.93 35.73
C ARG A 107 11.00 -7.20 35.48
N PRO A 108 9.88 -7.86 35.82
CA PRO A 108 8.54 -7.29 35.63
C PRO A 108 8.27 -6.14 36.60
N THR A 109 8.20 -4.93 36.07
CA THR A 109 7.95 -3.74 36.89
C THR A 109 6.86 -2.88 36.28
N ASP A 110 5.64 -3.42 36.23
CA ASP A 110 4.51 -2.69 35.68
C ASP A 110 3.40 -2.52 36.71
N PRO A 111 3.68 -1.72 37.75
CA PRO A 111 2.71 -1.47 38.83
C PRO A 111 1.54 -0.63 38.36
N ASN A 112 1.52 -0.28 37.08
CA ASN A 112 0.45 0.52 36.51
C ASN A 112 -0.54 -0.35 35.74
N LEU A 113 -0.04 -1.46 35.21
CA LEU A 113 -0.88 -2.39 34.44
C LEU A 113 -1.89 -3.07 35.35
N ILE A 114 -3.12 -3.23 34.84
CA ILE A 114 -4.17 -3.88 35.61
C ILE A 114 -4.30 -5.35 35.24
N PRO A 115 -4.38 -6.22 36.26
CA PRO A 115 -4.51 -7.67 36.07
C PRO A 115 -5.88 -8.06 35.50
N SER A 116 -6.67 -7.06 35.14
CA SER A 116 -8.00 -7.29 34.59
C SER A 116 -8.11 -6.71 33.18
N ALA A 117 -8.95 -7.34 32.36
CA ALA A 117 -9.14 -6.90 30.99
C ALA A 117 -10.52 -6.24 30.83
N PRO A 118 -10.65 -5.01 31.35
CA PRO A 118 -11.90 -4.24 31.27
C PRO A 118 -12.21 -3.78 29.85
N GLY A 1 -3.65 11.31 -38.44
CA GLY A 1 -4.03 10.97 -37.09
C GLY A 1 -5.51 10.63 -36.97
N SER A 2 -5.89 10.00 -35.87
CA SER A 2 -7.27 9.61 -35.64
C SER A 2 -7.46 9.01 -34.25
N SER A 3 -8.69 8.71 -33.89
CA SER A 3 -9.01 8.14 -32.59
C SER A 3 -8.28 6.81 -32.40
N GLY A 4 -8.40 6.25 -31.20
CA GLY A 4 -7.77 4.98 -30.90
C GLY A 4 -8.63 4.07 -30.05
N SER A 5 -8.08 3.63 -28.93
CA SER A 5 -8.81 2.74 -28.02
C SER A 5 -9.98 3.47 -27.38
N SER A 6 -11.10 3.50 -28.09
CA SER A 6 -12.31 4.18 -27.59
C SER A 6 -13.10 3.25 -26.67
N GLY A 7 -12.41 2.68 -25.68
CA GLY A 7 -13.07 1.78 -24.76
C GLY A 7 -12.75 2.10 -23.32
N PRO A 8 -13.37 1.36 -22.38
CA PRO A 8 -13.15 1.56 -20.94
C PRO A 8 -11.76 1.14 -20.50
N PRO A 9 -11.40 1.50 -19.26
CA PRO A 9 -10.08 1.18 -18.69
C PRO A 9 -9.93 -0.31 -18.40
N VAL A 10 -8.70 -0.82 -18.53
CA VAL A 10 -8.43 -2.23 -18.29
C VAL A 10 -7.07 -2.41 -17.60
N ILE A 11 -7.08 -3.08 -16.46
CA ILE A 11 -5.85 -3.33 -15.70
C ILE A 11 -5.13 -4.56 -16.23
N ARG A 12 -4.10 -4.34 -17.04
CA ARG A 12 -3.33 -5.44 -17.62
C ARG A 12 -2.33 -5.98 -16.59
N GLN A 13 -1.60 -5.08 -15.94
CA GLN A 13 -0.61 -5.46 -14.95
C GLN A 13 -0.92 -4.83 -13.60
N GLY A 14 -1.73 -5.52 -12.79
CA GLY A 14 -2.09 -5.00 -11.48
C GLY A 14 -1.36 -5.71 -10.36
N PRO A 15 -1.62 -5.28 -9.12
CA PRO A 15 -0.98 -5.87 -7.93
C PRO A 15 -1.47 -7.28 -7.65
N VAL A 16 -0.57 -8.13 -7.18
CA VAL A 16 -0.91 -9.51 -6.87
C VAL A 16 -0.63 -9.83 -5.40
N ASN A 17 -1.20 -10.94 -4.92
CA ASN A 17 -1.02 -11.35 -3.54
C ASN A 17 0.46 -11.57 -3.22
N GLN A 18 0.93 -10.93 -2.16
CA GLN A 18 2.32 -11.05 -1.75
C GLN A 18 2.44 -11.10 -0.23
N THR A 19 3.46 -11.81 0.25
CA THR A 19 3.69 -11.94 1.68
C THR A 19 4.99 -11.27 2.10
N VAL A 20 4.93 -10.44 3.14
CA VAL A 20 6.10 -9.74 3.64
C VAL A 20 6.18 -9.81 5.16
N ALA A 21 7.40 -9.90 5.68
CA ALA A 21 7.62 -9.97 7.12
C ALA A 21 7.28 -8.64 7.80
N VAL A 22 7.23 -8.65 9.13
CA VAL A 22 6.92 -7.44 9.89
C VAL A 22 7.95 -6.35 9.62
N ASP A 23 7.50 -5.10 9.67
CA ASP A 23 8.38 -3.96 9.43
C ASP A 23 9.21 -4.17 8.16
N GLY A 24 8.70 -4.99 7.25
CA GLY A 24 9.41 -5.26 6.01
C GLY A 24 9.20 -4.17 4.97
N THR A 25 9.09 -4.58 3.72
CA THR A 25 8.89 -3.63 2.62
C THR A 25 8.25 -4.32 1.42
N PHE A 26 7.06 -3.85 1.06
CA PHE A 26 6.33 -4.42 -0.08
C PHE A 26 5.87 -3.32 -1.03
N VAL A 27 6.00 -3.57 -2.33
CA VAL A 27 5.60 -2.61 -3.35
C VAL A 27 4.39 -3.11 -4.14
N LEU A 28 3.56 -2.19 -4.57
CA LEU A 28 2.37 -2.53 -5.34
C LEU A 28 2.19 -1.59 -6.53
N SER A 29 2.27 -2.13 -7.73
CA SER A 29 2.12 -1.34 -8.94
C SER A 29 0.82 -1.69 -9.66
N CYS A 30 0.19 -0.69 -10.26
CA CYS A 30 -1.06 -0.89 -10.98
C CYS A 30 -1.10 -0.05 -12.25
N VAL A 31 -1.23 -0.72 -13.40
CA VAL A 31 -1.27 -0.04 -14.68
C VAL A 31 -2.59 -0.31 -15.41
N ALA A 32 -3.22 0.75 -15.89
CA ALA A 32 -4.49 0.63 -16.60
C ALA A 32 -4.57 1.61 -17.75
N THR A 33 -4.99 1.13 -18.92
CA THR A 33 -5.10 1.97 -20.10
C THR A 33 -6.25 2.96 -19.96
N GLY A 34 -6.26 3.98 -20.81
CA GLY A 34 -7.31 4.99 -20.77
C GLY A 34 -6.78 6.39 -21.05
N SER A 35 -7.61 7.21 -21.68
CA SER A 35 -7.23 8.57 -22.01
C SER A 35 -8.33 9.55 -21.62
N PRO A 36 -7.96 10.56 -20.80
CA PRO A 36 -6.58 10.71 -20.31
C PRO A 36 -6.20 9.62 -19.32
N VAL A 37 -4.90 9.49 -19.07
CA VAL A 37 -4.40 8.48 -18.13
C VAL A 37 -5.31 8.37 -16.91
N PRO A 38 -5.69 7.12 -16.58
CA PRO A 38 -6.57 6.85 -15.44
C PRO A 38 -5.88 7.11 -14.10
N THR A 39 -6.67 7.47 -13.09
CA THR A 39 -6.14 7.74 -11.77
C THR A 39 -6.08 6.48 -10.92
N ILE A 40 -4.90 6.17 -10.41
CA ILE A 40 -4.71 4.98 -9.58
C ILE A 40 -4.86 5.31 -8.10
N LEU A 41 -5.60 4.48 -7.39
CA LEU A 41 -5.82 4.68 -5.96
C LEU A 41 -5.50 3.42 -5.17
N TRP A 42 -5.60 3.50 -3.84
CA TRP A 42 -5.32 2.37 -2.98
C TRP A 42 -6.25 2.37 -1.76
N ARG A 43 -6.75 1.19 -1.40
CA ARG A 43 -7.64 1.06 -0.26
C ARG A 43 -7.04 0.14 0.79
N LYS A 44 -7.39 0.39 2.05
CA LYS A 44 -6.88 -0.41 3.16
C LYS A 44 -8.01 -0.80 4.12
N ASP A 45 -8.57 -1.99 3.91
CA ASP A 45 -9.66 -2.47 4.76
C ASP A 45 -10.96 -1.73 4.45
N GLY A 46 -11.09 -1.27 3.21
CA GLY A 46 -12.28 -0.55 2.81
C GLY A 46 -12.08 0.96 2.81
N VAL A 47 -11.20 1.43 3.68
CA VAL A 47 -10.92 2.86 3.78
C VAL A 47 -9.75 3.25 2.89
N LEU A 48 -9.95 4.29 2.09
CA LEU A 48 -8.90 4.77 1.19
C LEU A 48 -7.59 4.95 1.92
N VAL A 49 -6.56 4.21 1.50
CA VAL A 49 -5.25 4.29 2.12
C VAL A 49 -4.90 5.73 2.48
N SER A 50 -4.15 5.89 3.58
CA SER A 50 -3.76 7.21 4.04
C SER A 50 -2.38 7.59 3.49
N THR A 51 -2.37 8.23 2.32
CA THR A 51 -1.13 8.64 1.69
C THR A 51 -0.60 9.93 2.30
N GLN A 52 -0.58 9.98 3.63
CA GLN A 52 -0.09 11.16 4.34
C GLN A 52 1.15 10.83 5.16
N ASP A 53 1.17 9.64 5.75
CA ASP A 53 2.29 9.21 6.57
C ASP A 53 3.50 8.90 5.69
N SER A 54 4.65 9.48 6.06
CA SER A 54 5.88 9.28 5.31
C SER A 54 6.01 7.82 4.88
N ARG A 55 5.65 6.90 5.77
CA ARG A 55 5.74 5.47 5.47
C ARG A 55 5.20 5.18 4.08
N ILE A 56 4.01 5.68 3.79
CA ILE A 56 3.37 5.46 2.49
C ILE A 56 3.56 6.67 1.59
N LYS A 57 4.27 6.47 0.48
CA LYS A 57 4.51 7.54 -0.48
C LYS A 57 4.33 7.05 -1.91
N GLN A 58 3.78 7.91 -2.76
CA GLN A 58 3.56 7.56 -4.16
C GLN A 58 4.78 7.89 -5.01
N LEU A 59 5.48 6.84 -5.44
CA LEU A 59 6.68 7.01 -6.26
C LEU A 59 6.30 7.40 -7.69
N GLU A 60 5.42 6.62 -8.30
CA GLU A 60 4.97 6.88 -9.66
C GLU A 60 3.48 6.59 -9.82
N ASN A 61 2.97 6.79 -11.03
CA ASN A 61 1.56 6.55 -11.31
C ASN A 61 1.16 5.12 -10.95
N GLY A 62 0.49 4.97 -9.81
CA GLY A 62 0.06 3.66 -9.37
C GLY A 62 1.12 2.96 -8.53
N VAL A 63 2.38 3.33 -8.72
CA VAL A 63 3.48 2.74 -7.98
C VAL A 63 3.54 3.27 -6.55
N LEU A 64 3.15 2.45 -5.60
CA LEU A 64 3.16 2.84 -4.19
C LEU A 64 3.95 1.85 -3.35
N GLN A 65 4.76 2.38 -2.44
CA GLN A 65 5.57 1.54 -1.57
C GLN A 65 5.29 1.83 -0.09
N ILE A 66 5.13 0.77 0.69
CA ILE A 66 4.85 0.92 2.11
C ILE A 66 5.93 0.25 2.96
N ARG A 67 6.85 1.06 3.48
CA ARG A 67 7.93 0.56 4.30
C ARG A 67 7.47 0.37 5.74
N TYR A 68 8.17 -0.50 6.47
CA TYR A 68 7.84 -0.78 7.87
C TYR A 68 6.43 -1.35 7.98
N ALA A 69 6.15 -2.39 7.19
CA ALA A 69 4.84 -3.03 7.21
C ALA A 69 4.56 -3.66 8.56
N LYS A 70 3.78 -2.98 9.38
CA LYS A 70 3.44 -3.47 10.70
C LYS A 70 2.39 -4.58 10.62
N LEU A 71 2.17 -5.27 11.73
CA LEU A 71 1.20 -6.36 11.78
C LEU A 71 -0.19 -5.86 11.42
N GLY A 72 -0.52 -4.65 11.87
CA GLY A 72 -1.82 -4.08 11.58
C GLY A 72 -2.02 -3.80 10.11
N ASP A 73 -0.93 -3.51 9.40
CA ASP A 73 -1.00 -3.22 7.98
C ASP A 73 -1.72 -4.34 7.23
N THR A 74 -1.51 -5.58 7.68
CA THR A 74 -2.13 -6.73 7.06
C THR A 74 -3.54 -6.41 6.57
N GLY A 75 -3.66 -6.06 5.30
CA GLY A 75 -4.96 -5.73 4.73
C GLY A 75 -5.06 -6.08 3.27
N ARG A 76 -6.23 -5.83 2.67
CA ARG A 76 -6.45 -6.12 1.27
C ARG A 76 -6.36 -4.86 0.41
N TYR A 77 -5.24 -4.69 -0.27
CA TYR A 77 -5.02 -3.51 -1.11
C TYR A 77 -5.65 -3.71 -2.49
N THR A 78 -6.43 -2.72 -2.92
CA THR A 78 -7.10 -2.79 -4.21
C THR A 78 -6.83 -1.52 -5.03
N CYS A 79 -6.64 -1.69 -6.33
CA CYS A 79 -6.38 -0.57 -7.22
C CYS A 79 -7.67 -0.08 -7.88
N ILE A 80 -7.75 1.21 -8.12
CA ILE A 80 -8.94 1.80 -8.75
C ILE A 80 -8.54 2.75 -9.88
N ALA A 81 -9.19 2.60 -11.03
CA ALA A 81 -8.91 3.44 -12.18
C ALA A 81 -10.17 4.17 -12.64
N SER A 82 -10.18 5.49 -12.49
CA SER A 82 -11.33 6.29 -12.89
C SER A 82 -11.04 7.03 -14.20
N THR A 83 -11.96 6.89 -15.15
CA THR A 83 -11.80 7.54 -16.45
C THR A 83 -13.15 7.99 -17.00
N PRO A 84 -13.12 8.93 -17.96
CA PRO A 84 -14.34 9.47 -18.58
C PRO A 84 -15.02 8.44 -19.48
N SER A 85 -14.45 7.25 -19.55
CA SER A 85 -15.01 6.17 -20.38
C SER A 85 -15.50 5.02 -19.51
N GLY A 86 -15.01 4.96 -18.28
CA GLY A 86 -15.43 3.91 -17.36
C GLY A 86 -14.52 3.80 -16.15
N GLU A 87 -14.54 2.64 -15.50
CA GLU A 87 -13.71 2.43 -14.31
C GLU A 87 -13.51 0.93 -14.06
N ALA A 88 -12.33 0.58 -13.59
CA ALA A 88 -12.00 -0.81 -13.30
C ALA A 88 -11.17 -0.93 -12.03
N THR A 89 -11.01 -2.17 -11.56
CA THR A 89 -10.25 -2.42 -10.34
C THR A 89 -9.51 -3.76 -10.42
N TRP A 90 -8.46 -3.90 -9.62
CA TRP A 90 -7.67 -5.13 -9.60
C TRP A 90 -7.70 -5.77 -8.21
N SER A 91 -7.39 -7.06 -8.16
CA SER A 91 -7.38 -7.78 -6.90
C SER A 91 -5.95 -7.96 -6.38
N ALA A 92 -5.77 -7.80 -5.08
CA ALA A 92 -4.46 -7.94 -4.46
C ALA A 92 -4.57 -8.01 -2.94
N TYR A 93 -3.62 -8.69 -2.31
CA TYR A 93 -3.61 -8.84 -0.86
C TYR A 93 -2.19 -8.86 -0.33
N ILE A 94 -2.01 -8.35 0.89
CA ILE A 94 -0.69 -8.31 1.53
C ILE A 94 -0.76 -8.84 2.95
N GLU A 95 0.07 -9.84 3.25
CA GLU A 95 0.11 -10.42 4.59
C GLU A 95 1.38 -10.00 5.32
N VAL A 96 1.24 -9.70 6.61
CA VAL A 96 2.37 -9.29 7.43
C VAL A 96 2.62 -10.28 8.55
N GLN A 97 3.67 -11.09 8.39
CA GLN A 97 4.02 -12.09 9.40
C GLN A 97 5.19 -11.61 10.25
N GLU A 98 5.18 -12.01 11.53
CA GLU A 98 6.24 -11.62 12.45
C GLU A 98 7.38 -12.64 12.43
N PHE A 99 8.59 -12.16 12.69
CA PHE A 99 9.76 -13.03 12.71
C PHE A 99 10.78 -12.54 13.74
N GLY A 100 11.81 -13.37 13.97
CA GLY A 100 12.83 -13.01 14.93
C GLY A 100 12.27 -12.70 16.31
N VAL A 101 11.52 -13.65 16.86
CA VAL A 101 10.92 -13.48 18.18
C VAL A 101 11.96 -13.05 19.20
N PRO A 102 11.68 -11.94 19.92
CA PRO A 102 12.58 -11.42 20.94
C PRO A 102 12.65 -12.31 22.18
N VAL A 103 13.87 -12.57 22.64
CA VAL A 103 14.07 -13.41 23.81
C VAL A 103 14.51 -12.58 25.02
N GLN A 104 13.92 -12.86 26.17
CA GLN A 104 14.26 -12.14 27.39
C GLN A 104 15.25 -12.94 28.25
N PRO A 105 16.33 -12.28 28.70
CA PRO A 105 17.36 -12.91 29.52
C PRO A 105 16.85 -13.23 30.92
N PRO A 106 17.60 -14.10 31.63
CA PRO A 106 17.25 -14.51 32.99
C PRO A 106 17.42 -13.38 34.01
N ARG A 107 17.26 -13.70 35.28
CA ARG A 107 17.41 -12.71 36.35
C ARG A 107 18.69 -11.90 36.17
N PRO A 108 18.58 -10.57 36.28
CA PRO A 108 19.71 -9.66 36.14
C PRO A 108 20.68 -9.77 37.32
N THR A 109 21.95 -10.02 37.01
CA THR A 109 22.98 -10.15 38.03
C THR A 109 24.23 -9.36 37.66
N ASP A 110 24.93 -8.86 38.67
CA ASP A 110 26.14 -8.08 38.45
C ASP A 110 27.38 -8.95 38.63
N PRO A 111 28.49 -8.52 38.02
CA PRO A 111 29.77 -9.25 38.08
C PRO A 111 30.39 -9.19 39.48
N ASN A 112 29.57 -8.86 40.47
CA ASN A 112 30.05 -8.76 41.84
C ASN A 112 30.87 -7.50 42.06
N LEU A 113 30.54 -6.46 41.30
CA LEU A 113 31.24 -5.19 41.40
C LEU A 113 30.48 -4.22 42.31
N ILE A 114 31.21 -3.58 43.22
CA ILE A 114 30.61 -2.63 44.15
C ILE A 114 29.53 -1.80 43.46
N PRO A 115 28.46 -1.51 44.20
CA PRO A 115 27.32 -0.73 43.68
C PRO A 115 27.70 0.74 43.46
N SER A 116 26.80 1.48 42.82
CA SER A 116 27.03 2.89 42.54
C SER A 116 27.06 3.70 43.84
N ALA A 117 28.21 4.31 44.12
CA ALA A 117 28.37 5.12 45.33
C ALA A 117 29.61 6.00 45.24
N PRO A 118 29.73 6.95 46.16
CA PRO A 118 30.87 7.88 46.22
C PRO A 118 32.15 7.18 46.63
N GLY A 1 -0.86 -3.39 -35.96
CA GLY A 1 -2.16 -2.92 -36.41
C GLY A 1 -2.61 -1.68 -35.67
N SER A 2 -3.90 -1.64 -35.31
CA SER A 2 -4.46 -0.50 -34.60
C SER A 2 -3.67 -0.22 -33.32
N SER A 3 -3.59 1.05 -32.96
CA SER A 3 -2.86 1.46 -31.75
C SER A 3 -3.72 2.37 -30.88
N GLY A 4 -4.45 1.77 -29.94
CA GLY A 4 -5.31 2.54 -29.06
C GLY A 4 -6.14 1.66 -28.15
N SER A 5 -6.70 2.26 -27.11
CA SER A 5 -7.52 1.53 -26.15
C SER A 5 -9.01 1.58 -26.54
N SER A 6 -9.76 0.59 -26.10
CA SER A 6 -11.18 0.52 -26.40
C SER A 6 -11.99 0.21 -25.16
N GLY A 7 -12.86 1.14 -24.76
CA GLY A 7 -13.68 0.94 -23.58
C GLY A 7 -13.03 1.48 -22.32
N PRO A 8 -13.40 0.89 -21.17
CA PRO A 8 -12.86 1.31 -19.87
C PRO A 8 -11.39 0.93 -19.71
N PRO A 9 -10.76 1.44 -18.64
CA PRO A 9 -9.35 1.16 -18.35
C PRO A 9 -9.12 -0.28 -17.90
N VAL A 10 -8.21 -0.96 -18.59
CA VAL A 10 -7.90 -2.36 -18.27
C VAL A 10 -6.51 -2.47 -17.62
N ILE A 11 -6.48 -2.98 -16.40
CA ILE A 11 -5.22 -3.15 -15.68
C ILE A 11 -4.48 -4.40 -16.14
N ARG A 12 -3.43 -4.20 -16.93
CA ARG A 12 -2.63 -5.30 -17.43
C ARG A 12 -1.76 -5.91 -16.34
N GLN A 13 -0.90 -5.09 -15.76
CA GLN A 13 -0.02 -5.55 -14.69
C GLN A 13 -0.41 -4.92 -13.35
N GLY A 14 -0.92 -5.76 -12.45
CA GLY A 14 -1.33 -5.27 -11.14
C GLY A 14 -0.57 -5.93 -10.01
N PRO A 15 -1.00 -5.67 -8.77
CA PRO A 15 -0.38 -6.24 -7.58
C PRO A 15 -0.62 -7.75 -7.45
N VAL A 16 0.16 -8.40 -6.60
CA VAL A 16 0.03 -9.84 -6.40
C VAL A 16 0.03 -10.18 -4.91
N ASN A 17 -0.67 -11.25 -4.55
CA ASN A 17 -0.74 -11.68 -3.16
C ASN A 17 0.60 -12.23 -2.70
N GLN A 18 1.40 -11.39 -2.06
CA GLN A 18 2.71 -11.80 -1.56
C GLN A 18 2.80 -11.60 -0.06
N THR A 19 3.57 -12.46 0.61
CA THR A 19 3.75 -12.38 2.05
C THR A 19 5.03 -11.64 2.41
N VAL A 20 4.89 -10.55 3.15
CA VAL A 20 6.04 -9.75 3.56
C VAL A 20 6.24 -9.82 5.06
N ALA A 21 7.51 -9.79 5.49
CA ALA A 21 7.83 -9.84 6.91
C ALA A 21 7.44 -8.55 7.61
N VAL A 22 7.29 -8.62 8.93
CA VAL A 22 6.91 -7.45 9.73
C VAL A 22 7.86 -6.28 9.45
N ASP A 23 7.35 -5.07 9.63
CA ASP A 23 8.15 -3.86 9.40
C ASP A 23 9.03 -4.01 8.17
N GLY A 24 8.55 -4.78 7.19
CA GLY A 24 9.30 -5.00 5.97
C GLY A 24 9.05 -3.92 4.95
N THR A 25 8.80 -4.32 3.71
CA THR A 25 8.55 -3.37 2.62
C THR A 25 7.84 -4.04 1.46
N PHE A 26 6.63 -3.60 1.17
CA PHE A 26 5.84 -4.16 0.07
C PHE A 26 5.44 -3.07 -0.92
N VAL A 27 5.74 -3.30 -2.20
CA VAL A 27 5.42 -2.35 -3.24
C VAL A 27 4.36 -2.91 -4.18
N LEU A 28 3.26 -2.18 -4.34
CA LEU A 28 2.17 -2.61 -5.22
C LEU A 28 2.10 -1.74 -6.47
N SER A 29 2.37 -2.34 -7.62
CA SER A 29 2.34 -1.62 -8.88
C SER A 29 1.07 -1.94 -9.67
N CYS A 30 0.35 -0.89 -10.04
CA CYS A 30 -0.89 -1.05 -10.80
C CYS A 30 -0.91 -0.16 -12.03
N VAL A 31 -0.97 -0.77 -13.21
CA VAL A 31 -0.99 -0.03 -14.45
C VAL A 31 -2.26 -0.33 -15.26
N ALA A 32 -2.94 0.74 -15.67
CA ALA A 32 -4.17 0.59 -16.44
C ALA A 32 -4.14 1.47 -17.69
N THR A 33 -4.73 0.96 -18.77
CA THR A 33 -4.78 1.70 -20.02
C THR A 33 -5.89 2.75 -20.01
N GLY A 34 -5.79 3.71 -20.92
CA GLY A 34 -6.80 4.76 -21.00
C GLY A 34 -6.18 6.14 -21.20
N SER A 35 -6.97 7.04 -21.77
CA SER A 35 -6.50 8.40 -22.03
C SER A 35 -7.58 9.43 -21.69
N PRO A 36 -7.25 10.38 -20.81
CA PRO A 36 -5.92 10.44 -20.18
C PRO A 36 -5.69 9.30 -19.20
N VAL A 37 -4.44 9.16 -18.76
CA VAL A 37 -4.08 8.11 -17.81
C VAL A 37 -5.03 8.09 -16.62
N PRO A 38 -5.53 6.89 -16.28
CA PRO A 38 -6.45 6.72 -15.15
C PRO A 38 -5.78 6.94 -13.81
N THR A 39 -6.54 7.45 -12.84
CA THR A 39 -6.01 7.71 -11.50
C THR A 39 -5.99 6.43 -10.66
N ILE A 40 -4.79 6.05 -10.24
CA ILE A 40 -4.62 4.84 -9.43
C ILE A 40 -4.72 5.17 -7.95
N LEU A 41 -5.76 4.65 -7.30
CA LEU A 41 -5.97 4.89 -5.87
C LEU A 41 -5.71 3.62 -5.07
N TRP A 42 -5.84 3.72 -3.75
CA TRP A 42 -5.62 2.57 -2.88
C TRP A 42 -6.57 2.62 -1.68
N ARG A 43 -7.01 1.45 -1.23
CA ARG A 43 -7.93 1.35 -0.10
C ARG A 43 -7.50 0.25 0.85
N LYS A 44 -7.43 0.57 2.14
CA LYS A 44 -7.04 -0.41 3.15
C LYS A 44 -8.26 -0.96 3.88
N ASP A 45 -8.75 -2.10 3.41
CA ASP A 45 -9.92 -2.73 4.02
C ASP A 45 -11.06 -1.74 4.18
N GLY A 46 -11.14 -0.78 3.26
CA GLY A 46 -12.18 0.22 3.31
C GLY A 46 -11.65 1.60 3.68
N VAL A 47 -10.55 1.62 4.43
CA VAL A 47 -9.94 2.88 4.84
C VAL A 47 -9.11 3.49 3.71
N LEU A 48 -9.58 4.61 3.18
CA LEU A 48 -8.86 5.29 2.10
C LEU A 48 -7.39 5.45 2.44
N VAL A 49 -6.53 4.76 1.69
CA VAL A 49 -5.09 4.83 1.92
C VAL A 49 -4.68 6.23 2.33
N SER A 50 -3.59 6.32 3.11
CA SER A 50 -3.09 7.60 3.58
C SER A 50 -1.62 7.78 3.20
N THR A 51 -1.11 8.99 3.40
CA THR A 51 0.28 9.30 3.08
C THR A 51 0.99 9.93 4.28
N GLN A 52 0.21 10.53 5.16
CA GLN A 52 0.78 11.17 6.35
C GLN A 52 1.46 10.15 7.25
N ASP A 53 1.05 8.89 7.12
CA ASP A 53 1.63 7.82 7.93
C ASP A 53 3.16 7.87 7.88
N SER A 54 3.69 8.55 6.88
CA SER A 54 5.14 8.67 6.73
C SER A 54 5.74 7.37 6.22
N ARG A 55 4.93 6.57 5.54
CA ARG A 55 5.37 5.29 5.00
C ARG A 55 4.92 5.13 3.55
N ILE A 56 3.71 5.57 3.26
CA ILE A 56 3.17 5.47 1.91
C ILE A 56 3.59 6.65 1.05
N LYS A 57 4.12 6.36 -0.13
CA LYS A 57 4.57 7.41 -1.04
C LYS A 57 4.42 6.95 -2.49
N GLN A 58 4.00 7.88 -3.36
CA GLN A 58 3.82 7.57 -4.77
C GLN A 58 5.08 7.93 -5.57
N LEU A 59 5.75 6.92 -6.09
CA LEU A 59 6.97 7.13 -6.88
C LEU A 59 6.68 8.01 -8.08
N GLU A 60 5.94 7.49 -9.04
CA GLU A 60 5.60 8.23 -10.25
C GLU A 60 4.09 8.23 -10.49
N ASN A 61 3.50 7.04 -10.45
CA ASN A 61 2.06 6.89 -10.66
C ASN A 61 1.63 5.44 -10.46
N GLY A 62 0.74 5.23 -9.50
CA GLY A 62 0.26 3.89 -9.23
C GLY A 62 1.21 3.09 -8.35
N VAL A 63 2.50 3.41 -8.44
CA VAL A 63 3.52 2.72 -7.66
C VAL A 63 3.49 3.18 -6.20
N LEU A 64 2.98 2.32 -5.33
CA LEU A 64 2.89 2.65 -3.91
C LEU A 64 3.87 1.79 -3.10
N GLN A 65 4.96 2.39 -2.66
CA GLN A 65 5.96 1.69 -1.87
C GLN A 65 5.78 1.95 -0.39
N ILE A 66 5.20 0.98 0.31
CA ILE A 66 4.97 1.10 1.75
C ILE A 66 6.12 0.49 2.55
N ARG A 67 6.61 1.25 3.52
CA ARG A 67 7.71 0.78 4.36
C ARG A 67 7.23 0.51 5.79
N TYR A 68 7.96 -0.35 6.49
CA TYR A 68 7.60 -0.70 7.86
C TYR A 68 6.26 -1.42 7.91
N ALA A 69 6.09 -2.42 7.06
CA ALA A 69 4.85 -3.18 7.00
C ALA A 69 4.59 -3.89 8.33
N LYS A 70 3.76 -3.27 9.16
CA LYS A 70 3.41 -3.83 10.47
C LYS A 70 2.42 -4.99 10.31
N LEU A 71 2.12 -5.65 11.43
CA LEU A 71 1.20 -6.77 11.42
C LEU A 71 -0.21 -6.32 11.01
N GLY A 72 -0.68 -5.25 11.64
CA GLY A 72 -2.01 -4.74 11.32
C GLY A 72 -2.19 -4.46 9.84
N ASP A 73 -1.14 -3.94 9.20
CA ASP A 73 -1.19 -3.63 7.78
C ASP A 73 -1.96 -4.70 7.02
N THR A 74 -1.71 -5.96 7.38
CA THR A 74 -2.38 -7.08 6.72
C THR A 74 -3.79 -6.71 6.29
N GLY A 75 -3.95 -6.34 5.03
CA GLY A 75 -5.25 -5.96 4.52
C GLY A 75 -5.37 -6.17 3.02
N ARG A 76 -6.59 -6.07 2.50
CA ARG A 76 -6.83 -6.24 1.08
C ARG A 76 -6.62 -4.94 0.32
N TYR A 77 -5.54 -4.89 -0.46
CA TYR A 77 -5.21 -3.69 -1.23
C TYR A 77 -5.84 -3.76 -2.62
N THR A 78 -6.66 -2.76 -2.93
CA THR A 78 -7.33 -2.71 -4.23
C THR A 78 -6.98 -1.43 -4.98
N CYS A 79 -6.59 -1.57 -6.23
CA CYS A 79 -6.22 -0.43 -7.06
C CYS A 79 -7.39 0.04 -7.90
N ILE A 80 -7.84 1.27 -7.65
CA ILE A 80 -8.97 1.84 -8.39
C ILE A 80 -8.48 2.71 -9.54
N ALA A 81 -9.21 2.67 -10.66
CA ALA A 81 -8.86 3.46 -11.83
C ALA A 81 -10.08 4.19 -12.38
N SER A 82 -10.10 5.51 -12.19
CA SER A 82 -11.21 6.32 -12.67
C SER A 82 -10.85 7.04 -13.97
N THR A 83 -11.74 6.95 -14.96
CA THR A 83 -11.50 7.58 -16.25
C THR A 83 -12.81 8.09 -16.86
N PRO A 84 -12.69 9.02 -17.81
CA PRO A 84 -13.85 9.61 -18.49
C PRO A 84 -14.56 8.61 -19.40
N SER A 85 -14.07 7.37 -19.40
CA SER A 85 -14.66 6.33 -20.23
C SER A 85 -15.25 5.21 -19.37
N GLY A 86 -14.67 5.01 -18.19
CA GLY A 86 -15.15 3.98 -17.29
C GLY A 86 -14.31 3.88 -16.03
N GLU A 87 -14.40 2.74 -15.35
CA GLU A 87 -13.67 2.52 -14.12
C GLU A 87 -13.53 1.03 -13.82
N ALA A 88 -12.32 0.60 -13.46
CA ALA A 88 -12.06 -0.79 -13.14
C ALA A 88 -11.29 -0.92 -11.84
N THR A 89 -11.17 -2.16 -11.35
CA THR A 89 -10.47 -2.42 -10.10
C THR A 89 -9.74 -3.76 -10.15
N TRP A 90 -8.68 -3.88 -9.37
CA TRP A 90 -7.89 -5.11 -9.32
C TRP A 90 -8.09 -5.84 -8.00
N SER A 91 -7.78 -7.13 -7.97
CA SER A 91 -7.94 -7.94 -6.77
C SER A 91 -6.58 -8.39 -6.25
N ALA A 92 -6.25 -7.98 -5.04
CA ALA A 92 -4.98 -8.35 -4.42
C ALA A 92 -5.05 -8.26 -2.90
N TYR A 93 -4.21 -9.03 -2.22
CA TYR A 93 -4.18 -9.05 -0.77
C TYR A 93 -2.77 -9.23 -0.24
N ILE A 94 -2.36 -8.37 0.68
CA ILE A 94 -1.02 -8.44 1.26
C ILE A 94 -1.08 -8.96 2.70
N GLU A 95 -0.10 -9.78 3.05
CA GLU A 95 -0.04 -10.33 4.40
C GLU A 95 1.30 -9.99 5.07
N VAL A 96 1.24 -9.73 6.37
CA VAL A 96 2.44 -9.39 7.12
C VAL A 96 2.80 -10.49 8.12
N GLN A 97 3.93 -11.13 7.90
CA GLN A 97 4.38 -12.21 8.79
C GLN A 97 5.52 -11.73 9.68
N GLU A 98 5.60 -12.31 10.88
CA GLU A 98 6.65 -11.94 11.84
C GLU A 98 8.03 -12.34 11.31
N PHE A 99 9.07 -11.87 11.99
CA PHE A 99 10.44 -12.18 11.59
C PHE A 99 10.87 -13.53 12.16
N GLY A 100 9.91 -14.42 12.36
CA GLY A 100 10.22 -15.74 12.90
C GLY A 100 10.45 -15.71 14.39
N VAL A 101 11.34 -14.83 14.84
CA VAL A 101 11.65 -14.70 16.25
C VAL A 101 10.39 -14.69 17.10
N PRO A 102 10.39 -15.45 18.20
CA PRO A 102 9.25 -15.54 19.12
C PRO A 102 9.03 -14.25 19.90
N VAL A 103 7.77 -13.90 20.10
CA VAL A 103 7.41 -12.69 20.82
C VAL A 103 7.93 -12.73 22.25
N GLN A 104 8.76 -11.75 22.61
CA GLN A 104 9.32 -11.68 23.95
C GLN A 104 8.59 -10.66 24.81
N PRO A 105 8.56 -10.89 26.13
CA PRO A 105 7.89 -9.99 27.07
C PRO A 105 8.62 -8.66 27.22
N PRO A 106 7.93 -7.57 26.86
CA PRO A 106 8.48 -6.22 26.94
C PRO A 106 8.65 -5.75 28.38
N ARG A 107 9.11 -4.51 28.55
CA ARG A 107 9.32 -3.95 29.87
C ARG A 107 8.00 -3.87 30.64
N PRO A 108 8.07 -4.17 31.95
CA PRO A 108 6.88 -4.15 32.83
C PRO A 108 6.39 -2.72 33.08
N THR A 109 5.42 -2.30 32.27
CA THR A 109 4.84 -0.96 32.40
C THR A 109 4.69 -0.58 33.87
N ASP A 110 5.58 0.28 34.35
CA ASP A 110 5.54 0.73 35.73
C ASP A 110 4.12 1.10 36.14
N PRO A 111 3.70 0.62 37.31
CA PRO A 111 2.35 0.88 37.85
C PRO A 111 2.18 2.33 38.28
N ASN A 112 3.18 3.15 37.99
CA ASN A 112 3.13 4.57 38.33
C ASN A 112 3.35 4.76 39.83
N LEU A 113 4.12 3.86 40.43
CA LEU A 113 4.42 3.94 41.86
C LEU A 113 5.28 5.15 42.17
N ILE A 114 5.69 5.27 43.42
CA ILE A 114 6.53 6.38 43.85
C ILE A 114 7.98 5.95 44.08
N PRO A 115 8.80 6.08 43.03
CA PRO A 115 10.21 5.70 43.08
C PRO A 115 11.03 6.64 43.97
N SER A 116 10.36 7.64 44.53
CA SER A 116 11.03 8.61 45.40
C SER A 116 10.01 9.43 46.17
N ALA A 117 9.87 9.13 47.46
CA ALA A 117 8.93 9.85 48.31
C ALA A 117 9.44 11.25 48.63
N PRO A 118 8.49 12.20 48.77
CA PRO A 118 8.82 13.60 49.08
C PRO A 118 9.35 13.77 50.50
N GLY A 1 -4.86 11.66 -34.53
CA GLY A 1 -3.57 11.76 -33.89
C GLY A 1 -3.03 10.41 -33.44
N SER A 2 -3.31 10.06 -32.19
CA SER A 2 -2.83 8.79 -31.65
C SER A 2 -3.87 8.19 -30.70
N SER A 3 -4.39 7.02 -31.07
CA SER A 3 -5.40 6.33 -30.27
C SER A 3 -5.03 4.87 -30.06
N GLY A 4 -5.56 4.27 -29.00
CA GLY A 4 -5.28 2.88 -28.71
C GLY A 4 -6.53 2.02 -28.72
N SER A 5 -6.96 1.60 -27.54
CA SER A 5 -8.14 0.75 -27.42
C SER A 5 -9.33 1.57 -26.93
N SER A 6 -10.24 1.89 -27.84
CA SER A 6 -11.43 2.67 -27.51
C SER A 6 -12.34 1.89 -26.56
N GLY A 7 -12.13 2.11 -25.26
CA GLY A 7 -12.94 1.42 -24.26
C GLY A 7 -12.60 1.85 -22.84
N PRO A 8 -13.21 1.17 -21.86
CA PRO A 8 -12.98 1.47 -20.45
C PRO A 8 -11.58 1.07 -19.99
N PRO A 9 -11.19 1.53 -18.78
CA PRO A 9 -9.88 1.22 -18.21
C PRO A 9 -9.75 -0.24 -17.81
N VAL A 10 -8.61 -0.84 -18.14
CA VAL A 10 -8.36 -2.24 -17.82
C VAL A 10 -6.97 -2.41 -17.20
N ILE A 11 -6.92 -3.08 -16.06
CA ILE A 11 -5.65 -3.33 -15.37
C ILE A 11 -4.94 -4.54 -15.95
N ARG A 12 -3.96 -4.29 -16.81
CA ARG A 12 -3.19 -5.37 -17.43
C ARG A 12 -2.43 -6.16 -16.38
N GLN A 13 -1.68 -5.46 -15.54
CA GLN A 13 -0.89 -6.09 -14.50
C GLN A 13 -1.59 -6.00 -13.15
N GLY A 14 -1.56 -4.82 -12.55
CA GLY A 14 -2.20 -4.61 -11.26
C GLY A 14 -1.39 -5.20 -10.11
N PRO A 15 -1.78 -4.85 -8.88
CA PRO A 15 -1.10 -5.32 -7.67
C PRO A 15 -1.32 -6.81 -7.44
N VAL A 16 -0.23 -7.53 -7.16
CA VAL A 16 -0.30 -8.96 -6.92
C VAL A 16 -0.12 -9.28 -5.43
N ASN A 17 -0.82 -10.31 -4.97
CA ASN A 17 -0.75 -10.70 -3.56
C ASN A 17 0.63 -11.26 -3.23
N GLN A 18 1.32 -10.60 -2.31
CA GLN A 18 2.65 -11.04 -1.90
C GLN A 18 2.78 -11.04 -0.38
N THR A 19 3.62 -11.92 0.14
CA THR A 19 3.83 -12.03 1.58
C THR A 19 5.12 -11.33 2.00
N VAL A 20 5.05 -10.57 3.09
CA VAL A 20 6.21 -9.85 3.60
C VAL A 20 6.29 -9.94 5.11
N ALA A 21 7.52 -9.90 5.64
CA ALA A 21 7.72 -9.97 7.09
C ALA A 21 7.50 -8.61 7.74
N VAL A 22 7.28 -8.63 9.05
CA VAL A 22 7.04 -7.39 9.80
C VAL A 22 8.08 -6.33 9.45
N ASP A 23 7.70 -5.07 9.60
CA ASP A 23 8.60 -3.97 9.31
C ASP A 23 9.43 -4.25 8.06
N GLY A 24 8.85 -4.99 7.12
CA GLY A 24 9.54 -5.32 5.90
C GLY A 24 9.41 -4.25 4.84
N THR A 25 9.13 -4.66 3.60
CA THR A 25 8.98 -3.71 2.50
C THR A 25 8.17 -4.33 1.37
N PHE A 26 7.01 -3.74 1.08
CA PHE A 26 6.14 -4.23 0.02
C PHE A 26 5.61 -3.08 -0.82
N VAL A 27 5.79 -3.18 -2.13
CA VAL A 27 5.33 -2.13 -3.05
C VAL A 27 4.24 -2.67 -3.97
N LEU A 28 3.24 -1.83 -4.25
CA LEU A 28 2.14 -2.21 -5.12
C LEU A 28 2.05 -1.28 -6.32
N SER A 29 2.12 -1.86 -7.52
CA SER A 29 2.05 -1.10 -8.75
C SER A 29 0.85 -1.53 -9.59
N CYS A 30 -0.01 -0.57 -9.92
CA CYS A 30 -1.19 -0.84 -10.72
C CYS A 30 -1.14 -0.11 -12.06
N VAL A 31 -1.18 -0.86 -13.14
CA VAL A 31 -1.14 -0.28 -14.48
C VAL A 31 -2.42 -0.57 -15.25
N ALA A 32 -3.04 0.49 -15.76
CA ALA A 32 -4.28 0.36 -16.51
C ALA A 32 -4.25 1.23 -17.78
N THR A 33 -5.04 0.84 -18.77
CA THR A 33 -5.11 1.58 -20.02
C THR A 33 -6.20 2.64 -19.98
N GLY A 34 -6.24 3.48 -21.01
CA GLY A 34 -7.24 4.54 -21.06
C GLY A 34 -6.63 5.89 -21.39
N SER A 35 -7.36 6.70 -22.14
CA SER A 35 -6.90 8.03 -22.52
C SER A 35 -7.91 9.10 -22.14
N PRO A 36 -7.48 10.09 -21.37
CA PRO A 36 -6.08 10.17 -20.89
C PRO A 36 -5.77 9.09 -19.86
N VAL A 37 -4.51 9.03 -19.43
CA VAL A 37 -4.08 8.05 -18.45
C VAL A 37 -5.02 8.03 -17.25
N PRO A 38 -5.47 6.83 -16.88
CA PRO A 38 -6.37 6.63 -15.74
C PRO A 38 -5.69 6.90 -14.40
N THR A 39 -6.45 7.43 -13.45
CA THR A 39 -5.93 7.73 -12.13
C THR A 39 -5.90 6.49 -11.26
N ILE A 40 -4.72 6.14 -10.76
CA ILE A 40 -4.56 4.96 -9.91
C ILE A 40 -4.71 5.33 -8.43
N LEU A 41 -5.62 4.66 -7.75
CA LEU A 41 -5.86 4.92 -6.34
C LEU A 41 -5.60 3.67 -5.51
N TRP A 42 -5.84 3.77 -4.20
CA TRP A 42 -5.63 2.65 -3.29
C TRP A 42 -6.68 2.64 -2.19
N ARG A 43 -6.93 1.47 -1.62
CA ARG A 43 -7.90 1.34 -0.54
C ARG A 43 -7.55 0.15 0.36
N LYS A 44 -7.49 0.42 1.67
CA LYS A 44 -7.17 -0.63 2.64
C LYS A 44 -8.44 -1.21 3.24
N ASP A 45 -8.91 -2.31 2.67
CA ASP A 45 -10.11 -2.98 3.15
C ASP A 45 -11.26 -1.98 3.32
N GLY A 46 -11.27 -0.96 2.46
CA GLY A 46 -12.31 0.05 2.53
C GLY A 46 -11.79 1.38 3.02
N VAL A 47 -10.72 1.36 3.81
CA VAL A 47 -10.14 2.57 4.34
C VAL A 47 -9.24 3.25 3.30
N LEU A 48 -9.71 4.35 2.75
CA LEU A 48 -8.95 5.10 1.74
C LEU A 48 -7.52 5.34 2.21
N VAL A 49 -6.56 4.79 1.47
CA VAL A 49 -5.16 4.95 1.81
C VAL A 49 -4.85 6.37 2.27
N SER A 50 -4.07 6.48 3.35
CA SER A 50 -3.72 7.79 3.89
C SER A 50 -2.24 8.08 3.68
N THR A 51 -1.95 9.01 2.77
CA THR A 51 -0.58 9.38 2.47
C THR A 51 -0.03 10.35 3.51
N GLN A 52 -0.31 10.08 4.78
CA GLN A 52 0.16 10.93 5.87
C GLN A 52 1.32 10.28 6.62
N ASP A 53 1.25 8.96 6.79
CA ASP A 53 2.29 8.23 7.48
C ASP A 53 3.45 7.92 6.55
N SER A 54 4.61 8.48 6.86
CA SER A 54 5.80 8.28 6.05
C SER A 54 5.84 6.87 5.48
N ARG A 55 5.43 5.90 6.30
CA ARG A 55 5.42 4.50 5.88
C ARG A 55 5.00 4.38 4.42
N ILE A 56 3.91 5.05 4.06
CA ILE A 56 3.40 5.00 2.69
C ILE A 56 3.95 6.17 1.88
N LYS A 57 4.41 5.86 0.67
CA LYS A 57 4.96 6.87 -0.22
C LYS A 57 4.69 6.54 -1.69
N GLN A 58 4.19 7.51 -2.44
CA GLN A 58 3.89 7.31 -3.85
C GLN A 58 5.08 7.68 -4.71
N LEU A 59 5.84 6.67 -5.13
CA LEU A 59 7.02 6.90 -5.97
C LEU A 59 6.61 7.47 -7.32
N GLU A 60 5.79 6.73 -8.07
CA GLU A 60 5.33 7.17 -9.37
C GLU A 60 3.84 6.91 -9.54
N ASN A 61 3.29 7.32 -10.68
CA ASN A 61 1.88 7.12 -10.98
C ASN A 61 1.48 5.66 -10.79
N GLY A 62 0.58 5.41 -9.84
CA GLY A 62 0.14 4.05 -9.58
C GLY A 62 1.09 3.28 -8.69
N VAL A 63 2.37 3.63 -8.76
CA VAL A 63 3.39 2.96 -7.95
C VAL A 63 3.38 3.49 -6.52
N LEU A 64 2.98 2.65 -5.59
CA LEU A 64 2.93 3.02 -4.17
C LEU A 64 3.66 2.01 -3.31
N GLN A 65 4.67 2.48 -2.58
CA GLN A 65 5.45 1.61 -1.70
C GLN A 65 5.12 1.88 -0.24
N ILE A 66 5.15 0.82 0.57
CA ILE A 66 4.86 0.93 1.99
C ILE A 66 5.94 0.28 2.83
N ARG A 67 6.78 1.10 3.46
CA ARG A 67 7.86 0.59 4.30
C ARG A 67 7.37 0.37 5.74
N TYR A 68 8.14 -0.40 6.50
CA TYR A 68 7.79 -0.69 7.88
C TYR A 68 6.45 -1.40 7.97
N ALA A 69 6.24 -2.37 7.09
CA ALA A 69 4.99 -3.13 7.06
C ALA A 69 4.71 -3.74 8.43
N LYS A 70 3.81 -3.11 9.18
CA LYS A 70 3.45 -3.60 10.51
C LYS A 70 2.40 -4.70 10.41
N LEU A 71 2.09 -5.31 11.54
CA LEU A 71 1.10 -6.39 11.59
C LEU A 71 -0.29 -5.86 11.24
N GLY A 72 -0.68 -4.76 11.88
CA GLY A 72 -1.99 -4.17 11.63
C GLY A 72 -2.20 -3.87 10.16
N ASP A 73 -1.13 -3.49 9.46
CA ASP A 73 -1.21 -3.18 8.04
C ASP A 73 -1.91 -4.29 7.28
N THR A 74 -1.66 -5.53 7.68
CA THR A 74 -2.27 -6.68 7.03
C THR A 74 -3.70 -6.38 6.60
N GLY A 75 -3.93 -6.38 5.29
CA GLY A 75 -5.26 -6.11 4.78
C GLY A 75 -5.39 -6.44 3.30
N ARG A 76 -6.43 -5.91 2.67
CA ARG A 76 -6.67 -6.16 1.25
C ARG A 76 -6.53 -4.87 0.44
N TYR A 77 -5.44 -4.75 -0.29
CA TYR A 77 -5.19 -3.56 -1.11
C TYR A 77 -5.84 -3.70 -2.48
N THR A 78 -6.73 -2.77 -2.80
CA THR A 78 -7.43 -2.79 -4.09
C THR A 78 -7.10 -1.54 -4.91
N CYS A 79 -6.85 -1.73 -6.19
CA CYS A 79 -6.52 -0.63 -7.09
C CYS A 79 -7.77 -0.12 -7.80
N ILE A 80 -7.81 1.18 -8.07
CA ILE A 80 -8.95 1.80 -8.75
C ILE A 80 -8.48 2.71 -9.87
N ALA A 81 -9.18 2.65 -11.00
CA ALA A 81 -8.84 3.47 -12.16
C ALA A 81 -10.07 4.22 -12.67
N SER A 82 -10.07 5.54 -12.51
CA SER A 82 -11.18 6.36 -12.95
C SER A 82 -10.85 7.07 -14.27
N THR A 83 -11.74 6.94 -15.25
CA THR A 83 -11.55 7.56 -16.55
C THR A 83 -12.87 8.02 -17.15
N PRO A 84 -12.79 8.96 -18.11
CA PRO A 84 -13.97 9.50 -18.78
C PRO A 84 -14.64 8.48 -19.69
N SER A 85 -14.14 7.25 -19.67
CA SER A 85 -14.69 6.19 -20.49
C SER A 85 -15.26 5.06 -19.63
N GLY A 86 -14.66 4.89 -18.44
CA GLY A 86 -15.12 3.84 -17.54
C GLY A 86 -14.29 3.78 -16.27
N GLU A 87 -14.38 2.65 -15.57
CA GLU A 87 -13.63 2.46 -14.33
C GLU A 87 -13.51 0.98 -13.99
N ALA A 88 -12.32 0.57 -13.56
CA ALA A 88 -12.08 -0.82 -13.19
C ALA A 88 -11.27 -0.92 -11.91
N THR A 89 -11.16 -2.13 -11.38
CA THR A 89 -10.41 -2.35 -10.13
C THR A 89 -9.71 -3.71 -10.16
N TRP A 90 -8.83 -3.92 -9.19
CA TRP A 90 -8.09 -5.18 -9.10
C TRP A 90 -8.17 -5.75 -7.69
N SER A 91 -7.92 -7.05 -7.56
CA SER A 91 -7.96 -7.71 -6.26
C SER A 91 -6.55 -8.08 -5.79
N ALA A 92 -6.16 -7.57 -4.64
CA ALA A 92 -4.84 -7.84 -4.08
C ALA A 92 -4.87 -7.82 -2.56
N TYR A 93 -4.05 -8.66 -1.94
CA TYR A 93 -3.99 -8.74 -0.49
C TYR A 93 -2.56 -8.99 -0.02
N ILE A 94 -2.12 -8.21 0.97
CA ILE A 94 -0.77 -8.35 1.51
C ILE A 94 -0.80 -8.95 2.92
N GLU A 95 0.21 -9.76 3.22
CA GLU A 95 0.29 -10.39 4.53
C GLU A 95 1.57 -9.97 5.26
N VAL A 96 1.43 -9.69 6.56
CA VAL A 96 2.58 -9.27 7.37
C VAL A 96 2.85 -10.27 8.48
N GLN A 97 3.82 -11.15 8.26
CA GLN A 97 4.18 -12.15 9.25
C GLN A 97 5.28 -11.65 10.18
N GLU A 98 5.27 -12.10 11.42
CA GLU A 98 6.26 -11.69 12.40
C GLU A 98 7.44 -12.67 12.42
N PHE A 99 8.64 -12.14 12.63
CA PHE A 99 9.84 -12.96 12.68
C PHE A 99 10.07 -13.52 14.08
N GLY A 100 9.00 -13.59 14.86
CA GLY A 100 9.10 -14.11 16.22
C GLY A 100 9.35 -13.00 17.23
N VAL A 101 10.19 -12.03 16.86
CA VAL A 101 10.51 -10.93 17.75
C VAL A 101 9.31 -10.54 18.60
N PRO A 102 9.52 -10.47 19.93
CA PRO A 102 8.45 -10.11 20.88
C PRO A 102 8.05 -8.65 20.77
N VAL A 103 6.79 -8.36 21.04
CA VAL A 103 6.27 -6.99 20.97
C VAL A 103 7.22 -6.01 21.64
N GLN A 104 7.72 -5.06 20.86
CA GLN A 104 8.65 -4.06 21.38
C GLN A 104 8.35 -2.69 20.79
N PRO A 105 7.96 -1.74 21.67
CA PRO A 105 7.63 -0.38 21.27
C PRO A 105 8.86 0.41 20.82
N PRO A 106 8.63 1.47 20.03
CA PRO A 106 9.72 2.32 19.52
C PRO A 106 10.36 3.16 20.62
N ARG A 107 11.34 3.96 20.24
CA ARG A 107 12.04 4.81 21.19
C ARG A 107 11.06 5.47 22.16
N PRO A 108 11.43 5.50 23.44
CA PRO A 108 10.60 6.09 24.50
C PRO A 108 10.51 7.62 24.38
N THR A 109 9.43 8.18 24.89
CA THR A 109 9.22 9.63 24.85
C THR A 109 9.47 10.26 26.21
N ASP A 110 10.52 11.06 26.29
CA ASP A 110 10.87 11.74 27.54
C ASP A 110 10.33 13.16 27.56
N PRO A 111 9.80 13.59 28.72
CA PRO A 111 9.25 14.93 28.88
C PRO A 111 10.33 16.01 28.88
N ASN A 112 11.36 15.81 29.70
CA ASN A 112 12.46 16.77 29.78
C ASN A 112 13.63 16.32 28.91
N LEU A 113 13.32 15.85 27.71
CA LEU A 113 14.35 15.40 26.77
C LEU A 113 15.36 16.50 26.50
N ILE A 114 16.55 16.11 26.05
CA ILE A 114 17.61 17.06 25.75
C ILE A 114 17.98 17.89 26.98
N PRO A 115 18.32 17.19 28.07
CA PRO A 115 18.70 17.83 29.33
C PRO A 115 20.05 18.54 29.24
N SER A 116 20.01 19.85 29.01
CA SER A 116 21.23 20.65 28.90
C SER A 116 20.90 22.14 28.83
N ALA A 117 21.92 22.98 28.99
CA ALA A 117 21.74 24.41 28.95
C ALA A 117 23.04 25.12 28.54
N PRO A 118 22.90 26.18 27.74
CA PRO A 118 24.05 26.96 27.26
C PRO A 118 24.72 27.76 28.38
#